data_9MBC
#
_entry.id   9MBC
#
_cell.length_a   1.00
_cell.length_b   1.00
_cell.length_c   1.00
_cell.angle_alpha   90.00
_cell.angle_beta   90.00
_cell.angle_gamma   90.00
#
_symmetry.space_group_name_H-M   'P 1'
#
loop_
_entity.id
_entity.type
_entity.pdbx_description
1 polymer 'Metabotropic glutamate receptor 8'
2 non-polymer 2-[(4-bromophenyl)methylsulfanyl]-~{N}-[4-[(2~{S})-butan-2-yl]phenyl]ethanamide
3 non-polymer '4-[(S)-amino(carboxy)methyl]benzene-1,2-dicarboxylic acid'
#
_entity_poly.entity_id   1
_entity_poly.type   'polypeptide(L)'
_entity_poly.pdbx_seq_one_letter_code
;MVCEGKRSASCPCFFLLTAKFYWILTMMQRTHSQEYAHSIRVDGDIILGGLFPVHAKGERGVPCGELKKEKGIHRLEAML
YAIDQINKDPDLLSNITLGVRILDTCSRDTYALEQSLTFVQALIEKDASDVKCANGDPPIFTKPDKISGVIGAAASSVSI
MVANILRLFKIPQISYASTAPELSDNTRYDFFSRVVPPDSYQAQAMVDIVTALGWNYVSTLASEGNYGESGVEAFTQISR
EIGGVCIAQSQKIPREPRPGEFEKIIKRLLETPNARAVIMFANEDDIRRILEAAKKLNQSGHFLWIGSDSWGSKIAPVYQ
QEEIAEGAVTILPKRASIDGFDRYFRSRTLANNRRNVWFAEFWEENFGCKLGSHGKRNSHIKKCTGLERIARDSSYEQEG
KVQFVIDAVYSMAYALHNMHKDLCPGYIGLCPRMSTIDGKELLGYIRAVNFNGSAGTPVTFNENGDAPGRYDIFQYQITN
KSTEYKVIGHWTNQLHLKVEDMQWAHREHTHPASVCSLPCKPGERKKTVKGVPCCWHCERCEGYNYQVDELSCELCPLDQ
RPNMNRTGCQLIPIIKLEWHSPWAVVPVFVAILGIIATTFVIVTFVRYNDTPIVRASGRELSYVLLTGIFLCYSITFLMI
AAPDTIICSFRRVFLGLGMCFSYAALLTKTNRIHRIFEQGKKSVTAPKFISPASQLVITFSLISVQLLGVFVWFVVDPPH
IIIDYGEQRTLDPEKARGVLKCDISDLSLICSLGYSILLMVTCTVYAIKTRGVPETFNEAKPIGFTMYTTCIIWLAFIPI
FFGTAQSAEKMYIQTTTLTVSMSLSASVSLGMLYMPKVYIIIFHPEQNVQKRKRSFKAVVTAATMQSKLIQKGNDRPNGE
VKSELCESLETNTSSTKTTYISYSNHSI
;
_entity_poly.pdbx_strand_id   A,B
#
# COMPACT_ATOMS: atom_id res chain seq x y z
N HIS A 38 -53.85 -21.48 25.47
CA HIS A 38 -52.60 -20.96 24.90
C HIS A 38 -51.90 -22.04 24.06
N SER A 39 -52.68 -22.97 23.53
CA SER A 39 -52.16 -24.05 22.70
C SER A 39 -53.32 -24.66 21.94
N ILE A 40 -53.07 -25.04 20.68
CA ILE A 40 -54.12 -25.55 19.80
C ILE A 40 -54.01 -27.06 19.73
N ARG A 41 -55.11 -27.75 20.03
CA ARG A 41 -55.16 -29.20 20.00
C ARG A 41 -56.33 -29.64 19.12
N VAL A 42 -56.03 -30.44 18.10
CA VAL A 42 -57.06 -31.09 17.29
C VAL A 42 -56.71 -32.57 17.23
N ASP A 43 -57.68 -33.42 17.59
CA ASP A 43 -57.45 -34.84 17.72
C ASP A 43 -57.45 -35.54 16.36
N GLY A 44 -57.02 -36.80 16.37
CA GLY A 44 -56.93 -37.58 15.16
C GLY A 44 -56.19 -38.88 15.41
N ASP A 45 -55.87 -39.57 14.33
CA ASP A 45 -55.16 -40.84 14.42
C ASP A 45 -53.65 -40.67 14.38
N ILE A 46 -53.15 -39.73 13.59
CA ILE A 46 -51.74 -39.38 13.56
C ILE A 46 -51.62 -37.89 13.83
N ILE A 47 -50.77 -37.51 14.78
CA ILE A 47 -50.71 -36.15 15.30
C ILE A 47 -49.37 -35.54 14.93
N LEU A 48 -49.41 -34.43 14.20
CA LEU A 48 -48.23 -33.67 13.83
C LEU A 48 -48.08 -32.47 14.76
N GLY A 49 -46.85 -32.00 14.91
CA GLY A 49 -46.55 -30.84 15.73
C GLY A 49 -46.49 -29.56 14.92
N GLY A 50 -46.25 -28.46 15.63
CA GLY A 50 -46.14 -27.16 15.00
C GLY A 50 -45.53 -26.10 15.89
N LEU A 51 -44.64 -25.29 15.34
CA LEU A 51 -43.99 -24.21 16.07
C LEU A 51 -44.02 -22.95 15.21
N PHE A 52 -44.69 -21.91 15.69
CA PHE A 52 -44.82 -20.67 14.94
C PHE A 52 -44.56 -19.48 15.86
N PRO A 53 -44.02 -18.39 15.30
CA PRO A 53 -43.76 -17.17 16.09
C PRO A 53 -44.98 -16.24 16.17
N VAL A 54 -45.96 -16.64 16.98
CA VAL A 54 -47.18 -15.85 17.13
C VAL A 54 -46.86 -14.50 17.75
N HIS A 55 -46.01 -14.48 18.78
CA HIS A 55 -45.60 -13.26 19.44
C HIS A 55 -44.12 -12.99 19.18
N ALA A 56 -43.71 -11.76 19.45
CA ALA A 56 -42.33 -11.33 19.25
C ALA A 56 -41.59 -11.36 20.58
N LYS A 57 -40.28 -11.08 20.52
CA LYS A 57 -39.46 -11.06 21.72
C LYS A 57 -39.88 -9.92 22.64
N GLY A 58 -39.84 -10.18 23.94
CA GLY A 58 -40.18 -9.15 24.91
C GLY A 58 -39.14 -8.05 24.95
N GLU A 59 -39.58 -6.87 25.39
CA GLU A 59 -38.69 -5.72 25.44
C GLU A 59 -37.58 -5.92 26.46
N ARG A 60 -37.95 -6.31 27.69
CA ARG A 60 -36.96 -6.50 28.74
C ARG A 60 -37.56 -7.29 29.90
N GLY A 61 -36.92 -8.39 30.28
CA GLY A 61 -37.39 -9.19 31.40
C GLY A 61 -38.71 -9.88 31.19
N VAL A 62 -39.20 -9.91 29.95
CA VAL A 62 -40.50 -10.51 29.64
C VAL A 62 -40.30 -11.42 28.43
N PRO A 63 -40.85 -12.65 28.44
CA PRO A 63 -40.60 -13.57 27.32
C PRO A 63 -41.26 -13.14 26.01
N CYS A 64 -42.55 -12.83 26.05
CA CYS A 64 -43.32 -12.54 24.86
C CYS A 64 -43.80 -11.09 24.86
N GLY A 65 -43.72 -10.44 23.71
CA GLY A 65 -44.11 -9.05 23.58
C GLY A 65 -45.44 -8.84 22.87
N GLU A 66 -45.39 -8.24 21.69
CA GLU A 66 -46.60 -7.89 20.94
C GLU A 66 -47.01 -9.07 20.05
N LEU A 67 -47.99 -8.82 19.17
CA LEU A 67 -48.53 -9.86 18.31
C LEU A 67 -48.12 -9.61 16.87
N LYS A 68 -47.67 -10.66 16.18
CA LYS A 68 -47.29 -10.60 14.78
C LYS A 68 -48.45 -11.13 13.95
N LYS A 69 -49.21 -10.21 13.35
CA LYS A 69 -50.38 -10.61 12.57
C LYS A 69 -49.99 -11.42 11.34
N GLU A 70 -48.96 -10.97 10.62
CA GLU A 70 -48.59 -11.64 9.38
C GLU A 70 -47.71 -12.86 9.62
N LYS A 71 -46.69 -12.72 10.47
CA LYS A 71 -45.75 -13.81 10.68
C LYS A 71 -46.34 -14.93 11.55
N GLY A 72 -47.17 -14.60 12.53
CA GLY A 72 -47.66 -15.62 13.43
C GLY A 72 -49.00 -16.24 13.05
N ILE A 73 -50.02 -15.39 12.88
CA ILE A 73 -51.37 -15.91 12.67
C ILE A 73 -51.50 -16.55 11.29
N HIS A 74 -50.97 -15.90 10.26
CA HIS A 74 -51.19 -16.37 8.89
C HIS A 74 -50.61 -17.76 8.68
N ARG A 75 -49.42 -18.02 9.23
CA ARG A 75 -48.76 -19.30 8.99
C ARG A 75 -49.48 -20.45 9.70
N LEU A 76 -49.90 -20.25 10.94
CA LEU A 76 -50.65 -21.29 11.63
C LEU A 76 -52.02 -21.51 10.99
N GLU A 77 -52.65 -20.43 10.50
CA GLU A 77 -53.90 -20.60 9.78
C GLU A 77 -53.67 -21.38 8.49
N ALA A 78 -52.55 -21.15 7.82
CA ALA A 78 -52.22 -21.92 6.62
C ALA A 78 -52.02 -23.39 6.95
N MET A 79 -51.35 -23.68 8.07
CA MET A 79 -51.17 -25.07 8.47
C MET A 79 -52.51 -25.74 8.76
N LEU A 80 -53.40 -25.03 9.47
CA LEU A 80 -54.73 -25.59 9.74
C LEU A 80 -55.52 -25.81 8.46
N TYR A 81 -55.42 -24.87 7.51
CA TYR A 81 -56.09 -25.03 6.22
C TYR A 81 -55.56 -26.24 5.47
N ALA A 82 -54.24 -26.44 5.48
CA ALA A 82 -53.65 -27.60 4.83
C ALA A 82 -54.12 -28.89 5.48
N ILE A 83 -54.20 -28.92 6.81
CA ILE A 83 -54.68 -30.11 7.50
C ILE A 83 -56.13 -30.40 7.13
N ASP A 84 -56.96 -29.36 7.08
CA ASP A 84 -58.36 -29.55 6.70
C ASP A 84 -58.47 -30.07 5.27
N GLN A 85 -57.65 -29.54 4.35
CA GLN A 85 -57.67 -30.01 2.97
C GLN A 85 -57.26 -31.47 2.90
N ILE A 86 -56.22 -31.85 3.64
CA ILE A 86 -55.75 -33.24 3.64
C ILE A 86 -56.84 -34.17 4.16
N ASN A 87 -57.50 -33.77 5.26
CA ASN A 87 -58.57 -34.60 5.80
C ASN A 87 -59.74 -34.71 4.83
N LYS A 88 -60.08 -33.62 4.14
CA LYS A 88 -61.20 -33.65 3.21
C LYS A 88 -60.86 -34.42 1.93
N ASP A 89 -59.59 -34.49 1.57
CA ASP A 89 -59.19 -35.19 0.36
C ASP A 89 -59.40 -36.70 0.53
N PRO A 90 -60.17 -37.35 -0.33
CA PRO A 90 -60.38 -38.79 -0.21
C PRO A 90 -59.29 -39.66 -0.81
N ASP A 91 -58.44 -39.11 -1.68
CA ASP A 91 -57.39 -39.88 -2.32
C ASP A 91 -56.07 -39.85 -1.56
N LEU A 92 -55.98 -39.10 -0.47
CA LEU A 92 -54.78 -39.01 0.35
C LEU A 92 -55.14 -39.36 1.78
N LEU A 93 -54.48 -40.38 2.32
CA LEU A 93 -54.73 -40.87 3.68
C LEU A 93 -56.21 -41.20 3.87
N SER A 94 -56.66 -42.18 3.09
CA SER A 94 -58.07 -42.58 3.14
C SER A 94 -58.43 -43.15 4.50
N ASN A 95 -59.54 -42.69 5.06
CA ASN A 95 -60.08 -43.13 6.34
C ASN A 95 -59.11 -42.91 7.50
N ILE A 96 -58.08 -42.10 7.32
CA ILE A 96 -57.11 -41.78 8.36
C ILE A 96 -57.16 -40.29 8.62
N THR A 97 -57.31 -39.92 9.89
CA THR A 97 -57.43 -38.52 10.29
C THR A 97 -56.07 -37.99 10.76
N LEU A 98 -55.82 -36.72 10.47
CA LEU A 98 -54.61 -36.04 10.88
C LEU A 98 -54.94 -34.99 11.92
N GLY A 99 -54.28 -35.06 13.08
CA GLY A 99 -54.45 -34.11 14.14
C GLY A 99 -53.24 -33.18 14.25
N VAL A 100 -53.37 -32.18 15.11
CA VAL A 100 -52.32 -31.18 15.29
C VAL A 100 -52.21 -30.80 16.76
N ARG A 101 -50.98 -30.46 17.17
CA ARG A 101 -50.67 -29.92 18.48
C ARG A 101 -49.77 -28.71 18.24
N ILE A 102 -50.38 -27.54 18.08
CA ILE A 102 -49.67 -26.32 17.68
C ILE A 102 -49.40 -25.47 18.92
N LEU A 103 -48.14 -25.04 19.07
CA LEU A 103 -47.72 -24.20 20.17
C LEU A 103 -47.07 -22.93 19.63
N ASP A 104 -46.60 -22.10 20.55
CA ASP A 104 -46.00 -20.81 20.24
C ASP A 104 -44.54 -20.79 20.68
N THR A 105 -43.73 -20.03 19.95
CA THR A 105 -42.31 -19.90 20.25
C THR A 105 -41.90 -18.52 20.76
N CYS A 106 -42.69 -17.48 20.48
CA CYS A 106 -42.40 -16.11 20.94
C CYS A 106 -41.02 -15.63 20.47
N SER A 107 -40.57 -16.12 19.31
CA SER A 107 -39.33 -15.70 18.68
C SER A 107 -38.11 -15.86 19.58
N ARG A 108 -38.18 -16.75 20.56
CA ARG A 108 -37.10 -16.97 21.52
C ARG A 108 -36.83 -18.46 21.62
N ASP A 109 -35.54 -18.84 21.62
CA ASP A 109 -35.20 -20.25 21.54
C ASP A 109 -35.46 -20.98 22.86
N THR A 110 -35.42 -20.27 23.99
CA THR A 110 -35.67 -20.93 25.27
C THR A 110 -37.14 -21.30 25.43
N TYR A 111 -38.05 -20.40 25.03
CA TYR A 111 -39.47 -20.71 25.05
C TYR A 111 -39.78 -21.90 24.15
N ALA A 112 -39.18 -21.91 22.95
CA ALA A 112 -39.37 -23.04 22.06
C ALA A 112 -38.75 -24.32 22.61
N LEU A 113 -37.66 -24.21 23.35
CA LEU A 113 -37.10 -25.38 24.02
C LEU A 113 -38.09 -25.95 25.03
N GLU A 114 -38.72 -25.08 25.82
CA GLU A 114 -39.72 -25.53 26.77
C GLU A 114 -40.90 -26.21 26.06
N GLN A 115 -41.36 -25.62 24.95
CA GLN A 115 -42.47 -26.22 24.23
C GLN A 115 -42.07 -27.54 23.57
N SER A 116 -40.83 -27.63 23.08
CA SER A 116 -40.35 -28.88 22.51
C SER A 116 -40.29 -29.97 23.57
N LEU A 117 -39.87 -29.63 24.79
CA LEU A 117 -39.98 -30.57 25.89
C LEU A 117 -41.43 -30.94 26.16
N THR A 118 -42.35 -29.98 25.97
CA THR A 118 -43.77 -30.30 26.11
C THR A 118 -44.20 -31.34 25.08
N PHE A 119 -43.63 -31.30 23.87
CA PHE A 119 -43.89 -32.36 22.90
C PHE A 119 -43.52 -33.73 23.45
N VAL A 120 -42.24 -33.95 23.74
CA VAL A 120 -41.76 -35.27 24.14
C VAL A 120 -41.88 -35.36 25.66
N GLN A 121 -42.96 -35.96 26.12
CA GLN A 121 -43.16 -36.22 27.54
C GLN A 121 -43.47 -37.67 27.84
N ALA A 122 -44.29 -38.32 27.02
CA ALA A 122 -44.61 -39.72 27.23
C ALA A 122 -43.43 -40.64 26.99
N LEU A 123 -42.44 -40.21 26.19
CA LEU A 123 -41.27 -41.02 25.90
C LEU A 123 -40.25 -40.92 27.04
N PRO A 144 -51.47 -42.80 25.55
CA PRO A 144 -50.83 -41.49 25.38
C PRO A 144 -50.62 -41.12 23.91
N ASP A 145 -50.98 -39.89 23.54
CA ASP A 145 -50.81 -39.46 22.16
C ASP A 145 -49.32 -39.29 21.84
N LYS A 146 -48.96 -39.60 20.60
CA LYS A 146 -47.59 -39.57 20.15
C LYS A 146 -47.46 -38.63 18.96
N ILE A 147 -46.47 -37.75 19.01
CA ILE A 147 -46.20 -36.85 17.89
C ILE A 147 -45.38 -37.60 16.85
N SER A 148 -45.91 -37.68 15.62
CA SER A 148 -45.22 -38.37 14.55
C SER A 148 -44.25 -37.48 13.80
N GLY A 149 -44.51 -36.18 13.78
CA GLY A 149 -43.62 -35.25 13.10
C GLY A 149 -43.89 -33.84 13.54
N VAL A 150 -42.89 -32.97 13.35
CA VAL A 150 -42.96 -31.59 13.76
C VAL A 150 -42.66 -30.69 12.57
N ILE A 151 -43.55 -29.74 12.30
CA ILE A 151 -43.28 -28.71 11.32
C ILE A 151 -42.34 -27.69 11.95
N GLY A 152 -41.15 -27.56 11.36
CA GLY A 152 -40.06 -26.83 11.97
C GLY A 152 -40.34 -25.37 12.26
N ALA A 153 -39.40 -24.69 12.91
CA ALA A 153 -39.57 -23.31 13.32
C ALA A 153 -39.19 -22.37 12.17
N ALA A 154 -39.10 -21.08 12.47
CA ALA A 154 -38.76 -20.07 11.47
C ALA A 154 -37.33 -19.59 11.58
N ALA A 155 -36.91 -19.15 12.76
CA ALA A 155 -35.55 -18.67 12.95
C ALA A 155 -34.56 -19.84 12.98
N SER A 156 -33.33 -19.57 12.57
CA SER A 156 -32.32 -20.62 12.50
C SER A 156 -31.98 -21.16 13.88
N SER A 157 -31.81 -20.28 14.87
CA SER A 157 -31.44 -20.73 16.21
C SER A 157 -32.53 -21.58 16.84
N VAL A 158 -33.79 -21.17 16.66
CA VAL A 158 -34.91 -21.92 17.21
C VAL A 158 -34.95 -23.32 16.61
N SER A 159 -34.81 -23.41 15.29
CA SER A 159 -34.82 -24.70 14.63
C SER A 159 -33.63 -25.55 15.08
N ILE A 160 -32.47 -24.91 15.27
CA ILE A 160 -31.28 -25.65 15.68
C ILE A 160 -31.49 -26.28 17.05
N MET A 161 -32.02 -25.50 18.00
CA MET A 161 -32.23 -26.04 19.35
C MET A 161 -33.32 -27.11 19.37
N VAL A 162 -34.41 -26.88 18.64
CA VAL A 162 -35.49 -27.87 18.60
C VAL A 162 -35.01 -29.17 17.95
N ALA A 163 -34.18 -29.06 16.90
CA ALA A 163 -33.64 -30.25 16.27
C ALA A 163 -32.63 -30.96 17.15
N ASN A 164 -31.88 -30.21 17.95
CA ASN A 164 -31.00 -30.82 18.94
C ASN A 164 -31.81 -31.66 19.92
N ILE A 165 -32.96 -31.15 20.35
CA ILE A 165 -33.80 -31.92 21.28
C ILE A 165 -34.40 -33.13 20.58
N LEU A 166 -34.98 -32.94 19.39
CA LEU A 166 -35.78 -33.98 18.76
C LEU A 166 -34.97 -35.13 18.18
N ARG A 167 -33.66 -34.98 17.99
CA ARG A 167 -32.88 -36.06 17.40
C ARG A 167 -32.81 -37.28 18.32
N LEU A 168 -32.93 -37.06 19.64
CA LEU A 168 -32.82 -38.17 20.59
C LEU A 168 -34.01 -39.11 20.48
N PHE A 169 -35.21 -38.58 20.31
CA PHE A 169 -36.43 -39.37 20.33
C PHE A 169 -36.88 -39.80 18.94
N LYS A 170 -36.06 -39.57 17.91
CA LYS A 170 -36.33 -40.01 16.55
C LYS A 170 -37.66 -39.44 16.03
N ILE A 171 -37.69 -38.11 15.94
CA ILE A 171 -38.87 -37.41 15.42
C ILE A 171 -38.46 -36.58 14.21
N PRO A 172 -38.92 -36.90 13.00
CA PRO A 172 -38.57 -36.10 11.83
C PRO A 172 -39.11 -34.68 11.96
N GLN A 173 -38.33 -33.73 11.45
CA GLN A 173 -38.68 -32.31 11.52
C GLN A 173 -38.49 -31.70 10.15
N ILE A 174 -39.47 -30.91 9.71
CA ILE A 174 -39.43 -30.22 8.42
C ILE A 174 -39.70 -28.74 8.67
N SER A 175 -38.75 -27.91 8.27
CA SER A 175 -38.83 -26.47 8.46
C SER A 175 -39.25 -25.77 7.17
N TYR A 176 -39.75 -24.55 7.31
CA TYR A 176 -40.24 -23.77 6.18
C TYR A 176 -39.53 -22.44 5.98
N ALA A 177 -38.72 -21.99 6.96
CA ALA A 177 -38.08 -20.68 6.83
C ALA A 177 -36.64 -20.66 7.33
N SER A 178 -36.06 -21.80 7.70
CA SER A 178 -34.68 -21.85 8.18
C SER A 178 -33.74 -22.13 7.03
N THR A 179 -32.71 -21.29 6.90
CA THR A 179 -31.77 -21.38 5.77
C THR A 179 -30.32 -21.52 6.20
N ALA A 180 -30.06 -21.81 7.47
CA ALA A 180 -28.68 -21.89 7.94
C ALA A 180 -27.96 -23.07 7.31
N PRO A 181 -26.75 -22.87 6.78
CA PRO A 181 -26.00 -24.00 6.21
C PRO A 181 -25.66 -25.08 7.23
N GLU A 182 -25.47 -24.69 8.50
CA GLU A 182 -25.04 -25.62 9.53
C GLU A 182 -26.00 -26.79 9.71
N LEU A 183 -27.25 -26.64 9.31
CA LEU A 183 -28.24 -27.70 9.45
C LEU A 183 -28.15 -28.75 8.34
N SER A 184 -27.20 -28.61 7.41
CA SER A 184 -27.03 -29.58 6.34
C SER A 184 -26.06 -30.69 6.69
N ASP A 185 -25.61 -30.75 7.94
CA ASP A 185 -24.64 -31.76 8.39
C ASP A 185 -25.40 -32.99 8.85
N ASN A 186 -25.22 -34.10 8.12
CA ASN A 186 -25.91 -35.34 8.45
C ASN A 186 -25.34 -36.05 9.67
N THR A 187 -24.18 -35.62 10.17
CA THR A 187 -23.58 -36.22 11.36
C THR A 187 -23.98 -35.52 12.64
N ARG A 188 -24.75 -34.45 12.56
CA ARG A 188 -25.17 -33.69 13.75
C ARG A 188 -26.67 -33.50 13.83
N TYR A 189 -27.34 -33.30 12.71
CA TYR A 189 -28.80 -33.14 12.65
C TYR A 189 -29.34 -34.23 11.74
N ASP A 190 -29.63 -35.39 12.33
CA ASP A 190 -30.01 -36.56 11.56
C ASP A 190 -31.44 -36.48 11.03
N PHE A 191 -32.33 -35.76 11.69
CA PHE A 191 -33.76 -35.81 11.39
C PHE A 191 -34.30 -34.44 10.99
N PHE A 192 -33.52 -33.66 10.26
CA PHE A 192 -33.91 -32.31 9.87
C PHE A 192 -34.00 -32.21 8.35
N SER A 193 -35.09 -31.62 7.87
CA SER A 193 -35.26 -31.34 6.45
C SER A 193 -35.92 -29.98 6.30
N ARG A 194 -35.78 -29.38 5.12
CA ARG A 194 -36.34 -28.07 4.88
C ARG A 194 -36.79 -27.96 3.43
N VAL A 195 -37.83 -27.15 3.21
CA VAL A 195 -38.34 -26.90 1.87
C VAL A 195 -37.81 -25.59 1.29
N VAL A 196 -36.83 -24.97 1.95
CA VAL A 196 -36.18 -23.77 1.43
C VAL A 196 -34.70 -24.08 1.24
N PRO A 197 -34.04 -23.47 0.25
CA PRO A 197 -32.64 -23.81 0.00
C PRO A 197 -31.75 -23.28 1.11
N PRO A 198 -30.62 -23.93 1.36
CA PRO A 198 -29.66 -23.38 2.33
C PRO A 198 -28.96 -22.15 1.78
N ASP A 199 -28.16 -21.52 2.64
CA ASP A 199 -27.51 -20.26 2.30
C ASP A 199 -26.27 -20.43 1.45
N SER A 200 -25.79 -21.65 1.24
CA SER A 200 -24.67 -21.86 0.32
C SER A 200 -25.03 -21.43 -1.09
N TYR A 201 -26.22 -21.82 -1.55
CA TYR A 201 -26.68 -21.43 -2.88
C TYR A 201 -26.86 -19.92 -2.97
N GLN A 202 -27.39 -19.30 -1.91
CA GLN A 202 -27.57 -17.86 -1.91
C GLN A 202 -26.23 -17.14 -1.97
N ALA A 203 -25.24 -17.63 -1.23
CA ALA A 203 -23.90 -17.02 -1.28
C ALA A 203 -23.28 -17.18 -2.67
N GLN A 204 -23.44 -18.36 -3.27
CA GLN A 204 -22.93 -18.56 -4.63
C GLN A 204 -23.60 -17.61 -5.62
N ALA A 205 -24.93 -17.44 -5.49
CA ALA A 205 -25.64 -16.51 -6.36
C ALA A 205 -25.17 -15.08 -6.14
N MET A 206 -24.91 -14.70 -4.89
CA MET A 206 -24.42 -13.36 -4.61
C MET A 206 -23.05 -13.14 -5.23
N VAL A 207 -22.17 -14.14 -5.15
CA VAL A 207 -20.86 -14.04 -5.78
C VAL A 207 -21.01 -13.88 -7.29
N ASP A 208 -21.90 -14.68 -7.89
CA ASP A 208 -22.10 -14.59 -9.33
C ASP A 208 -22.64 -13.22 -9.73
N ILE A 209 -23.56 -12.66 -8.95
CA ILE A 209 -24.08 -11.33 -9.25
C ILE A 209 -22.99 -10.28 -9.12
N VAL A 210 -22.16 -10.39 -8.07
CA VAL A 210 -21.09 -9.41 -7.87
C VAL A 210 -20.11 -9.45 -9.03
N THR A 211 -19.72 -10.66 -9.47
CA THR A 211 -18.76 -10.77 -10.56
C THR A 211 -19.39 -10.50 -11.92
N ALA A 212 -20.72 -10.55 -12.04
CA ALA A 212 -21.37 -10.31 -13.32
C ALA A 212 -21.39 -8.83 -13.66
N LEU A 213 -21.51 -7.97 -12.65
CA LEU A 213 -21.53 -6.53 -12.87
C LEU A 213 -20.13 -5.92 -12.92
N GLY A 214 -19.08 -6.73 -12.73
CA GLY A 214 -17.73 -6.26 -12.82
C GLY A 214 -17.09 -5.80 -11.53
N TRP A 215 -17.86 -5.76 -10.44
CA TRP A 215 -17.30 -5.31 -9.16
C TRP A 215 -16.31 -6.33 -8.62
N ASN A 216 -15.26 -5.83 -7.97
CA ASN A 216 -14.27 -6.71 -7.37
C ASN A 216 -13.77 -6.23 -6.01
N TYR A 217 -14.53 -5.35 -5.34
CA TYR A 217 -14.08 -4.79 -4.07
C TYR A 217 -15.33 -4.46 -3.26
N VAL A 218 -15.63 -5.27 -2.25
CA VAL A 218 -16.90 -5.20 -1.53
C VAL A 218 -16.65 -5.24 -0.03
N SER A 219 -17.67 -4.87 0.72
CA SER A 219 -17.68 -4.96 2.17
C SER A 219 -18.91 -5.74 2.62
N THR A 220 -18.83 -6.32 3.81
CA THR A 220 -19.87 -7.21 4.32
C THR A 220 -20.40 -6.71 5.65
N LEU A 221 -21.72 -6.82 5.83
CA LEU A 221 -22.39 -6.55 7.09
C LEU A 221 -23.10 -7.81 7.55
N ALA A 222 -22.88 -8.20 8.81
CA ALA A 222 -23.48 -9.40 9.37
C ALA A 222 -24.16 -9.07 10.69
N SER A 223 -25.42 -9.47 10.83
CA SER A 223 -26.12 -9.34 12.08
C SER A 223 -25.74 -10.48 13.02
N GLU A 224 -25.66 -10.19 14.31
CA GLU A 224 -25.24 -11.19 15.28
C GLU A 224 -26.26 -12.33 15.34
N GLY A 225 -25.76 -13.55 15.33
CA GLY A 225 -26.61 -14.73 15.35
C GLY A 225 -26.00 -15.82 14.49
N ASN A 226 -26.84 -16.80 14.17
CA ASN A 226 -26.42 -17.92 13.32
C ASN A 226 -26.62 -17.62 11.84
N TYR A 227 -27.72 -16.97 11.50
CA TYR A 227 -28.07 -16.72 10.11
C TYR A 227 -27.05 -15.82 9.40
N GLY A 228 -26.93 -14.57 9.87
CA GLY A 228 -26.10 -13.61 9.18
C GLY A 228 -24.62 -13.98 9.17
N GLU A 229 -24.11 -14.43 10.32
CA GLU A 229 -22.69 -14.77 10.40
C GLU A 229 -22.35 -15.95 9.50
N SER A 230 -23.20 -16.98 9.49
CA SER A 230 -22.94 -18.13 8.63
C SER A 230 -23.07 -17.75 7.16
N GLY A 231 -24.04 -16.92 6.81
CA GLY A 231 -24.14 -16.46 5.43
C GLY A 231 -22.92 -15.69 4.97
N VAL A 232 -22.44 -14.78 5.81
CA VAL A 232 -21.26 -14.00 5.46
C VAL A 232 -20.02 -14.90 5.38
N GLU A 233 -19.92 -15.88 6.28
CA GLU A 233 -18.80 -16.80 6.24
C GLU A 233 -18.81 -17.62 4.95
N ALA A 234 -19.98 -18.09 4.54
CA ALA A 234 -20.08 -18.84 3.29
C ALA A 234 -19.70 -17.97 2.10
N PHE A 235 -20.18 -16.72 2.09
CA PHE A 235 -19.82 -15.81 1.01
C PHE A 235 -18.31 -15.58 0.96
N THR A 236 -17.69 -15.37 2.13
CA THR A 236 -16.25 -15.13 2.17
C THR A 236 -15.48 -16.35 1.69
N GLN A 237 -15.89 -17.55 2.12
CA GLN A 237 -15.19 -18.76 1.70
C GLN A 237 -15.31 -18.98 0.20
N ILE A 238 -16.51 -18.79 -0.36
CA ILE A 238 -16.68 -18.95 -1.81
C ILE A 238 -15.86 -17.91 -2.57
N SER A 239 -15.84 -16.67 -2.07
CA SER A 239 -15.04 -15.63 -2.69
C SER A 239 -13.55 -15.99 -2.70
N ARG A 240 -13.06 -16.49 -1.56
CA ARG A 240 -11.65 -16.87 -1.47
C ARG A 240 -11.33 -18.03 -2.41
N GLU A 241 -12.24 -19.01 -2.49
CA GLU A 241 -11.98 -20.18 -3.32
C GLU A 241 -12.01 -19.83 -4.81
N ILE A 242 -13.04 -19.10 -5.25
CA ILE A 242 -13.14 -18.77 -6.67
C ILE A 242 -12.06 -17.77 -7.06
N GLY A 243 -11.88 -16.71 -6.26
CA GLY A 243 -10.92 -15.69 -6.57
C GLY A 243 -11.42 -14.72 -7.62
N GLY A 244 -11.14 -13.43 -7.43
CA GLY A 244 -11.59 -12.42 -8.36
C GLY A 244 -12.21 -11.22 -7.69
N VAL A 245 -12.71 -11.41 -6.48
CA VAL A 245 -13.31 -10.35 -5.69
C VAL A 245 -12.68 -10.36 -4.30
N CYS A 246 -12.39 -9.18 -3.77
CA CYS A 246 -11.65 -9.02 -2.53
C CYS A 246 -12.52 -8.28 -1.51
N ILE A 247 -12.50 -8.76 -0.27
CA ILE A 247 -13.31 -8.19 0.80
C ILE A 247 -12.47 -7.16 1.53
N ALA A 248 -12.98 -5.93 1.64
CA ALA A 248 -12.26 -4.86 2.31
C ALA A 248 -12.46 -4.92 3.83
N GLN A 249 -13.70 -4.79 4.28
CA GLN A 249 -14.00 -4.81 5.70
C GLN A 249 -15.13 -5.80 5.97
N SER A 250 -15.21 -6.25 7.22
CA SER A 250 -16.29 -7.10 7.69
C SER A 250 -16.73 -6.60 9.06
N GLN A 251 -17.96 -6.12 9.15
CA GLN A 251 -18.49 -5.54 10.38
C GLN A 251 -19.37 -6.55 11.11
N LYS A 252 -19.86 -6.13 12.27
CA LYS A 252 -20.67 -6.99 13.13
C LYS A 252 -21.64 -6.09 13.91
N ILE A 253 -22.91 -6.14 13.54
CA ILE A 253 -23.94 -5.37 14.24
C ILE A 253 -24.29 -6.09 15.54
N PRO A 254 -24.11 -5.46 16.70
CA PRO A 254 -24.40 -6.15 17.97
C PRO A 254 -25.89 -6.37 18.17
N ARG A 255 -26.20 -7.34 19.01
CA ARG A 255 -27.60 -7.64 19.33
C ARG A 255 -28.26 -6.47 20.05
N GLU A 256 -27.55 -5.85 21.00
CA GLU A 256 -28.04 -4.68 21.73
C GLU A 256 -27.04 -3.55 21.55
N PRO A 257 -27.22 -2.71 20.55
CA PRO A 257 -26.23 -1.65 20.28
C PRO A 257 -26.42 -0.44 21.18
N ARG A 258 -25.29 0.16 21.56
CA ARG A 258 -25.31 1.40 22.30
C ARG A 258 -25.70 2.54 21.37
N PRO A 259 -26.16 3.67 21.92
CA PRO A 259 -26.51 4.82 21.07
C PRO A 259 -25.33 5.27 20.24
N GLY A 260 -25.61 5.64 18.99
CA GLY A 260 -24.57 6.07 18.07
C GLY A 260 -23.80 4.94 17.42
N GLU A 261 -24.22 3.69 17.58
CA GLU A 261 -23.48 2.57 17.02
C GLU A 261 -23.57 2.55 15.49
N PHE A 262 -24.75 2.82 14.93
CA PHE A 262 -24.91 2.72 13.48
C PHE A 262 -24.16 3.82 12.76
N GLU A 263 -24.12 5.02 13.34
CA GLU A 263 -23.30 6.08 12.76
C GLU A 263 -21.83 5.70 12.78
N LYS A 264 -21.37 5.05 13.86
CA LYS A 264 -20.01 4.57 13.92
C LYS A 264 -19.73 3.53 12.85
N ILE A 265 -20.68 2.63 12.62
CA ILE A 265 -20.53 1.60 11.58
C ILE A 265 -20.43 2.25 10.21
N ILE A 266 -21.27 3.26 9.95
CA ILE A 266 -21.22 3.95 8.67
C ILE A 266 -19.88 4.65 8.49
N LYS A 267 -19.41 5.32 9.54
CA LYS A 267 -18.12 6.00 9.46
C LYS A 267 -16.98 5.02 9.24
N ARG A 268 -17.03 3.85 9.86
CA ARG A 268 -16.02 2.83 9.59
C ARG A 268 -16.09 2.35 8.14
N LEU A 269 -17.31 2.17 7.62
CA LEU A 269 -17.45 1.80 6.22
C LEU A 269 -16.91 2.89 5.30
N LEU A 270 -16.89 4.14 5.76
CA LEU A 270 -16.37 5.25 4.96
C LEU A 270 -14.84 5.34 5.02
N GLU A 271 -14.17 4.44 5.74
CA GLU A 271 -12.72 4.38 5.75
C GLU A 271 -12.15 3.76 4.48
N THR A 272 -13.01 3.40 3.53
CA THR A 272 -12.56 2.83 2.25
C THR A 272 -13.48 3.36 1.17
N PRO A 273 -13.17 4.53 0.63
CA PRO A 273 -14.09 5.15 -0.36
C PRO A 273 -14.25 4.34 -1.63
N ASN A 274 -13.33 3.44 -1.94
CA ASN A 274 -13.39 2.68 -3.19
C ASN A 274 -14.18 1.38 -3.07
N ALA A 275 -14.78 1.12 -1.91
CA ALA A 275 -15.62 -0.06 -1.70
C ALA A 275 -17.06 0.44 -1.51
N ARG A 276 -17.77 0.61 -2.61
CA ARG A 276 -19.11 1.16 -2.60
C ARG A 276 -20.21 0.11 -2.51
N ALA A 277 -19.86 -1.18 -2.57
CA ALA A 277 -20.84 -2.25 -2.55
C ALA A 277 -20.80 -2.95 -1.20
N VAL A 278 -21.97 -3.14 -0.60
CA VAL A 278 -22.09 -3.74 0.72
C VAL A 278 -23.00 -4.96 0.61
N ILE A 279 -22.51 -6.10 1.10
CA ILE A 279 -23.28 -7.33 1.18
C ILE A 279 -23.87 -7.41 2.58
N MET A 280 -25.19 -7.52 2.68
CA MET A 280 -25.89 -7.40 3.95
C MET A 280 -26.66 -8.68 4.26
N PHE A 281 -26.37 -9.25 5.43
CA PHE A 281 -27.15 -10.34 6.02
C PHE A 281 -27.60 -9.83 7.39
N ALA A 282 -28.71 -9.11 7.43
CA ALA A 282 -29.13 -8.44 8.65
C ALA A 282 -30.65 -8.39 8.73
N ASN A 283 -31.15 -8.14 9.95
CA ASN A 283 -32.57 -8.03 10.21
C ASN A 283 -33.13 -6.72 9.67
N GLU A 284 -34.47 -6.66 9.57
CA GLU A 284 -35.12 -5.50 8.99
C GLU A 284 -34.93 -4.25 9.84
N ASP A 285 -34.95 -4.41 11.17
CA ASP A 285 -34.70 -3.27 12.04
C ASP A 285 -33.29 -2.73 11.87
N ASP A 286 -32.31 -3.63 11.77
CA ASP A 286 -30.93 -3.21 11.54
C ASP A 286 -30.78 -2.53 10.19
N ILE A 287 -31.48 -3.04 9.17
CA ILE A 287 -31.44 -2.41 7.86
C ILE A 287 -31.99 -1.00 7.94
N ARG A 288 -33.13 -0.83 8.62
CA ARG A 288 -33.74 0.49 8.75
C ARG A 288 -32.82 1.46 9.48
N ARG A 289 -32.19 1.00 10.57
CA ARG A 289 -31.33 1.90 11.33
C ARG A 289 -30.04 2.24 10.57
N ILE A 290 -29.50 1.28 9.83
CA ILE A 290 -28.32 1.56 9.00
C ILE A 290 -28.67 2.59 7.93
N LEU A 291 -29.83 2.44 7.28
CA LEU A 291 -30.25 3.40 6.28
C LEU A 291 -30.49 4.77 6.89
N GLU A 292 -31.05 4.81 8.10
CA GLU A 292 -31.25 6.09 8.78
C GLU A 292 -29.91 6.78 9.07
N ALA A 293 -28.93 6.03 9.55
CA ALA A 293 -27.61 6.61 9.80
C ALA A 293 -26.97 7.11 8.51
N ALA A 294 -27.09 6.32 7.43
CA ALA A 294 -26.52 6.73 6.15
C ALA A 294 -27.16 8.01 5.65
N LYS A 295 -28.48 8.13 5.78
CA LYS A 295 -29.17 9.36 5.38
C LYS A 295 -28.72 10.53 6.24
N LYS A 296 -28.56 10.30 7.55
CA LYS A 296 -28.16 11.37 8.45
C LYS A 296 -26.77 11.89 8.12
N LEU A 297 -25.88 11.01 7.69
CA LEU A 297 -24.50 11.40 7.38
C LEU A 297 -24.31 11.85 5.94
N ASN A 298 -25.40 12.08 5.20
CA ASN A 298 -25.36 12.61 3.84
C ASN A 298 -24.53 11.72 2.91
N GLN A 299 -24.99 10.49 2.74
CA GLN A 299 -24.40 9.54 1.82
C GLN A 299 -25.43 9.02 0.84
N SER A 300 -26.34 9.89 0.40
CA SER A 300 -27.44 9.51 -0.49
C SER A 300 -26.90 9.37 -1.91
N GLY A 301 -26.27 8.22 -2.17
CA GLY A 301 -25.77 7.94 -3.49
C GLY A 301 -24.40 7.28 -3.49
N HIS A 302 -23.79 7.18 -2.31
CA HIS A 302 -22.46 6.59 -2.21
C HIS A 302 -22.53 5.06 -2.22
N PHE A 303 -23.26 4.49 -1.27
CA PHE A 303 -23.30 3.04 -1.09
C PHE A 303 -24.19 2.37 -2.12
N LEU A 304 -23.85 1.13 -2.45
CA LEU A 304 -24.68 0.26 -3.27
C LEU A 304 -25.00 -1.00 -2.45
N TRP A 305 -26.27 -1.31 -2.34
CA TRP A 305 -26.74 -2.35 -1.43
C TRP A 305 -27.05 -3.65 -2.16
N ILE A 306 -26.70 -4.77 -1.54
CA ILE A 306 -27.06 -6.10 -2.01
C ILE A 306 -27.54 -6.89 -0.80
N GLY A 307 -28.84 -7.17 -0.74
CA GLY A 307 -29.42 -7.79 0.43
C GLY A 307 -29.84 -9.23 0.25
N SER A 308 -29.99 -9.94 1.36
CA SER A 308 -30.42 -11.33 1.35
C SER A 308 -31.94 -11.41 1.48
N ASP A 309 -32.46 -12.61 1.75
CA ASP A 309 -33.90 -12.79 1.88
C ASP A 309 -34.46 -12.09 3.10
N SER A 310 -33.63 -11.69 4.06
CA SER A 310 -34.10 -10.93 5.21
C SER A 310 -34.58 -9.54 4.82
N TRP A 311 -34.04 -8.99 3.72
CA TRP A 311 -34.56 -7.74 3.15
C TRP A 311 -35.75 -8.04 2.23
N GLY A 312 -35.51 -8.83 1.19
CA GLY A 312 -36.60 -9.28 0.34
C GLY A 312 -37.31 -8.12 -0.34
N SER A 313 -38.65 -8.11 -0.21
CA SER A 313 -39.49 -7.08 -0.80
C SER A 313 -40.26 -6.31 0.28
N LYS A 314 -39.68 -6.23 1.48
CA LYS A 314 -40.34 -5.53 2.58
C LYS A 314 -40.37 -4.03 2.32
N ILE A 315 -41.39 -3.38 2.87
CA ILE A 315 -41.57 -1.95 2.70
C ILE A 315 -41.18 -1.16 3.94
N ALA A 316 -41.27 -1.76 5.13
CA ALA A 316 -40.99 -1.03 6.37
C ALA A 316 -39.59 -0.44 6.43
N PRO A 317 -38.51 -1.15 6.07
CA PRO A 317 -37.17 -0.54 6.16
C PRO A 317 -36.97 0.64 5.22
N VAL A 318 -37.82 0.82 4.20
CA VAL A 318 -37.64 1.88 3.22
C VAL A 318 -38.90 2.74 3.14
N TYR A 319 -39.61 2.86 4.27
CA TYR A 319 -40.92 3.50 4.26
C TYR A 319 -40.83 4.97 3.83
N GLN A 320 -39.90 5.72 4.43
CA GLN A 320 -39.67 7.11 4.07
C GLN A 320 -38.18 7.38 3.93
N GLN A 321 -37.46 6.41 3.38
CA GLN A 321 -36.03 6.49 3.15
C GLN A 321 -35.70 5.98 1.74
N GLU A 322 -36.51 6.43 0.78
CA GLU A 322 -36.41 5.89 -0.58
C GLU A 322 -35.09 6.27 -1.23
N GLU A 323 -34.64 7.52 -1.06
CA GLU A 323 -33.45 7.99 -1.75
C GLU A 323 -32.18 7.28 -1.31
N ILE A 324 -32.08 6.91 -0.03
CA ILE A 324 -30.87 6.26 0.45
C ILE A 324 -30.82 4.78 0.06
N ALA A 325 -31.95 4.19 -0.30
CA ALA A 325 -32.01 2.77 -0.62
C ALA A 325 -32.35 2.47 -2.07
N GLU A 326 -32.46 3.50 -2.92
CA GLU A 326 -32.79 3.26 -4.31
C GLU A 326 -31.65 2.52 -5.01
N GLY A 327 -32.01 1.49 -5.77
CA GLY A 327 -31.02 0.69 -6.46
C GLY A 327 -30.50 -0.50 -5.68
N ALA A 328 -31.17 -0.90 -4.61
CA ALA A 328 -30.75 -2.05 -3.81
C ALA A 328 -31.21 -3.34 -4.48
N VAL A 329 -30.35 -4.36 -4.43
CA VAL A 329 -30.62 -5.65 -5.06
C VAL A 329 -30.88 -6.67 -3.96
N THR A 330 -32.00 -7.40 -4.09
CA THR A 330 -32.42 -8.38 -3.11
C THR A 330 -32.70 -9.71 -3.79
N ILE A 331 -32.63 -10.78 -3.01
CA ILE A 331 -32.81 -12.14 -3.49
C ILE A 331 -33.86 -12.83 -2.64
N LEU A 332 -34.82 -13.50 -3.29
CA LEU A 332 -35.84 -14.25 -2.56
C LEU A 332 -36.06 -15.62 -3.17
N PRO A 333 -36.39 -16.63 -2.37
CA PRO A 333 -36.82 -17.91 -2.94
C PRO A 333 -38.10 -17.74 -3.75
N LYS A 334 -38.22 -18.54 -4.80
CA LYS A 334 -39.40 -18.45 -5.66
C LYS A 334 -40.65 -18.86 -4.90
N ARG A 335 -41.74 -18.14 -5.13
CA ARG A 335 -42.98 -18.36 -4.41
C ARG A 335 -44.11 -17.69 -5.17
N ALA A 336 -45.34 -18.04 -4.79
CA ALA A 336 -46.54 -17.45 -5.37
C ALA A 336 -47.62 -17.38 -4.31
N SER A 337 -48.78 -16.87 -4.69
CA SER A 337 -49.91 -16.71 -3.79
C SER A 337 -50.90 -17.86 -3.98
N ILE A 338 -51.63 -18.17 -2.92
CA ILE A 338 -52.62 -19.24 -2.92
C ILE A 338 -53.99 -18.63 -2.69
N ASP A 339 -54.89 -18.83 -3.66
CA ASP A 339 -56.22 -18.24 -3.56
C ASP A 339 -57.11 -18.98 -2.57
N GLY A 340 -56.94 -20.30 -2.45
CA GLY A 340 -57.74 -21.05 -1.49
C GLY A 340 -57.53 -20.58 -0.07
N PHE A 341 -56.27 -20.33 0.30
CA PHE A 341 -55.99 -19.79 1.63
C PHE A 341 -56.62 -18.42 1.80
N ASP A 342 -56.60 -17.59 0.75
CA ASP A 342 -57.21 -16.27 0.83
C ASP A 342 -58.70 -16.38 1.10
N ARG A 343 -59.41 -17.26 0.37
CA ARG A 343 -60.84 -17.43 0.60
C ARG A 343 -61.10 -17.95 2.01
N TYR A 344 -60.31 -18.93 2.44
CA TYR A 344 -60.50 -19.49 3.78
C TYR A 344 -60.31 -18.43 4.85
N PHE A 345 -59.28 -17.59 4.71
CA PHE A 345 -59.01 -16.57 5.71
C PHE A 345 -60.07 -15.47 5.70
N ARG A 346 -60.51 -15.05 4.51
CA ARG A 346 -61.56 -14.05 4.42
C ARG A 346 -62.89 -14.56 4.93
N SER A 347 -63.09 -15.88 4.96
CA SER A 347 -64.35 -16.45 5.43
C SER A 347 -64.41 -16.59 6.96
N ARG A 348 -63.37 -16.22 7.68
CA ARG A 348 -63.33 -16.47 9.12
C ARG A 348 -64.04 -15.38 9.90
N THR A 349 -64.84 -15.81 10.88
CA THR A 349 -65.46 -14.92 11.87
C THR A 349 -65.29 -15.57 13.25
N LEU A 350 -65.62 -14.80 14.30
CA LEU A 350 -65.50 -15.34 15.65
C LEU A 350 -66.48 -16.48 15.90
N ALA A 351 -67.67 -16.42 15.30
CA ALA A 351 -68.69 -17.43 15.57
C ALA A 351 -68.32 -18.80 15.01
N ASN A 352 -67.32 -18.89 14.14
CA ASN A 352 -66.97 -20.17 13.53
C ASN A 352 -65.47 -20.45 13.53
N ASN A 353 -64.67 -19.66 14.23
CA ASN A 353 -63.23 -19.88 14.30
C ASN A 353 -62.76 -19.93 15.74
N ARG A 354 -63.55 -20.56 16.61
CA ARG A 354 -63.15 -20.71 18.01
C ARG A 354 -62.02 -21.72 18.20
N ARG A 355 -61.68 -22.47 17.15
CA ARG A 355 -60.55 -23.39 17.25
C ARG A 355 -59.25 -22.64 17.52
N ASN A 356 -59.07 -21.49 16.87
CA ASN A 356 -57.93 -20.63 17.13
C ASN A 356 -58.14 -19.89 18.45
N VAL A 357 -57.15 -19.98 19.34
CA VAL A 357 -57.26 -19.34 20.65
C VAL A 357 -56.65 -17.95 20.69
N TRP A 358 -55.87 -17.57 19.67
CA TRP A 358 -55.29 -16.24 19.58
C TRP A 358 -56.07 -15.32 18.65
N PHE A 359 -57.26 -15.75 18.21
CA PHE A 359 -57.97 -15.00 17.17
C PHE A 359 -58.62 -13.73 17.69
N ALA A 360 -59.04 -13.71 18.96
CA ALA A 360 -59.62 -12.48 19.51
C ALA A 360 -58.58 -11.37 19.60
N GLU A 361 -57.37 -11.71 20.06
CA GLU A 361 -56.30 -10.73 20.11
C GLU A 361 -55.95 -10.21 18.72
N PHE A 362 -55.94 -11.11 17.72
CA PHE A 362 -55.70 -10.69 16.35
C PHE A 362 -56.81 -9.75 15.86
N TRP A 363 -58.06 -10.07 16.19
CA TRP A 363 -59.18 -9.22 15.83
C TRP A 363 -59.00 -7.82 16.40
N GLU A 364 -58.67 -7.75 17.69
CA GLU A 364 -58.50 -6.45 18.34
C GLU A 364 -57.35 -5.66 17.72
N GLU A 365 -56.19 -6.29 17.55
CA GLU A 365 -55.04 -5.59 17.01
C GLU A 365 -55.17 -5.32 15.52
N ASN A 366 -56.15 -5.93 14.83
CA ASN A 366 -56.34 -5.70 13.42
C ASN A 366 -57.34 -4.58 13.15
N PHE A 367 -58.54 -4.69 13.72
CA PHE A 367 -59.60 -3.73 13.44
C PHE A 367 -59.61 -2.52 14.38
N GLY A 368 -58.67 -2.46 15.32
CA GLY A 368 -58.49 -1.27 16.14
C GLY A 368 -59.47 -1.09 17.27
N CYS A 369 -60.26 -2.10 17.59
CA CYS A 369 -61.24 -2.01 18.67
C CYS A 369 -60.90 -3.03 19.74
N LYS A 370 -61.64 -2.97 20.85
CA LYS A 370 -61.49 -3.92 21.95
C LYS A 370 -62.85 -4.51 22.27
N LEU A 371 -62.90 -5.83 22.36
CA LEU A 371 -64.14 -6.53 22.65
C LEU A 371 -64.10 -7.20 24.03
N ILE A 381 -61.29 3.00 23.94
CA ILE A 381 -61.23 3.17 22.49
C ILE A 381 -62.55 2.70 21.87
N LYS A 382 -62.47 2.30 20.60
CA LYS A 382 -63.66 1.83 19.91
C LYS A 382 -64.12 0.48 20.47
N LYS A 383 -65.41 0.22 20.32
CA LYS A 383 -66.03 -1.02 20.79
C LYS A 383 -66.33 -1.91 19.60
N CYS A 384 -65.85 -3.15 19.64
CA CYS A 384 -66.06 -4.08 18.54
C CYS A 384 -67.54 -4.44 18.42
N THR A 385 -68.06 -4.39 17.20
CA THR A 385 -69.43 -4.78 16.95
C THR A 385 -69.58 -6.27 16.68
N GLY A 386 -68.48 -7.00 16.55
CA GLY A 386 -68.56 -8.41 16.23
C GLY A 386 -69.08 -8.71 14.85
N LEU A 387 -69.02 -7.74 13.93
CA LEU A 387 -69.53 -7.90 12.59
C LEU A 387 -68.56 -7.49 11.50
N GLU A 388 -67.32 -7.15 11.86
CA GLU A 388 -66.34 -6.76 10.86
C GLU A 388 -65.89 -7.97 10.05
N ARG A 389 -65.45 -7.70 8.82
CA ARG A 389 -64.89 -8.72 7.95
C ARG A 389 -63.54 -8.26 7.44
N ILE A 390 -62.59 -9.21 7.38
CA ILE A 390 -61.24 -8.89 6.93
C ILE A 390 -61.26 -8.54 5.44
N ALA A 391 -60.24 -7.78 5.03
CA ALA A 391 -60.02 -7.31 3.66
C ALA A 391 -61.02 -6.25 3.23
N ARG A 392 -61.99 -5.91 4.07
CA ARG A 392 -62.92 -4.81 3.82
C ARG A 392 -62.68 -3.63 4.75
N ASP A 393 -62.61 -3.88 6.05
CA ASP A 393 -62.36 -2.83 7.03
C ASP A 393 -60.88 -2.57 7.26
N SER A 394 -60.00 -3.38 6.68
CA SER A 394 -58.57 -3.19 6.80
C SER A 394 -57.89 -3.76 5.57
N SER A 395 -56.68 -3.27 5.29
CA SER A 395 -55.90 -3.79 4.18
C SER A 395 -55.43 -5.21 4.47
N TYR A 396 -55.46 -6.06 3.45
CA TYR A 396 -55.11 -7.45 3.59
C TYR A 396 -54.10 -7.85 2.53
N GLU A 397 -53.12 -8.65 2.93
CA GLU A 397 -52.10 -9.16 2.01
C GLU A 397 -51.51 -10.43 2.60
N GLN A 398 -51.30 -11.43 1.75
CA GLN A 398 -50.76 -12.70 2.21
C GLN A 398 -49.32 -12.56 2.67
N GLU A 399 -48.97 -13.34 3.68
CA GLU A 399 -47.57 -13.53 4.04
C GLU A 399 -46.89 -14.38 2.97
N GLY A 400 -45.61 -14.11 2.73
CA GLY A 400 -44.90 -14.74 1.62
C GLY A 400 -44.63 -16.22 1.80
N LYS A 401 -44.67 -16.71 3.04
CA LYS A 401 -44.24 -18.08 3.35
C LYS A 401 -45.41 -18.99 3.71
N VAL A 402 -46.53 -18.84 3.01
CA VAL A 402 -47.66 -19.76 3.20
C VAL A 402 -47.46 -21.03 2.37
N GLN A 403 -46.97 -20.86 1.13
CA GLN A 403 -46.76 -21.99 0.24
C GLN A 403 -45.80 -23.00 0.86
N PHE A 404 -44.75 -22.52 1.52
CA PHE A 404 -43.76 -23.44 2.10
C PHE A 404 -44.35 -24.24 3.25
N VAL A 405 -45.17 -23.61 4.09
CA VAL A 405 -45.83 -24.33 5.19
C VAL A 405 -46.75 -25.40 4.64
N ILE A 406 -47.56 -25.04 3.63
CA ILE A 406 -48.48 -26.01 3.04
C ILE A 406 -47.69 -27.15 2.41
N ASP A 407 -46.57 -26.84 1.76
CA ASP A 407 -45.76 -27.87 1.13
C ASP A 407 -45.14 -28.80 2.16
N ALA A 408 -44.69 -28.27 3.29
CA ALA A 408 -44.16 -29.13 4.34
C ALA A 408 -45.22 -30.07 4.89
N VAL A 409 -46.42 -29.55 5.14
CA VAL A 409 -47.50 -30.40 5.65
C VAL A 409 -47.84 -31.48 4.64
N TYR A 410 -47.94 -31.11 3.36
CA TYR A 410 -48.26 -32.10 2.33
C TYR A 410 -47.14 -33.11 2.15
N SER A 411 -45.88 -32.71 2.34
CA SER A 411 -44.77 -33.65 2.28
C SER A 411 -44.87 -34.69 3.38
N MET A 412 -45.18 -34.26 4.60
CA MET A 412 -45.38 -35.21 5.68
C MET A 412 -46.53 -36.15 5.38
N ALA A 413 -47.63 -35.62 4.85
CA ALA A 413 -48.78 -36.46 4.52
C ALA A 413 -48.43 -37.49 3.45
N TYR A 414 -47.68 -37.07 2.41
CA TYR A 414 -47.31 -37.99 1.35
C TYR A 414 -46.34 -39.06 1.83
N ALA A 415 -45.43 -38.69 2.73
CA ALA A 415 -44.54 -39.69 3.31
C ALA A 415 -45.33 -40.73 4.09
N LEU A 416 -46.30 -40.27 4.90
CA LEU A 416 -47.13 -41.21 5.64
C LEU A 416 -47.94 -42.09 4.69
N HIS A 417 -48.44 -41.52 3.59
CA HIS A 417 -49.20 -42.28 2.61
C HIS A 417 -48.35 -43.40 1.99
N ASN A 418 -47.13 -43.06 1.59
CA ASN A 418 -46.25 -44.06 0.98
C ASN A 418 -45.88 -45.14 1.98
N MET A 419 -45.59 -44.75 3.23
CA MET A 419 -45.28 -45.73 4.27
C MET A 419 -46.45 -46.67 4.50
N HIS A 420 -47.66 -46.14 4.56
CA HIS A 420 -48.84 -46.99 4.74
C HIS A 420 -49.02 -47.91 3.55
N LYS A 421 -48.79 -47.42 2.34
CA LYS A 421 -48.93 -48.25 1.16
C LYS A 421 -47.96 -49.42 1.17
N ASP A 422 -46.72 -49.19 1.62
CA ASP A 422 -45.76 -50.29 1.64
C ASP A 422 -46.00 -51.25 2.81
N LEU A 423 -46.08 -50.73 4.03
CA LEU A 423 -46.10 -51.61 5.20
C LEU A 423 -47.44 -52.32 5.38
N CYS A 424 -48.56 -51.63 5.15
CA CYS A 424 -49.89 -52.21 5.38
C CYS A 424 -50.61 -52.33 4.04
N PRO A 425 -50.34 -53.37 3.25
CA PRO A 425 -50.94 -53.45 1.91
C PRO A 425 -52.37 -53.98 1.95
N GLY A 426 -53.16 -53.49 0.99
CA GLY A 426 -54.50 -53.99 0.78
C GLY A 426 -55.41 -53.90 1.98
N TYR A 427 -55.32 -52.80 2.73
CA TYR A 427 -56.09 -52.64 3.95
C TYR A 427 -56.71 -51.25 3.94
N ILE A 428 -57.88 -51.14 4.56
CA ILE A 428 -58.61 -49.87 4.64
C ILE A 428 -58.41 -49.35 6.06
N GLY A 429 -57.71 -48.22 6.18
CA GLY A 429 -57.42 -47.66 7.47
C GLY A 429 -56.00 -47.91 7.92
N LEU A 430 -55.84 -48.38 9.15
CA LEU A 430 -54.53 -48.55 9.77
C LEU A 430 -54.38 -50.00 10.22
N CYS A 431 -53.33 -50.67 9.74
CA CYS A 431 -53.14 -52.08 10.08
C CYS A 431 -52.50 -52.20 11.45
N PRO A 432 -52.70 -53.34 12.13
CA PRO A 432 -52.12 -53.50 13.47
C PRO A 432 -50.61 -53.37 13.50
N ARG A 433 -49.92 -53.68 12.39
CA ARG A 433 -48.45 -53.59 12.32
C ARG A 433 -48.03 -52.13 12.40
N MET A 434 -48.94 -51.25 12.02
CA MET A 434 -48.69 -49.81 12.05
C MET A 434 -49.20 -49.15 13.33
N SER A 435 -49.12 -49.85 14.46
CA SER A 435 -49.54 -49.26 15.72
C SER A 435 -48.65 -48.09 16.13
N THR A 436 -47.35 -48.16 15.85
CA THR A 436 -46.42 -47.11 16.21
C THR A 436 -45.58 -46.77 14.99
N ILE A 437 -45.52 -45.47 14.65
CA ILE A 437 -44.74 -45.04 13.50
C ILE A 437 -43.26 -45.08 13.84
N ASP A 438 -42.46 -45.62 12.92
CA ASP A 438 -41.02 -45.71 13.10
C ASP A 438 -40.35 -44.46 12.56
N GLY A 439 -39.54 -43.82 13.39
CA GLY A 439 -38.97 -42.53 13.02
C GLY A 439 -37.98 -42.61 11.87
N LYS A 440 -37.06 -43.57 11.93
CA LYS A 440 -36.01 -43.66 10.91
C LYS A 440 -36.60 -43.99 9.54
N GLU A 441 -37.52 -44.96 9.50
CA GLU A 441 -38.16 -45.29 8.23
C GLU A 441 -39.01 -44.15 7.72
N LEU A 442 -39.66 -43.41 8.63
CA LEU A 442 -40.43 -42.24 8.22
C LEU A 442 -39.53 -41.18 7.60
N LEU A 443 -38.35 -40.95 8.19
CA LEU A 443 -37.41 -40.01 7.60
C LEU A 443 -36.94 -40.49 6.22
N GLY A 444 -36.66 -41.78 6.09
CA GLY A 444 -36.28 -42.32 4.80
C GLY A 444 -37.36 -42.11 3.75
N TYR A 445 -38.62 -42.27 4.13
CA TYR A 445 -39.72 -42.02 3.20
C TYR A 445 -39.85 -40.53 2.90
N ILE A 446 -39.59 -39.68 3.89
CA ILE A 446 -39.66 -38.23 3.69
C ILE A 446 -38.64 -37.79 2.65
N ARG A 447 -37.42 -38.33 2.72
CA ARG A 447 -36.36 -37.89 1.82
C ARG A 447 -36.61 -38.27 0.36
N ALA A 448 -37.58 -39.14 0.07
CA ALA A 448 -37.79 -39.65 -1.27
C ALA A 448 -39.20 -39.37 -1.79
N VAL A 449 -39.77 -38.21 -1.44
CA VAL A 449 -41.08 -37.82 -1.95
C VAL A 449 -40.90 -36.99 -3.20
N ASN A 450 -41.91 -37.03 -4.07
CA ASN A 450 -41.87 -36.28 -5.33
C ASN A 450 -43.32 -36.00 -5.73
N PHE A 451 -43.74 -34.75 -5.59
CA PHE A 451 -45.11 -34.36 -5.89
C PHE A 451 -45.14 -32.88 -6.26
N ASN A 452 -46.25 -32.46 -6.83
CA ASN A 452 -46.46 -31.06 -7.20
C ASN A 452 -47.20 -30.35 -6.07
N GLY A 453 -46.63 -29.26 -5.59
CA GLY A 453 -47.15 -28.56 -4.42
C GLY A 453 -48.39 -27.74 -4.72
N SER A 454 -48.61 -26.73 -3.86
CA SER A 454 -49.77 -25.87 -3.98
C SER A 454 -49.59 -24.74 -4.99
N ALA A 455 -48.40 -24.61 -5.59
CA ALA A 455 -48.15 -23.60 -6.60
C ALA A 455 -47.78 -24.20 -7.95
N GLY A 456 -48.00 -25.51 -8.14
CA GLY A 456 -47.65 -26.15 -9.38
C GLY A 456 -46.18 -26.40 -9.58
N THR A 457 -45.38 -26.35 -8.51
CA THR A 457 -43.94 -26.54 -8.60
C THR A 457 -43.52 -27.78 -7.84
N PRO A 458 -42.56 -28.54 -8.38
CA PRO A 458 -42.15 -29.78 -7.70
C PRO A 458 -41.49 -29.51 -6.36
N VAL A 459 -41.66 -30.47 -5.45
CA VAL A 459 -41.05 -30.44 -4.13
C VAL A 459 -40.21 -31.70 -3.99
N THR A 460 -38.91 -31.53 -3.86
CA THR A 460 -37.98 -32.64 -3.78
C THR A 460 -36.90 -32.33 -2.74
N PHE A 461 -36.19 -33.37 -2.32
CA PHE A 461 -35.13 -33.24 -1.33
C PHE A 461 -33.85 -33.89 -1.85
N ASN A 462 -32.73 -33.44 -1.31
CA ASN A 462 -31.43 -34.02 -1.59
C ASN A 462 -31.25 -35.27 -0.74
N GLU A 463 -30.02 -35.81 -0.73
CA GLU A 463 -29.68 -36.86 0.22
C GLU A 463 -29.36 -36.30 1.61
N ASN A 464 -29.29 -34.97 1.74
CA ASN A 464 -29.09 -34.33 3.03
C ASN A 464 -30.37 -33.77 3.62
N GLY A 465 -31.44 -33.66 2.84
CA GLY A 465 -32.70 -33.13 3.29
C GLY A 465 -32.97 -31.69 2.90
N ASP A 466 -32.11 -31.08 2.10
CA ASP A 466 -32.30 -29.69 1.68
C ASP A 466 -33.20 -29.64 0.46
N ALA A 467 -33.29 -28.46 -0.16
CA ALA A 467 -34.06 -28.25 -1.37
C ALA A 467 -33.20 -27.55 -2.40
N PRO A 468 -33.49 -27.76 -3.70
CA PRO A 468 -32.69 -27.11 -4.73
C PRO A 468 -32.81 -25.59 -4.68
N GLY A 469 -31.73 -24.91 -5.04
CA GLY A 469 -31.70 -23.47 -5.01
C GLY A 469 -32.36 -22.82 -6.21
N ARG A 470 -33.46 -22.11 -5.99
CA ARG A 470 -34.20 -21.44 -7.06
C ARG A 470 -34.62 -20.08 -6.54
N TYR A 471 -33.97 -19.02 -7.04
CA TYR A 471 -34.15 -17.68 -6.50
C TYR A 471 -34.59 -16.71 -7.59
N ASP A 472 -35.27 -15.65 -7.15
CA ASP A 472 -35.62 -14.50 -7.97
C ASP A 472 -34.90 -13.27 -7.40
N ILE A 473 -34.61 -12.32 -8.29
CA ILE A 473 -33.83 -11.13 -7.95
C ILE A 473 -34.69 -9.89 -8.18
N PHE A 474 -34.72 -9.02 -7.18
CA PHE A 474 -35.47 -7.77 -7.24
C PHE A 474 -34.52 -6.59 -7.10
N GLN A 475 -34.93 -5.44 -7.63
CA GLN A 475 -34.22 -4.19 -7.45
C GLN A 475 -35.22 -3.09 -7.11
N TYR A 476 -34.92 -2.32 -6.06
CA TYR A 476 -35.75 -1.19 -5.70
C TYR A 476 -35.49 -0.04 -6.67
N GLN A 477 -36.56 0.52 -7.23
CA GLN A 477 -36.43 1.55 -8.25
C GLN A 477 -37.43 2.66 -7.99
N ILE A 478 -37.00 3.90 -8.22
CA ILE A 478 -37.84 5.08 -8.07
C ILE A 478 -37.98 5.73 -9.43
N THR A 479 -39.22 5.77 -9.95
CA THR A 479 -39.54 6.47 -11.19
C THR A 479 -40.71 7.39 -10.90
N ASN A 480 -40.47 8.70 -10.99
CA ASN A 480 -41.48 9.71 -10.71
C ASN A 480 -42.01 9.56 -9.29
N LYS A 481 -43.24 9.05 -9.15
CA LYS A 481 -43.84 8.84 -7.84
C LYS A 481 -44.00 7.38 -7.46
N SER A 482 -43.99 6.47 -8.43
CA SER A 482 -44.19 5.04 -8.16
C SER A 482 -42.86 4.38 -7.85
N THR A 483 -42.81 3.69 -6.71
CA THR A 483 -41.65 2.91 -6.30
C THR A 483 -42.08 1.48 -6.02
N GLU A 484 -41.28 0.52 -6.46
CA GLU A 484 -41.65 -0.88 -6.35
C GLU A 484 -40.45 -1.75 -6.66
N TYR A 485 -40.39 -2.92 -6.01
CA TYR A 485 -39.36 -3.91 -6.30
C TYR A 485 -39.67 -4.59 -7.64
N LYS A 486 -38.74 -4.49 -8.58
CA LYS A 486 -38.95 -4.97 -9.94
C LYS A 486 -38.07 -6.19 -10.20
N VAL A 487 -38.66 -7.21 -10.83
CA VAL A 487 -37.96 -8.45 -11.11
C VAL A 487 -37.01 -8.24 -12.28
N ILE A 488 -35.76 -8.64 -12.12
CA ILE A 488 -34.75 -8.46 -13.15
C ILE A 488 -34.08 -9.75 -13.57
N GLY A 489 -34.17 -10.82 -12.80
CA GLY A 489 -33.50 -12.06 -13.17
C GLY A 489 -33.74 -13.13 -12.12
N HIS A 490 -33.11 -14.27 -12.35
CA HIS A 490 -33.28 -15.42 -11.47
C HIS A 490 -31.99 -16.21 -11.38
N TRP A 491 -32.02 -17.24 -10.52
CA TRP A 491 -30.86 -18.09 -10.27
C TRP A 491 -31.38 -19.51 -10.04
N THR A 492 -31.22 -20.36 -11.04
CA THR A 492 -31.60 -21.77 -10.97
C THR A 492 -30.39 -22.58 -11.42
N ASN A 493 -29.49 -22.86 -10.49
CA ASN A 493 -28.21 -23.54 -10.71
C ASN A 493 -27.27 -22.74 -11.60
N GLN A 494 -27.67 -21.56 -12.06
CA GLN A 494 -26.86 -20.69 -12.90
C GLN A 494 -27.57 -19.35 -13.01
N LEU A 495 -26.78 -18.28 -13.00
CA LEU A 495 -27.35 -16.93 -13.01
C LEU A 495 -28.00 -16.61 -14.35
N HIS A 496 -29.10 -15.85 -14.28
CA HIS A 496 -29.76 -15.30 -15.47
C HIS A 496 -30.15 -13.88 -15.10
N LEU A 497 -29.33 -12.91 -15.49
CA LEU A 497 -29.46 -11.52 -15.08
C LEU A 497 -29.59 -10.64 -16.31
N LYS A 498 -30.68 -9.87 -16.38
CA LYS A 498 -30.92 -8.95 -17.49
C LYS A 498 -30.44 -7.56 -17.05
N VAL A 499 -29.22 -7.19 -17.46
CA VAL A 499 -28.65 -5.91 -17.05
C VAL A 499 -29.30 -4.73 -17.75
N GLU A 500 -29.96 -4.94 -18.89
CA GLU A 500 -30.57 -3.84 -19.63
C GLU A 500 -31.75 -3.21 -18.90
N ASP A 501 -32.27 -3.85 -17.85
CA ASP A 501 -33.40 -3.32 -17.10
C ASP A 501 -32.99 -2.84 -15.71
N MET A 502 -31.70 -2.63 -15.48
CA MET A 502 -31.20 -2.14 -14.20
C MET A 502 -31.17 -0.62 -14.24
N GLN A 503 -31.84 0.01 -13.28
CA GLN A 503 -31.99 1.46 -13.24
C GLN A 503 -31.32 2.00 -11.97
N TRP A 504 -30.09 2.45 -12.12
CA TRP A 504 -29.36 3.05 -11.02
C TRP A 504 -29.58 4.57 -10.98
N ALA A 505 -29.52 5.12 -9.77
CA ALA A 505 -29.62 6.57 -9.55
C ALA A 505 -30.84 7.18 -10.24
N THR A 510 -23.87 5.94 -16.53
CA THR A 510 -24.53 4.67 -16.80
C THR A 510 -24.36 3.70 -15.64
N HIS A 511 -23.74 2.56 -15.91
CA HIS A 511 -23.57 1.54 -14.88
C HIS A 511 -22.50 1.99 -13.89
N PRO A 512 -22.74 1.85 -12.59
CA PRO A 512 -21.76 2.31 -11.59
C PRO A 512 -20.52 1.44 -11.52
N ALA A 513 -19.64 1.71 -10.56
CA ALA A 513 -18.41 0.94 -10.47
C ALA A 513 -17.98 0.83 -9.01
N SER A 514 -17.44 -0.33 -8.64
CA SER A 514 -16.85 -0.56 -7.32
C SER A 514 -15.57 -1.36 -7.55
N VAL A 515 -14.46 -0.66 -7.76
CA VAL A 515 -13.18 -1.27 -8.06
C VAL A 515 -12.11 -0.63 -7.19
N CYS A 516 -11.14 -1.44 -6.76
CA CYS A 516 -10.08 -0.92 -5.91
C CYS A 516 -9.13 -0.01 -6.67
N SER A 517 -8.74 -0.43 -7.89
CA SER A 517 -7.81 0.33 -8.71
C SER A 517 -8.36 0.48 -10.12
N LEU A 518 -8.23 1.68 -10.67
CA LEU A 518 -8.70 1.92 -12.02
C LEU A 518 -7.76 1.27 -13.02
N PRO A 519 -8.26 0.91 -14.21
CA PRO A 519 -7.37 0.41 -15.26
C PRO A 519 -6.42 1.52 -15.73
N CYS A 520 -5.13 1.21 -15.69
CA CYS A 520 -4.12 2.23 -15.95
C CYS A 520 -3.91 2.43 -17.44
N LYS A 521 -3.29 3.56 -17.77
CA LYS A 521 -2.92 3.94 -19.12
C LYS A 521 -1.78 3.04 -19.61
N PRO A 522 -1.30 3.22 -20.86
CA PRO A 522 -0.27 2.31 -21.40
C PRO A 522 1.04 2.21 -20.62
N GLY A 523 1.71 3.34 -20.37
CA GLY A 523 3.07 3.29 -19.84
C GLY A 523 3.22 3.48 -18.35
N GLU A 524 3.37 2.37 -17.61
CA GLU A 524 3.59 2.40 -16.16
C GLU A 524 4.32 1.12 -15.77
N ARG A 525 4.47 0.92 -14.47
CA ARG A 525 4.86 -0.37 -13.91
C ARG A 525 3.87 -0.77 -12.83
N LYS A 526 3.10 -1.82 -13.08
CA LYS A 526 2.07 -2.26 -12.16
C LYS A 526 2.69 -3.04 -11.02
N LYS A 527 2.45 -2.59 -9.78
CA LYS A 527 2.98 -3.21 -8.59
C LYS A 527 1.82 -3.81 -7.80
N THR A 528 1.59 -5.12 -7.97
CA THR A 528 0.54 -5.78 -7.22
C THR A 528 0.89 -5.81 -5.74
N VAL A 529 -0.04 -5.38 -4.90
CA VAL A 529 0.20 -5.37 -3.46
C VAL A 529 0.25 -6.80 -2.95
N LYS A 530 1.08 -7.02 -1.93
CA LYS A 530 1.16 -8.33 -1.30
C LYS A 530 -0.19 -8.69 -0.69
N GLY A 531 -0.52 -9.98 -0.76
CA GLY A 531 -1.80 -10.44 -0.27
C GLY A 531 -2.91 -10.32 -1.31
N VAL A 532 -3.74 -9.30 -1.18
CA VAL A 532 -4.92 -9.16 -2.05
C VAL A 532 -4.46 -8.90 -3.48
N PRO A 533 -4.91 -9.67 -4.46
CA PRO A 533 -4.56 -9.41 -5.87
C PRO A 533 -5.39 -8.33 -6.55
N CYS A 534 -6.37 -7.75 -5.86
CA CYS A 534 -7.33 -6.85 -6.49
C CYS A 534 -6.81 -5.43 -6.63
N CYS A 535 -5.90 -5.00 -5.78
CA CYS A 535 -5.43 -3.62 -5.75
C CYS A 535 -4.02 -3.52 -6.29
N TRP A 536 -3.79 -2.59 -7.21
CA TRP A 536 -2.47 -2.31 -7.76
C TRP A 536 -2.27 -0.80 -7.78
N HIS A 537 -1.04 -0.37 -7.49
CA HIS A 537 -0.66 1.03 -7.59
C HIS A 537 0.28 1.18 -8.78
N CYS A 538 -0.16 1.92 -9.80
CA CYS A 538 0.58 2.05 -11.03
C CYS A 538 1.07 3.49 -11.17
N GLU A 539 2.37 3.64 -11.45
CA GLU A 539 3.01 4.93 -11.61
C GLU A 539 3.84 4.92 -12.89
N ARG A 540 3.94 6.09 -13.52
CA ARG A 540 4.62 6.25 -14.79
C ARG A 540 6.11 6.51 -14.56
N CYS A 541 6.96 5.70 -15.18
CA CYS A 541 8.39 5.79 -15.02
C CYS A 541 8.93 7.02 -15.76
N GLU A 542 10.24 7.23 -15.72
CA GLU A 542 10.85 8.45 -16.19
C GLU A 542 10.74 8.57 -17.71
N GLY A 543 11.15 9.73 -18.23
CA GLY A 543 11.16 9.94 -19.67
C GLY A 543 12.31 9.28 -20.39
N TYR A 544 13.29 8.75 -19.66
CA TYR A 544 14.43 8.09 -20.28
C TYR A 544 14.17 6.62 -20.53
N ASN A 545 13.05 6.08 -20.07
CA ASN A 545 12.76 4.67 -20.21
C ASN A 545 11.55 4.45 -21.13
N TYR A 546 11.37 3.20 -21.53
CA TYR A 546 10.16 2.81 -22.25
C TYR A 546 9.36 1.86 -21.36
N GLN A 547 8.28 1.32 -21.92
CA GLN A 547 7.45 0.35 -21.23
C GLN A 547 7.69 -1.02 -21.82
N VAL A 548 8.39 -1.89 -21.08
CA VAL A 548 8.53 -3.28 -21.50
C VAL A 548 7.18 -3.96 -21.49
N ASP A 549 6.46 -3.84 -20.38
CA ASP A 549 5.13 -4.41 -20.21
C ASP A 549 4.42 -3.57 -19.16
N GLU A 550 3.22 -4.01 -18.79
CA GLU A 550 2.52 -3.32 -17.72
C GLU A 550 3.20 -3.46 -16.37
N LEU A 551 4.27 -4.25 -16.29
CA LEU A 551 4.91 -4.54 -15.01
C LEU A 551 6.26 -3.87 -14.81
N SER A 552 6.93 -3.43 -15.87
CA SER A 552 8.31 -2.96 -15.73
C SER A 552 8.62 -1.93 -16.82
N CYS A 553 9.69 -1.16 -16.56
CA CYS A 553 10.23 -0.20 -17.51
C CYS A 553 11.70 -0.50 -17.76
N GLU A 554 12.20 -0.03 -18.90
CA GLU A 554 13.59 -0.24 -19.27
C GLU A 554 14.02 0.92 -20.17
N LEU A 555 15.32 1.19 -20.21
CA LEU A 555 15.87 2.30 -20.99
C LEU A 555 16.38 1.77 -22.33
N CYS A 556 15.55 1.89 -23.36
CA CYS A 556 16.03 1.70 -24.73
C CYS A 556 17.12 2.69 -25.11
N PRO A 557 17.03 3.99 -24.79
CA PRO A 557 18.06 4.92 -25.27
C PRO A 557 19.43 4.75 -24.62
N LEU A 558 20.02 3.56 -24.72
CA LEU A 558 21.44 3.45 -24.39
C LEU A 558 22.27 4.18 -25.43
N ASP A 559 21.82 4.14 -26.70
CA ASP A 559 22.38 4.96 -27.76
C ASP A 559 21.26 5.46 -28.66
N GLN A 560 20.07 5.68 -28.12
CA GLN A 560 18.88 6.03 -28.90
C GLN A 560 18.03 7.06 -28.17
N ARG A 561 16.76 7.19 -28.57
CA ARG A 561 15.79 7.99 -27.84
C ARG A 561 14.49 7.20 -27.70
N PRO A 562 13.71 7.45 -26.66
CA PRO A 562 12.43 6.76 -26.50
C PRO A 562 11.34 7.36 -27.38
N ASN A 563 10.30 6.56 -27.61
CA ASN A 563 9.16 6.98 -28.38
C ASN A 563 8.26 7.87 -27.52
N MET A 564 7.33 8.58 -28.17
CA MET A 564 6.47 9.51 -27.45
C MET A 564 5.56 8.79 -26.44
N ASN A 565 5.18 7.55 -26.72
CA ASN A 565 4.30 6.82 -25.82
C ASN A 565 5.03 6.20 -24.64
N ARG A 566 6.35 6.41 -24.52
CA ARG A 566 7.16 5.81 -23.46
C ARG A 566 7.04 4.29 -23.48
N THR A 567 6.87 3.72 -24.66
CA THR A 567 6.79 2.27 -24.82
C THR A 567 7.75 1.79 -25.90
N GLY A 568 7.90 2.58 -26.97
CA GLY A 568 8.75 2.20 -28.08
C GLY A 568 10.13 2.81 -28.02
N CYS A 569 10.73 3.07 -29.19
CA CYS A 569 12.08 3.63 -29.25
C CYS A 569 12.19 4.41 -30.56
N GLN A 570 12.26 5.74 -30.45
CA GLN A 570 12.17 6.60 -31.62
C GLN A 570 13.54 6.77 -32.27
N LEU A 571 13.53 7.16 -33.56
CA LEU A 571 14.76 7.43 -34.29
C LEU A 571 15.37 8.73 -33.79
N ILE A 572 16.70 8.75 -33.73
CA ILE A 572 17.40 9.85 -33.06
C ILE A 572 17.47 11.06 -34.01
N PRO A 573 17.10 12.25 -33.57
CA PRO A 573 17.32 13.44 -34.41
C PRO A 573 18.81 13.75 -34.53
N ILE A 574 19.16 14.34 -35.66
CA ILE A 574 20.56 14.65 -35.96
C ILE A 574 20.60 15.93 -36.80
N ILE A 575 21.61 16.75 -36.54
CA ILE A 575 21.81 18.00 -37.25
C ILE A 575 23.14 17.95 -38.00
N LYS A 576 23.35 18.93 -38.87
CA LYS A 576 24.56 19.00 -39.68
C LYS A 576 24.74 20.44 -40.13
N LEU A 577 25.66 20.65 -41.08
CA LEU A 577 25.96 21.97 -41.61
C LEU A 577 25.88 21.95 -43.13
N GLU A 578 24.88 21.25 -43.67
CA GLU A 578 24.71 21.07 -45.09
C GLU A 578 24.20 22.34 -45.76
N TRP A 579 25.11 23.24 -46.13
CA TRP A 579 24.82 24.42 -46.93
C TRP A 579 23.78 25.34 -46.27
N HIS A 580 23.47 25.11 -45.00
CA HIS A 580 22.47 25.93 -44.32
C HIS A 580 22.93 27.38 -44.25
N SER A 581 21.96 28.29 -44.36
CA SER A 581 22.28 29.72 -44.44
C SER A 581 23.02 30.25 -43.20
N PRO A 582 22.56 30.02 -41.97
CA PRO A 582 23.29 30.59 -40.83
C PRO A 582 24.71 30.04 -40.72
N TRP A 583 25.63 30.93 -40.37
CA TRP A 583 27.03 30.59 -40.05
C TRP A 583 27.73 29.85 -41.19
N ALA A 584 27.19 29.88 -42.41
CA ALA A 584 27.85 29.23 -43.53
C ALA A 584 27.85 30.01 -44.83
N VAL A 585 27.09 31.10 -44.95
CA VAL A 585 27.04 31.85 -46.20
C VAL A 585 28.08 32.96 -46.27
N VAL A 586 28.50 33.52 -45.14
CA VAL A 586 29.58 34.51 -45.16
C VAL A 586 30.88 33.92 -45.67
N PRO A 587 31.34 32.74 -45.21
CA PRO A 587 32.59 32.19 -45.75
C PRO A 587 32.56 31.97 -47.24
N VAL A 588 31.48 31.42 -47.78
CA VAL A 588 31.43 31.22 -49.23
C VAL A 588 31.30 32.56 -49.94
N PHE A 589 30.62 33.53 -49.34
CA PHE A 589 30.48 34.84 -49.95
C PHE A 589 31.84 35.52 -50.11
N VAL A 590 32.70 35.43 -49.09
CA VAL A 590 34.03 36.03 -49.22
C VAL A 590 34.93 35.15 -50.08
N ALA A 591 34.71 33.83 -50.09
CA ALA A 591 35.53 32.94 -50.89
C ALA A 591 35.33 33.19 -52.38
N ILE A 592 34.09 33.45 -52.80
CA ILE A 592 33.83 33.73 -54.21
C ILE A 592 34.58 34.99 -54.64
N LEU A 593 34.51 36.04 -53.82
CA LEU A 593 35.20 37.28 -54.15
C LEU A 593 36.71 37.08 -54.21
N GLY A 594 37.26 36.33 -53.24
CA GLY A 594 38.69 36.07 -53.27
C GLY A 594 39.11 35.29 -54.50
N ILE A 595 38.31 34.29 -54.88
CA ILE A 595 38.61 33.50 -56.08
C ILE A 595 38.58 34.39 -57.32
N ILE A 596 37.58 35.27 -57.41
CA ILE A 596 37.48 36.15 -58.56
C ILE A 596 38.69 37.08 -58.63
N ALA A 597 39.09 37.65 -57.49
CA ALA A 597 40.23 38.56 -57.48
C ALA A 597 41.51 37.84 -57.88
N THR A 598 41.75 36.65 -57.31
CA THR A 598 42.95 35.90 -57.64
C THR A 598 42.96 35.50 -59.12
N THR A 599 41.80 35.10 -59.64
CA THR A 599 41.71 34.74 -61.06
C THR A 599 42.01 35.93 -61.94
N PHE A 600 41.48 37.11 -61.59
CA PHE A 600 41.76 38.30 -62.38
C PHE A 600 43.25 38.64 -62.36
N VAL A 601 43.88 38.54 -61.19
CA VAL A 601 45.30 38.85 -61.07
C VAL A 601 46.13 37.90 -61.92
N ILE A 602 45.89 36.59 -61.79
CA ILE A 602 46.70 35.62 -62.51
C ILE A 602 46.45 35.72 -64.01
N VAL A 603 45.21 35.96 -64.43
CA VAL A 603 44.91 36.10 -65.85
C VAL A 603 45.58 37.34 -66.42
N THR A 604 45.61 38.43 -65.65
CA THR A 604 46.35 39.61 -66.09
C THR A 604 47.82 39.31 -66.26
N PHE A 605 48.41 38.57 -65.32
CA PHE A 605 49.84 38.26 -65.43
C PHE A 605 50.14 37.32 -66.59
N VAL A 606 49.21 36.39 -66.91
CA VAL A 606 49.50 35.34 -67.88
C VAL A 606 49.87 35.96 -69.23
N ARG A 607 49.06 36.90 -69.73
CA ARG A 607 49.35 37.49 -71.03
C ARG A 607 50.59 38.37 -71.01
N TYR A 608 51.06 38.77 -69.82
CA TYR A 608 52.18 39.70 -69.69
C TYR A 608 53.37 39.04 -68.99
N ASN A 609 53.66 37.78 -69.33
CA ASN A 609 54.78 37.07 -68.71
C ASN A 609 56.13 37.67 -69.08
N ASP A 610 56.21 38.45 -70.15
CA ASP A 610 57.45 39.05 -70.62
C ASP A 610 57.65 40.45 -70.03
N THR A 611 56.66 40.97 -69.32
CA THR A 611 56.70 42.36 -68.87
C THR A 611 57.90 42.55 -67.92
N PRO A 612 58.63 43.67 -68.05
CA PRO A 612 59.83 43.86 -67.21
C PRO A 612 59.58 43.78 -65.72
N ILE A 613 58.45 44.30 -65.24
CA ILE A 613 58.17 44.18 -63.80
C ILE A 613 57.86 42.74 -63.45
N VAL A 614 57.26 41.99 -64.39
CA VAL A 614 57.06 40.56 -64.17
C VAL A 614 58.39 39.84 -64.08
N ARG A 615 59.33 40.17 -64.97
CA ARG A 615 60.66 39.56 -64.92
C ARG A 615 61.37 39.91 -63.62
N ALA A 616 61.23 41.15 -63.16
CA ALA A 616 61.81 41.53 -61.87
C ALA A 616 61.17 40.74 -60.74
N SER A 617 59.86 40.50 -60.81
CA SER A 617 59.19 39.67 -59.82
C SER A 617 59.51 38.20 -60.01
N GLY A 618 60.01 37.81 -61.18
CA GLY A 618 60.26 36.42 -61.49
C GLY A 618 59.18 35.85 -62.38
N ARG A 619 59.57 35.23 -63.49
CA ARG A 619 58.58 34.75 -64.44
C ARG A 619 57.71 33.66 -63.84
N GLU A 620 58.32 32.73 -63.10
CA GLU A 620 57.56 31.67 -62.46
C GLU A 620 57.53 31.80 -60.93
N LEU A 621 58.18 32.81 -60.38
CA LEU A 621 58.14 33.03 -58.94
C LEU A 621 56.72 33.33 -58.47
N SER A 622 55.96 34.07 -59.28
CA SER A 622 54.62 34.49 -58.88
C SER A 622 53.61 33.34 -59.02
N TYR A 623 53.76 32.51 -60.05
CA TYR A 623 52.71 31.56 -60.40
C TYR A 623 52.48 30.54 -59.28
N VAL A 624 53.57 30.03 -58.69
CA VAL A 624 53.43 29.04 -57.62
C VAL A 624 52.71 29.65 -56.43
N LEU A 625 53.05 30.89 -56.08
CA LEU A 625 52.37 31.56 -54.97
C LEU A 625 50.90 31.74 -55.26
N LEU A 626 50.58 32.23 -56.46
CA LEU A 626 49.18 32.46 -56.80
C LEU A 626 48.40 31.15 -56.75
N THR A 627 49.01 30.06 -57.22
CA THR A 627 48.39 28.74 -57.07
C THR A 627 48.19 28.39 -55.60
N GLY A 628 49.16 28.73 -54.76
CA GLY A 628 49.03 28.42 -53.34
C GLY A 628 47.87 29.13 -52.67
N ILE A 629 47.75 30.44 -52.90
CA ILE A 629 46.62 31.17 -52.32
C ILE A 629 45.30 30.73 -52.97
N PHE A 630 45.33 30.34 -54.25
CA PHE A 630 44.12 29.80 -54.83
C PHE A 630 43.72 28.49 -54.15
N LEU A 631 44.71 27.68 -53.78
CA LEU A 631 44.43 26.47 -53.01
C LEU A 631 43.87 26.80 -51.64
N CYS A 632 44.38 27.85 -51.02
CA CYS A 632 43.83 28.30 -49.74
C CYS A 632 42.36 28.70 -49.89
N TYR A 633 42.02 29.40 -50.97
CA TYR A 633 40.63 29.73 -51.21
C TYR A 633 39.79 28.49 -51.46
N SER A 634 40.34 27.51 -52.19
CA SER A 634 39.65 26.24 -52.38
C SER A 634 39.37 25.57 -51.05
N ILE A 635 40.30 25.68 -50.11
CA ILE A 635 40.09 25.15 -48.76
C ILE A 635 38.98 25.90 -48.06
N THR A 636 39.08 27.24 -48.08
CA THR A 636 38.09 28.10 -47.35
C THR A 636 36.68 27.89 -47.89
N PHE A 637 36.56 27.46 -49.16
CA PHE A 637 35.24 27.29 -49.77
C PHE A 637 34.67 25.90 -49.53
N LEU A 638 35.33 24.86 -50.02
CA LEU A 638 34.75 23.51 -50.03
C LEU A 638 35.18 22.77 -48.76
N MET A 639 34.68 23.28 -47.63
CA MET A 639 34.92 22.65 -46.33
C MET A 639 33.65 22.85 -45.50
N ILE A 640 32.57 23.24 -46.16
CA ILE A 640 31.33 23.63 -45.50
C ILE A 640 30.19 22.78 -46.04
N ALA A 641 30.49 21.92 -47.00
CA ALA A 641 29.45 21.18 -47.70
C ALA A 641 28.87 20.07 -46.83
N ALA A 642 29.68 19.06 -46.49
CA ALA A 642 29.17 17.91 -45.76
C ALA A 642 30.28 17.03 -45.20
N PRO A 643 30.11 16.49 -44.00
CA PRO A 643 31.05 15.48 -43.51
C PRO A 643 30.73 14.07 -43.98
N ASP A 644 31.63 13.49 -44.76
CA ASP A 644 31.43 12.15 -45.30
C ASP A 644 32.80 11.48 -45.44
N THR A 645 32.83 10.34 -46.13
CA THR A 645 34.07 9.65 -46.45
C THR A 645 34.52 9.89 -47.89
N ILE A 646 33.90 10.85 -48.57
CA ILE A 646 34.19 11.14 -49.98
C ILE A 646 34.68 12.57 -50.15
N ILE A 647 34.02 13.53 -49.51
CA ILE A 647 34.28 14.94 -49.76
C ILE A 647 35.25 15.52 -48.73
N CYS A 648 34.95 15.37 -47.44
CA CYS A 648 35.84 15.93 -46.43
C CYS A 648 36.99 14.98 -46.11
N SER A 649 36.89 13.74 -46.56
CA SER A 649 38.02 12.81 -46.45
C SER A 649 39.17 13.29 -47.32
N PHE A 650 40.38 13.27 -46.74
CA PHE A 650 41.60 13.63 -47.43
C PHE A 650 41.65 15.12 -47.79
N ARG A 651 40.72 15.91 -47.25
CA ARG A 651 40.74 17.35 -47.53
C ARG A 651 41.86 18.06 -46.77
N ARG A 652 42.28 17.51 -45.63
CA ARG A 652 43.29 18.18 -44.82
C ARG A 652 44.69 18.13 -45.42
N VAL A 653 44.94 17.17 -46.31
CA VAL A 653 46.19 17.24 -47.07
C VAL A 653 46.18 18.48 -47.95
N PHE A 654 45.02 18.83 -48.51
CA PHE A 654 44.92 20.08 -49.26
C PHE A 654 44.98 21.29 -48.35
N LEU A 655 44.39 21.21 -47.15
CA LEU A 655 44.61 22.22 -46.12
C LEU A 655 46.09 22.54 -45.99
N GLY A 656 46.87 21.53 -45.62
CA GLY A 656 48.30 21.73 -45.40
C GLY A 656 49.03 22.15 -46.65
N LEU A 657 48.66 21.58 -47.80
CA LEU A 657 49.32 21.91 -49.06
C LEU A 657 49.16 23.38 -49.38
N GLY A 658 47.93 23.88 -49.33
CA GLY A 658 47.70 25.28 -49.60
C GLY A 658 48.38 26.20 -48.60
N MET A 659 48.31 25.86 -47.31
CA MET A 659 48.94 26.72 -46.32
C MET A 659 50.46 26.75 -46.50
N CYS A 660 51.08 25.60 -46.74
CA CYS A 660 52.52 25.54 -46.92
C CYS A 660 52.95 26.30 -48.17
N PHE A 661 52.23 26.13 -49.29
CA PHE A 661 52.53 26.94 -50.47
C PHE A 661 52.44 28.43 -50.16
N SER A 662 51.30 28.88 -49.62
CA SER A 662 51.05 30.31 -49.46
C SER A 662 52.04 30.94 -48.48
N TYR A 663 52.56 30.17 -47.53
CA TYR A 663 53.43 30.74 -46.51
C TYR A 663 54.87 30.24 -46.59
N ALA A 664 55.24 29.52 -47.64
CA ALA A 664 56.61 29.10 -47.86
C ALA A 664 57.16 29.56 -49.19
N ALA A 665 56.37 29.44 -50.26
CA ALA A 665 56.90 29.70 -51.60
C ALA A 665 57.28 31.17 -51.78
N LEU A 666 56.82 32.04 -50.89
CA LEU A 666 57.20 33.45 -50.90
C LEU A 666 58.71 33.61 -50.92
N PRO A 692 66.98 29.45 -61.45
CA PRO A 692 65.87 28.65 -61.96
C PRO A 692 65.68 27.35 -61.17
N ALA A 693 66.71 26.50 -61.14
CA ALA A 693 66.62 25.26 -60.37
C ALA A 693 66.48 25.53 -58.88
N SER A 694 66.91 26.70 -58.42
CA SER A 694 66.73 27.06 -57.01
C SER A 694 65.25 27.07 -56.64
N GLN A 695 64.42 27.65 -57.52
CA GLN A 695 62.98 27.63 -57.30
C GLN A 695 62.47 26.19 -57.28
N LEU A 696 62.97 25.35 -58.19
CA LEU A 696 62.59 23.95 -58.23
C LEU A 696 62.81 23.28 -56.88
N VAL A 697 64.03 23.40 -56.34
CA VAL A 697 64.33 22.71 -55.09
C VAL A 697 63.58 23.32 -53.92
N ILE A 698 63.56 24.66 -53.80
CA ILE A 698 62.91 25.27 -52.64
C ILE A 698 61.41 25.29 -52.79
N THR A 699 60.88 24.74 -53.88
CA THR A 699 59.44 24.59 -54.00
C THR A 699 59.02 23.13 -53.81
N PHE A 700 59.90 22.19 -54.18
CA PHE A 700 59.48 20.79 -54.14
C PHE A 700 59.96 20.07 -52.87
N SER A 701 61.16 20.38 -52.37
CA SER A 701 61.72 19.55 -51.30
C SER A 701 60.87 19.61 -50.03
N LEU A 702 60.59 20.82 -49.55
CA LEU A 702 59.87 20.96 -48.29
C LEU A 702 58.43 20.49 -48.42
N ILE A 703 57.80 20.77 -49.56
CA ILE A 703 56.43 20.32 -49.74
C ILE A 703 56.38 18.81 -49.85
N SER A 704 57.43 18.18 -50.38
CA SER A 704 57.47 16.73 -50.47
C SER A 704 57.61 16.12 -49.08
N VAL A 705 58.48 16.69 -48.24
CA VAL A 705 58.65 16.13 -46.90
C VAL A 705 57.37 16.31 -46.08
N GLN A 706 56.73 17.48 -46.17
CA GLN A 706 55.48 17.67 -45.43
C GLN A 706 54.35 16.83 -46.04
N LEU A 707 54.40 16.58 -47.34
CA LEU A 707 53.39 15.75 -47.98
C LEU A 707 53.48 14.30 -47.51
N LEU A 708 54.70 13.76 -47.45
CA LEU A 708 54.86 12.42 -46.91
C LEU A 708 54.49 12.39 -45.42
N GLY A 709 54.78 13.48 -44.71
CA GLY A 709 54.37 13.55 -43.31
C GLY A 709 52.87 13.47 -43.12
N VAL A 710 52.12 14.29 -43.87
CA VAL A 710 50.67 14.27 -43.76
C VAL A 710 50.11 12.94 -44.26
N PHE A 711 50.76 12.35 -45.27
CA PHE A 711 50.39 11.02 -45.75
C PHE A 711 50.54 9.98 -44.65
N VAL A 712 51.56 10.15 -43.79
CA VAL A 712 51.79 9.20 -42.71
C VAL A 712 50.56 9.13 -41.80
N TRP A 713 50.05 10.28 -41.35
CA TRP A 713 48.92 10.18 -40.44
C TRP A 713 47.58 10.06 -41.15
N PHE A 714 47.52 10.32 -42.47
CA PHE A 714 46.31 9.94 -43.20
C PHE A 714 46.21 8.43 -43.38
N VAL A 715 47.35 7.74 -43.45
CA VAL A 715 47.30 6.27 -43.50
C VAL A 715 47.10 5.70 -42.10
N VAL A 716 47.89 6.15 -41.13
CA VAL A 716 47.78 5.61 -39.77
C VAL A 716 46.45 6.00 -39.13
N ASP A 717 45.89 7.12 -39.56
CA ASP A 717 44.64 7.66 -39.03
C ASP A 717 43.68 7.89 -40.18
N PRO A 718 43.09 6.83 -40.73
CA PRO A 718 42.17 6.99 -41.86
C PRO A 718 40.89 7.70 -41.42
N PRO A 719 40.23 8.41 -42.33
CA PRO A 719 38.99 9.11 -41.99
C PRO A 719 37.77 8.20 -42.12
N HIS A 720 36.65 8.71 -41.64
CA HIS A 720 35.38 7.99 -41.59
C HIS A 720 34.31 9.02 -41.26
N ILE A 721 33.09 8.54 -41.03
CA ILE A 721 31.98 9.38 -40.58
C ILE A 721 31.72 9.08 -39.10
N ILE A 722 31.44 10.12 -38.34
CA ILE A 722 31.17 9.96 -36.92
C ILE A 722 29.77 10.51 -36.62
N ILE A 723 29.13 9.90 -35.64
CA ILE A 723 27.87 10.38 -35.10
C ILE A 723 28.14 10.75 -33.65
N ASP A 724 27.94 12.00 -33.29
CA ASP A 724 28.53 12.57 -32.07
C ASP A 724 27.50 12.74 -30.96
N TYR A 725 26.60 11.77 -30.76
CA TYR A 725 25.80 11.78 -29.54
C TYR A 725 26.70 11.90 -28.32
N GLY A 726 27.54 10.90 -28.08
CA GLY A 726 28.55 10.94 -27.04
C GLY A 726 28.07 11.47 -25.71
N GLU A 727 28.62 12.60 -25.29
CA GLU A 727 28.19 13.28 -24.07
C GLU A 727 27.10 14.30 -24.31
N GLN A 728 26.67 14.49 -25.56
CA GLN A 728 25.61 15.43 -25.87
C GLN A 728 24.24 14.80 -25.61
N ARG A 729 24.03 14.31 -24.40
CA ARG A 729 22.78 13.65 -24.02
C ARG A 729 21.93 14.66 -23.26
N THR A 730 21.20 15.48 -24.02
CA THR A 730 20.25 16.40 -23.41
C THR A 730 19.17 15.62 -22.67
N LEU A 731 18.79 16.13 -21.49
CA LEU A 731 17.86 15.39 -20.64
C LEU A 731 16.52 15.16 -21.34
N ASP A 732 16.00 16.19 -22.00
CA ASP A 732 14.80 16.02 -22.80
C ASP A 732 15.15 15.41 -24.14
N PRO A 733 14.65 14.21 -24.46
CA PRO A 733 15.01 13.59 -25.75
C PRO A 733 14.62 14.43 -26.95
N GLU A 734 13.51 15.16 -26.88
CA GLU A 734 13.11 16.00 -28.01
C GLU A 734 14.14 17.10 -28.26
N LYS A 735 14.84 17.53 -27.21
CA LYS A 735 15.90 18.51 -27.35
C LYS A 735 17.27 17.88 -27.54
N ALA A 736 17.35 16.55 -27.63
CA ALA A 736 18.62 15.84 -27.72
C ALA A 736 18.82 15.39 -29.17
N ARG A 737 19.49 16.24 -29.94
CA ARG A 737 19.78 15.93 -31.35
C ARG A 737 21.27 15.68 -31.54
N GLY A 738 21.59 14.67 -32.34
CA GLY A 738 22.96 14.37 -32.67
C GLY A 738 23.48 15.27 -33.77
N VAL A 739 24.69 14.95 -34.25
CA VAL A 739 25.36 15.74 -35.27
C VAL A 739 26.31 14.84 -36.03
N LEU A 740 26.56 15.19 -37.30
CA LEU A 740 27.47 14.47 -38.18
C LEU A 740 28.74 15.27 -38.37
N LYS A 741 29.90 14.62 -38.21
CA LYS A 741 31.18 15.28 -38.35
C LYS A 741 32.18 14.33 -39.00
N CYS A 742 33.26 14.90 -39.51
CA CYS A 742 34.33 14.10 -40.10
C CYS A 742 35.16 13.44 -39.00
N ASP A 743 35.70 12.26 -39.31
CA ASP A 743 36.47 11.52 -38.32
C ASP A 743 37.78 12.22 -37.96
N ILE A 744 38.19 13.21 -38.75
CA ILE A 744 39.33 14.04 -38.37
C ILE A 744 38.97 14.74 -37.08
N SER A 745 39.69 14.42 -36.01
CA SER A 745 39.30 14.85 -34.67
C SER A 745 39.48 16.35 -34.51
N ASP A 746 39.13 16.85 -33.32
CA ASP A 746 39.23 18.28 -33.05
C ASP A 746 40.68 18.74 -33.10
N LEU A 747 41.59 17.96 -32.54
CA LEU A 747 43.02 18.29 -32.53
C LEU A 747 43.77 17.66 -33.70
N SER A 748 43.06 16.97 -34.61
CA SER A 748 43.70 16.39 -35.78
C SER A 748 43.70 17.31 -36.98
N LEU A 749 42.77 18.27 -37.05
CA LEU A 749 42.79 19.27 -38.11
C LEU A 749 43.87 20.33 -37.88
N ILE A 750 44.34 20.49 -36.63
CA ILE A 750 45.29 21.54 -36.30
C ILE A 750 46.74 21.07 -36.40
N CYS A 751 46.99 19.77 -36.46
CA CYS A 751 48.36 19.27 -36.39
C CYS A 751 49.21 19.79 -37.54
N SER A 752 48.63 19.84 -38.75
CA SER A 752 49.38 20.30 -39.90
C SER A 752 49.75 21.77 -39.77
N LEU A 753 48.93 22.55 -39.07
CA LEU A 753 49.12 24.00 -39.00
C LEU A 753 50.44 24.34 -38.32
N GLY A 754 50.80 23.61 -37.26
CA GLY A 754 52.00 23.96 -36.50
C GLY A 754 53.26 23.91 -37.33
N TYR A 755 53.44 22.83 -38.10
CA TYR A 755 54.54 22.77 -39.05
C TYR A 755 54.48 23.94 -40.02
N SER A 756 53.30 24.19 -40.58
CA SER A 756 53.13 25.30 -41.51
C SER A 756 53.30 26.64 -40.81
N ILE A 757 52.94 26.73 -39.52
CA ILE A 757 53.16 27.99 -38.80
C ILE A 757 54.65 28.27 -38.66
N LEU A 758 55.41 27.28 -38.22
CA LEU A 758 56.86 27.45 -38.09
C LEU A 758 57.48 27.75 -39.45
N LEU A 759 56.96 27.14 -40.51
CA LEU A 759 57.44 27.43 -41.85
C LEU A 759 57.06 28.85 -42.28
N MET A 760 55.95 29.36 -41.75
CA MET A 760 55.46 30.69 -42.06
C MET A 760 56.21 31.80 -41.32
N VAL A 761 56.83 31.49 -40.17
CA VAL A 761 57.34 32.54 -39.31
C VAL A 761 58.31 33.46 -40.05
N THR A 762 59.44 32.93 -40.49
CA THR A 762 60.47 33.78 -41.10
C THR A 762 61.08 33.13 -42.34
N CYS A 763 60.64 31.93 -42.69
CA CYS A 763 61.24 31.20 -43.81
C CYS A 763 61.00 31.90 -45.13
N THR A 764 60.08 32.86 -45.15
CA THR A 764 59.84 33.71 -46.32
C THR A 764 61.14 34.38 -46.74
N VAL A 765 61.58 34.10 -47.96
CA VAL A 765 62.82 34.66 -48.48
C VAL A 765 62.56 35.78 -49.48
N THR A 776 67.08 48.29 -50.34
CA THR A 776 67.80 48.94 -51.42
C THR A 776 67.23 48.56 -52.79
N PHE A 777 66.40 47.52 -52.81
CA PHE A 777 65.78 47.04 -54.03
C PHE A 777 64.28 46.88 -53.80
N ASN A 778 63.57 46.48 -54.85
CA ASN A 778 62.12 46.46 -54.83
C ASN A 778 61.60 45.17 -54.19
N GLU A 779 60.32 45.21 -53.82
CA GLU A 779 59.56 44.05 -53.37
C GLU A 779 59.96 43.59 -51.97
N ALA A 780 61.02 44.18 -51.41
CA ALA A 780 61.47 43.79 -50.07
C ALA A 780 60.54 44.37 -49.00
N LYS A 781 60.36 45.68 -49.03
CA LYS A 781 59.45 46.33 -48.09
C LYS A 781 58.01 45.82 -48.20
N PRO A 782 57.45 45.57 -49.39
CA PRO A 782 56.13 44.92 -49.44
C PRO A 782 56.09 43.57 -48.73
N ILE A 783 57.14 42.75 -48.86
CA ILE A 783 57.17 41.46 -48.17
C ILE A 783 57.25 41.67 -46.66
N GLY A 784 58.02 42.67 -46.23
CA GLY A 784 58.06 42.97 -44.80
C GLY A 784 56.70 43.37 -44.26
N PHE A 785 55.99 44.25 -44.98
CA PHE A 785 54.65 44.63 -44.56
C PHE A 785 53.71 43.43 -44.54
N THR A 786 53.81 42.56 -45.56
CA THR A 786 52.99 41.36 -45.59
C THR A 786 53.24 40.50 -44.36
N MET A 787 54.52 40.31 -44.01
CA MET A 787 54.86 39.50 -42.84
C MET A 787 54.30 40.12 -41.57
N TYR A 788 54.42 41.44 -41.43
CA TYR A 788 53.88 42.10 -40.24
C TYR A 788 52.37 41.90 -40.15
N THR A 789 51.67 42.11 -41.27
CA THR A 789 50.21 41.97 -41.27
C THR A 789 49.80 40.54 -40.92
N THR A 790 50.48 39.55 -41.49
CA THR A 790 50.16 38.16 -41.18
C THR A 790 50.42 37.84 -39.72
N CYS A 791 51.52 38.37 -39.17
CA CYS A 791 51.81 38.14 -37.75
C CYS A 791 50.71 38.71 -36.87
N ILE A 792 50.26 39.93 -37.17
CA ILE A 792 49.18 40.52 -36.36
C ILE A 792 47.88 39.76 -36.57
N ILE A 793 47.68 39.20 -37.76
CA ILE A 793 46.49 38.39 -38.01
C ILE A 793 46.49 37.15 -37.12
N TRP A 794 47.62 36.45 -37.06
CA TRP A 794 47.69 35.20 -36.32
C TRP A 794 47.95 35.38 -34.83
N LEU A 795 48.26 36.59 -34.37
CA LEU A 795 48.47 36.81 -32.93
C LEU A 795 47.23 36.44 -32.12
N ALA A 796 46.06 36.84 -32.60
CA ALA A 796 44.81 36.66 -31.86
C ALA A 796 44.14 35.31 -32.15
N PHE A 797 44.82 34.41 -32.86
CA PHE A 797 44.15 33.22 -33.38
C PHE A 797 43.73 32.26 -32.26
N ILE A 798 44.48 32.22 -31.16
CA ILE A 798 44.27 31.18 -30.14
C ILE A 798 42.85 31.25 -29.58
N PRO A 799 42.32 32.41 -29.17
CA PRO A 799 40.89 32.43 -28.81
C PRO A 799 39.97 32.39 -30.01
N ILE A 800 40.46 32.82 -31.18
CA ILE A 800 39.65 32.75 -32.39
C ILE A 800 39.43 31.30 -32.80
N PHE A 801 40.51 30.52 -32.85
CA PHE A 801 40.42 29.13 -33.28
C PHE A 801 39.85 28.23 -32.20
N PHE A 802 39.69 28.72 -30.97
CA PHE A 802 39.08 27.96 -29.87
C PHE A 802 38.07 28.87 -29.20
N GLY A 803 36.81 28.77 -29.61
CA GLY A 803 35.74 29.54 -28.99
C GLY A 803 35.43 29.11 -27.57
N THR A 804 36.02 28.01 -27.11
CA THR A 804 35.86 27.45 -25.76
C THR A 804 34.43 27.55 -25.25
N ALA A 805 33.48 27.28 -26.13
CA ALA A 805 32.06 27.39 -25.79
C ALA A 805 31.34 26.05 -25.97
N GLN A 806 31.66 25.30 -27.02
CA GLN A 806 31.03 24.02 -27.31
C GLN A 806 29.53 24.19 -27.53
N SER A 807 28.73 23.91 -26.51
CA SER A 807 27.27 23.97 -26.59
C SER A 807 26.75 23.32 -27.85
N ALA A 808 25.98 24.06 -28.65
CA ALA A 808 25.53 23.60 -29.95
C ALA A 808 26.13 24.39 -31.11
N GLU A 809 26.89 25.45 -30.83
CA GLU A 809 27.47 26.29 -31.86
C GLU A 809 28.84 25.81 -32.28
N LYS A 810 29.38 24.80 -31.58
CA LYS A 810 30.79 24.47 -31.63
C LYS A 810 31.32 24.25 -33.04
N MET A 811 30.66 23.40 -33.81
CA MET A 811 31.09 23.15 -35.18
C MET A 811 31.01 24.43 -35.99
N TYR A 812 29.91 25.16 -35.84
CA TYR A 812 29.70 26.38 -36.62
C TYR A 812 30.74 27.44 -36.28
N ILE A 813 30.92 27.71 -34.99
CA ILE A 813 31.85 28.76 -34.57
C ILE A 813 33.27 28.39 -34.98
N GLN A 814 33.68 27.14 -34.73
CA GLN A 814 35.05 26.75 -35.04
C GLN A 814 35.31 26.78 -36.54
N THR A 815 34.39 26.23 -37.34
CA THR A 815 34.57 26.22 -38.78
C THR A 815 34.61 27.64 -39.34
N THR A 816 33.68 28.49 -38.89
CA THR A 816 33.63 29.85 -39.40
C THR A 816 34.89 30.62 -39.04
N THR A 817 35.36 30.48 -37.80
CA THR A 817 36.57 31.18 -37.39
C THR A 817 37.76 30.71 -38.20
N LEU A 818 37.92 29.40 -38.36
CA LEU A 818 39.06 28.89 -39.11
C LEU A 818 39.04 29.37 -40.55
N THR A 819 37.89 29.18 -41.22
CA THR A 819 37.78 29.56 -42.66
C THR A 819 38.01 31.07 -42.82
N VAL A 820 37.41 31.89 -41.95
CA VAL A 820 37.53 33.34 -42.08
C VAL A 820 38.97 33.78 -41.84
N SER A 821 39.60 33.27 -40.78
CA SER A 821 40.96 33.67 -40.47
C SER A 821 41.92 33.28 -41.58
N MET A 822 41.80 32.04 -42.08
CA MET A 822 42.73 31.59 -43.11
C MET A 822 42.49 32.33 -44.42
N SER A 823 41.23 32.53 -44.79
CA SER A 823 40.93 33.27 -46.01
C SER A 823 41.43 34.71 -45.92
N LEU A 824 41.25 35.36 -44.78
CA LEU A 824 41.70 36.75 -44.63
C LEU A 824 43.22 36.84 -44.66
N SER A 825 43.91 35.90 -44.01
CA SER A 825 45.37 35.92 -44.05
C SER A 825 45.87 35.72 -45.47
N ALA A 826 45.31 34.75 -46.19
CA ALA A 826 45.72 34.53 -47.57
C ALA A 826 45.39 35.75 -48.44
N SER A 827 44.24 36.37 -48.20
CA SER A 827 43.83 37.54 -48.98
C SER A 827 44.80 38.69 -48.78
N VAL A 828 45.16 38.98 -47.53
CA VAL A 828 46.10 40.06 -47.26
C VAL A 828 47.47 39.73 -47.86
N SER A 829 47.92 38.48 -47.69
CA SER A 829 49.23 38.08 -48.21
C SER A 829 49.30 38.24 -49.73
N LEU A 830 48.28 37.76 -50.44
CA LEU A 830 48.25 37.96 -51.88
C LEU A 830 48.13 39.44 -52.22
N GLY A 831 47.29 40.18 -51.49
CA GLY A 831 46.96 41.51 -51.87
C GLY A 831 48.03 42.56 -51.72
N MET A 832 48.70 42.57 -50.57
CA MET A 832 49.62 43.67 -50.27
C MET A 832 50.93 43.45 -51.02
N LEU A 833 50.91 42.63 -52.06
CA LEU A 833 52.04 42.48 -52.97
C LEU A 833 51.64 42.50 -54.44
N TYR A 834 50.49 41.95 -54.82
CA TYR A 834 50.29 41.89 -56.29
C TYR A 834 49.26 42.90 -56.77
N MET A 835 48.21 43.20 -55.99
CA MET A 835 47.16 44.12 -56.50
C MET A 835 47.82 45.34 -57.17
N PRO A 836 48.80 46.03 -56.52
CA PRO A 836 49.43 47.23 -57.09
C PRO A 836 49.98 46.95 -58.48
N LYS A 837 50.98 46.08 -58.54
CA LYS A 837 51.57 45.67 -59.82
C LYS A 837 50.47 45.44 -60.86
N VAL A 838 49.37 44.83 -60.45
CA VAL A 838 48.25 44.61 -61.37
C VAL A 838 47.70 45.95 -61.87
N TYR A 839 47.58 46.92 -60.96
CA TYR A 839 47.05 48.24 -61.30
C TYR A 839 47.97 48.93 -62.31
N ILE A 840 49.28 48.82 -62.09
CA ILE A 840 50.23 49.39 -63.04
C ILE A 840 50.08 48.70 -64.41
N ILE A 841 49.96 47.37 -64.40
CA ILE A 841 49.86 46.65 -65.66
C ILE A 841 48.59 46.99 -66.43
N ILE A 842 47.47 47.15 -65.75
CA ILE A 842 46.16 47.28 -66.38
C ILE A 842 45.83 48.74 -66.67
N PHE A 843 46.01 49.62 -65.69
CA PHE A 843 45.50 50.99 -65.81
C PHE A 843 46.46 51.89 -66.58
N HIS A 844 47.69 52.02 -66.09
CA HIS A 844 48.65 52.95 -66.69
C HIS A 844 49.68 52.16 -67.50
N PRO A 845 49.61 52.16 -68.82
CA PRO A 845 50.49 51.28 -69.60
C PRO A 845 51.89 51.84 -69.79
N GLU A 846 52.05 53.16 -69.76
CA GLU A 846 53.35 53.75 -70.04
C GLU A 846 54.34 53.58 -68.90
N GLN A 847 53.87 53.32 -67.68
CA GLN A 847 54.75 53.09 -66.53
C GLN A 847 55.21 51.64 -66.56
N ASN A 848 56.28 51.38 -67.32
CA ASN A 848 56.83 50.00 -67.41
C ASN A 848 58.30 50.07 -67.85
N HIS B 38 -22.41 -48.29 34.25
CA HIS B 38 -21.89 -47.19 33.44
C HIS B 38 -22.28 -45.84 34.03
N SER B 39 -22.50 -45.81 35.35
CA SER B 39 -22.87 -44.60 36.06
C SER B 39 -22.62 -44.83 37.54
N ILE B 40 -22.14 -43.79 38.22
CA ILE B 40 -21.77 -43.90 39.63
C ILE B 40 -22.88 -43.30 40.48
N ARG B 41 -23.38 -44.07 41.45
CA ARG B 41 -24.44 -43.63 42.34
C ARG B 41 -23.99 -43.85 43.78
N VAL B 42 -23.98 -42.78 44.58
CA VAL B 42 -23.76 -42.86 46.01
C VAL B 42 -24.89 -42.10 46.69
N ASP B 43 -25.58 -42.76 47.61
CA ASP B 43 -26.77 -42.22 48.25
C ASP B 43 -26.43 -41.21 49.33
N GLY B 44 -27.44 -40.49 49.79
CA GLY B 44 -27.26 -39.46 50.79
C GLY B 44 -28.53 -38.66 50.94
N ASP B 45 -28.41 -37.55 51.70
CA ASP B 45 -29.55 -36.69 51.94
C ASP B 45 -29.68 -35.58 50.89
N ILE B 46 -28.56 -35.05 50.42
CA ILE B 46 -28.54 -34.08 49.32
C ILE B 46 -27.63 -34.64 48.24
N ILE B 47 -28.12 -34.66 47.00
CA ILE B 47 -27.43 -35.35 45.91
C ILE B 47 -26.99 -34.33 44.88
N LEU B 48 -25.69 -34.29 44.63
CA LEU B 48 -25.09 -33.44 43.60
C LEU B 48 -24.84 -34.25 42.34
N GLY B 49 -24.80 -33.56 41.20
CA GLY B 49 -24.52 -34.18 39.93
C GLY B 49 -23.05 -34.07 39.54
N GLY B 50 -22.73 -34.65 38.39
CA GLY B 50 -21.37 -34.61 37.88
C GLY B 50 -21.27 -35.01 36.42
N LEU B 51 -20.47 -34.29 35.66
CA LEU B 51 -20.25 -34.58 34.24
C LEU B 51 -18.76 -34.48 33.96
N PHE B 52 -18.16 -35.60 33.54
CA PHE B 52 -16.73 -35.66 33.26
C PHE B 52 -16.48 -36.36 31.95
N PRO B 53 -15.40 -35.99 31.24
CA PRO B 53 -15.05 -36.64 29.96
C PRO B 53 -14.18 -37.89 30.16
N VAL B 54 -14.82 -38.97 30.61
CA VAL B 54 -14.10 -40.22 30.86
C VAL B 54 -13.55 -40.78 29.55
N HIS B 55 -14.35 -40.74 28.49
CA HIS B 55 -13.94 -41.21 27.17
C HIS B 55 -13.85 -40.03 26.20
N ALA B 56 -13.17 -40.28 25.09
CA ALA B 56 -12.98 -39.27 24.06
C ALA B 56 -13.98 -39.48 22.92
N LYS B 57 -13.97 -38.56 21.97
CA LYS B 57 -14.88 -38.66 20.84
C LYS B 57 -14.54 -39.87 19.98
N GLY B 58 -15.58 -40.51 19.44
CA GLY B 58 -15.36 -41.65 18.58
C GLY B 58 -14.76 -41.26 17.25
N GLU B 59 -14.08 -42.22 16.62
CA GLU B 59 -13.41 -41.95 15.35
C GLU B 59 -14.43 -41.65 14.25
N ARG B 60 -15.43 -42.52 14.10
CA ARG B 60 -16.44 -42.35 13.06
C ARG B 60 -17.65 -43.22 13.32
N GLY B 61 -18.83 -42.61 13.38
CA GLY B 61 -20.05 -43.36 13.58
C GLY B 61 -20.19 -44.00 14.94
N VAL B 62 -19.33 -43.64 15.89
CA VAL B 62 -19.34 -44.23 17.22
C VAL B 62 -19.28 -43.09 18.24
N PRO B 63 -20.11 -43.11 19.29
CA PRO B 63 -20.12 -41.98 20.24
C PRO B 63 -18.85 -41.85 21.05
N CYS B 64 -18.40 -42.94 21.67
CA CYS B 64 -17.27 -42.90 22.59
C CYS B 64 -16.11 -43.73 22.05
N GLY B 65 -14.90 -43.20 22.20
CA GLY B 65 -13.72 -43.85 21.71
C GLY B 65 -12.86 -44.49 22.78
N GLU B 66 -11.66 -43.96 22.99
CA GLU B 66 -10.71 -44.52 23.92
C GLU B 66 -10.94 -43.96 25.33
N LEU B 67 -10.02 -44.24 26.24
CA LEU B 67 -10.13 -43.82 27.63
C LEU B 67 -9.10 -42.74 27.94
N LYS B 68 -9.54 -41.68 28.60
CA LYS B 68 -8.66 -40.60 29.03
C LYS B 68 -8.31 -40.80 30.49
N LYS B 69 -7.10 -41.31 30.75
CA LYS B 69 -6.68 -41.61 32.11
C LYS B 69 -6.58 -40.34 32.95
N GLU B 70 -5.98 -39.29 32.40
CA GLU B 70 -5.74 -38.08 33.16
C GLU B 70 -6.97 -37.18 33.20
N LYS B 71 -7.59 -36.96 32.04
CA LYS B 71 -8.72 -36.03 31.97
C LYS B 71 -10.00 -36.62 32.57
N GLY B 72 -10.23 -37.92 32.41
CA GLY B 72 -11.47 -38.49 32.88
C GLY B 72 -11.45 -39.07 34.28
N ILE B 73 -10.52 -40.00 34.53
CA ILE B 73 -10.52 -40.73 35.80
C ILE B 73 -10.09 -39.81 36.95
N HIS B 74 -9.05 -39.01 36.74
CA HIS B 74 -8.48 -38.23 37.84
C HIS B 74 -9.50 -37.23 38.39
N ARG B 75 -10.26 -36.59 37.51
CA ARG B 75 -11.18 -35.55 37.95
C ARG B 75 -12.36 -36.13 38.72
N LEU B 76 -12.92 -37.25 38.26
CA LEU B 76 -14.01 -37.87 39.00
C LEU B 76 -13.51 -38.45 40.33
N GLU B 77 -12.28 -38.98 40.35
CA GLU B 77 -11.71 -39.44 41.60
C GLU B 77 -11.50 -38.27 42.57
N ALA B 78 -11.12 -37.11 42.04
CA ALA B 78 -10.99 -35.92 42.87
C ALA B 78 -12.33 -35.49 43.44
N MET B 79 -13.38 -35.55 42.63
CA MET B 79 -14.72 -35.22 43.13
C MET B 79 -15.15 -36.18 44.23
N LEU B 80 -14.91 -37.48 44.04
CA LEU B 80 -15.25 -38.45 45.07
C LEU B 80 -14.45 -38.22 46.35
N TYR B 81 -13.17 -37.89 46.21
CA TYR B 81 -12.34 -37.60 47.37
C TYR B 81 -12.85 -36.36 48.12
N ALA B 82 -13.26 -35.33 47.38
CA ALA B 82 -13.82 -34.15 48.01
C ALA B 82 -15.11 -34.46 48.75
N ILE B 83 -15.97 -35.29 48.14
CA ILE B 83 -17.22 -35.67 48.80
C ILE B 83 -16.92 -36.45 50.09
N ASP B 84 -15.96 -37.37 50.04
CA ASP B 84 -15.60 -38.13 51.24
C ASP B 84 -15.05 -37.22 52.32
N GLN B 85 -14.22 -36.25 51.95
CA GLN B 85 -13.69 -35.29 52.93
C GLN B 85 -14.80 -34.47 53.55
N ILE B 86 -15.77 -34.02 52.73
CA ILE B 86 -16.88 -33.23 53.26
C ILE B 86 -17.71 -34.05 54.23
N ASN B 87 -17.98 -35.31 53.87
CA ASN B 87 -18.76 -36.17 54.77
C ASN B 87 -18.01 -36.45 56.06
N LYS B 88 -16.69 -36.63 55.99
CA LYS B 88 -15.90 -36.91 57.19
C LYS B 88 -15.72 -35.68 58.06
N ASP B 89 -15.78 -34.48 57.47
CA ASP B 89 -15.60 -33.25 58.23
C ASP B 89 -16.80 -33.04 59.15
N PRO B 90 -16.59 -32.91 60.46
CA PRO B 90 -17.71 -32.68 61.38
C PRO B 90 -18.17 -31.23 61.49
N ASP B 91 -17.36 -30.28 61.06
CA ASP B 91 -17.73 -28.86 61.16
C ASP B 91 -18.44 -28.33 59.92
N LEU B 92 -18.59 -29.15 58.88
CA LEU B 92 -19.26 -28.75 57.65
C LEU B 92 -20.37 -29.75 57.37
N LEU B 93 -21.60 -29.24 57.27
CA LEU B 93 -22.78 -30.07 57.04
C LEU B 93 -22.89 -31.19 58.09
N SER B 94 -23.03 -30.76 59.33
CA SER B 94 -23.10 -31.71 60.45
C SER B 94 -24.34 -32.59 60.33
N ASN B 95 -24.14 -33.89 60.49
CA ASN B 95 -25.19 -34.91 60.45
C ASN B 95 -25.95 -34.94 59.13
N ILE B 96 -25.41 -34.31 58.08
CA ILE B 96 -26.02 -34.30 56.76
C ILE B 96 -25.06 -34.97 55.79
N THR B 97 -25.56 -35.93 55.03
CA THR B 97 -24.76 -36.69 54.09
C THR B 97 -24.91 -36.13 52.68
N LEU B 98 -23.83 -36.17 51.92
CA LEU B 98 -23.80 -35.72 50.54
C LEU B 98 -23.63 -36.92 49.61
N GLY B 99 -24.55 -37.07 48.66
CA GLY B 99 -24.48 -38.11 47.67
C GLY B 99 -24.09 -37.57 46.31
N VAL B 100 -23.86 -38.50 45.38
CA VAL B 100 -23.42 -38.14 44.04
C VAL B 100 -24.10 -39.03 43.01
N ARG B 101 -24.33 -38.46 41.83
CA ARG B 101 -24.82 -39.17 40.65
C ARG B 101 -23.93 -38.73 39.48
N ILE B 102 -22.84 -39.47 39.26
CA ILE B 102 -21.81 -39.09 38.30
C ILE B 102 -22.03 -39.87 37.02
N LEU B 103 -22.02 -39.17 35.89
CA LEU B 103 -22.17 -39.76 34.57
C LEU B 103 -21.00 -39.36 33.69
N ASP B 104 -21.06 -39.80 32.44
CA ASP B 104 -20.01 -39.59 31.45
C ASP B 104 -20.55 -38.76 30.29
N THR B 105 -19.66 -37.96 29.68
CA THR B 105 -20.02 -37.13 28.56
C THR B 105 -19.39 -37.55 27.24
N CYS B 106 -18.29 -38.31 27.26
CA CYS B 106 -17.61 -38.79 26.06
C CYS B 106 -17.21 -37.64 25.13
N SER B 107 -16.91 -36.48 25.70
CA SER B 107 -16.42 -35.30 24.98
C SER B 107 -17.35 -34.87 23.85
N ARG B 108 -18.63 -35.22 23.93
CA ARG B 108 -19.59 -34.90 22.89
C ARG B 108 -20.82 -34.29 23.53
N ASP B 109 -21.34 -33.21 22.94
CA ASP B 109 -22.41 -32.46 23.58
C ASP B 109 -23.75 -33.19 23.50
N THR B 110 -23.95 -34.04 22.51
CA THR B 110 -25.21 -34.78 22.41
C THR B 110 -25.31 -35.84 23.50
N TYR B 111 -24.23 -36.57 23.74
CA TYR B 111 -24.22 -37.55 24.82
C TYR B 111 -24.47 -36.88 26.16
N ALA B 112 -23.82 -35.73 26.39
CA ALA B 112 -24.05 -34.99 27.62
C ALA B 112 -25.47 -34.44 27.70
N LEU B 113 -26.08 -34.10 26.56
CA LEU B 113 -27.48 -33.70 26.55
C LEU B 113 -28.37 -34.85 27.02
N GLU B 114 -28.09 -36.06 26.52
CA GLU B 114 -28.87 -37.22 26.94
C GLU B 114 -28.70 -37.47 28.45
N GLN B 115 -27.47 -37.36 28.95
CA GLN B 115 -27.25 -37.57 30.38
C GLN B 115 -27.88 -36.46 31.23
N SER B 116 -27.87 -35.23 30.72
CA SER B 116 -28.53 -34.14 31.44
C SER B 116 -30.03 -34.37 31.51
N LEU B 117 -30.62 -34.87 30.43
CA LEU B 117 -32.02 -35.30 30.50
C LEU B 117 -32.20 -36.43 31.50
N THR B 118 -31.19 -37.31 31.63
CA THR B 118 -31.24 -38.34 32.65
C THR B 118 -31.29 -37.74 34.06
N PHE B 119 -30.59 -36.62 34.27
CA PHE B 119 -30.72 -35.90 35.54
C PHE B 119 -32.16 -35.52 35.84
N VAL B 120 -32.75 -34.67 35.00
CA VAL B 120 -34.09 -34.12 35.26
C VAL B 120 -35.10 -35.07 34.63
N GLN B 121 -35.64 -35.96 35.45
CA GLN B 121 -36.70 -36.85 35.01
C GLN B 121 -37.93 -36.79 35.91
N ALA B 122 -37.73 -36.71 37.23
CA ALA B 122 -38.86 -36.64 38.15
C ALA B 122 -39.61 -35.32 38.04
N LEU B 123 -38.95 -34.27 37.57
CA LEU B 123 -39.58 -32.96 37.43
C LEU B 123 -40.43 -32.89 36.16
N PRO B 144 -38.81 -39.81 45.16
CA PRO B 144 -37.84 -39.65 44.07
C PRO B 144 -36.67 -38.75 44.46
N ASP B 145 -35.45 -39.19 44.16
CA ASP B 145 -34.28 -38.39 44.48
C ASP B 145 -34.22 -37.15 43.59
N LYS B 146 -33.72 -36.06 44.17
CA LYS B 146 -33.67 -34.77 43.49
C LYS B 146 -32.23 -34.28 43.46
N ILE B 147 -31.78 -33.85 42.28
CA ILE B 147 -30.44 -33.28 42.14
C ILE B 147 -30.49 -31.83 42.59
N SER B 148 -29.67 -31.49 43.58
CA SER B 148 -29.63 -30.11 44.08
C SER B 148 -28.66 -29.23 43.31
N GLY B 149 -27.62 -29.82 42.72
CA GLY B 149 -26.67 -29.05 41.94
C GLY B 149 -25.83 -29.97 41.07
N VAL B 150 -25.26 -29.38 40.03
CA VAL B 150 -24.48 -30.12 39.05
C VAL B 150 -23.09 -29.48 38.94
N ILE B 151 -22.05 -30.29 39.09
CA ILE B 151 -20.70 -29.84 38.80
C ILE B 151 -20.52 -29.82 37.29
N GLY B 152 -20.27 -28.63 36.74
CA GLY B 152 -20.31 -28.41 35.31
C GLY B 152 -19.36 -29.26 34.49
N ALA B 153 -19.44 -29.14 33.16
CA ALA B 153 -18.63 -29.95 32.26
C ALA B 153 -17.27 -29.29 32.05
N ALA B 154 -16.50 -29.80 31.09
CA ALA B 154 -15.18 -29.29 30.78
C ALA B 154 -15.15 -28.43 29.52
N ALA B 155 -15.66 -28.95 28.41
CA ALA B 155 -15.68 -28.18 27.16
C ALA B 155 -16.74 -27.11 27.21
N SER B 156 -16.51 -26.03 26.46
CA SER B 156 -17.43 -24.91 26.47
C SER B 156 -18.79 -25.28 25.87
N SER B 157 -18.79 -26.02 24.76
CA SER B 157 -20.05 -26.38 24.11
C SER B 157 -20.89 -27.29 25.00
N VAL B 158 -20.23 -28.26 25.65
CA VAL B 158 -20.94 -29.19 26.53
C VAL B 158 -21.59 -28.42 27.67
N SER B 159 -20.84 -27.52 28.30
CA SER B 159 -21.39 -26.71 29.39
C SER B 159 -22.52 -25.83 28.90
N ILE B 160 -22.38 -25.26 27.69
CA ILE B 160 -23.42 -24.39 27.15
C ILE B 160 -24.72 -25.16 26.98
N MET B 161 -24.66 -26.35 26.39
CA MET B 161 -25.88 -27.12 26.16
C MET B 161 -26.49 -27.61 27.48
N VAL B 162 -25.65 -28.07 28.41
CA VAL B 162 -26.17 -28.54 29.69
C VAL B 162 -26.80 -27.40 30.47
N ALA B 163 -26.20 -26.20 30.40
CA ALA B 163 -26.79 -25.03 31.07
C ALA B 163 -28.06 -24.58 30.39
N ASN B 164 -28.15 -24.73 29.07
CA ASN B 164 -29.41 -24.45 28.38
C ASN B 164 -30.52 -25.37 28.90
N ILE B 165 -30.20 -26.63 29.13
CA ILE B 165 -31.20 -27.55 29.64
C ILE B 165 -31.56 -27.22 31.09
N LEU B 166 -30.55 -27.01 31.94
CA LEU B 166 -30.77 -26.92 33.38
C LEU B 166 -31.41 -25.60 33.82
N ARG B 167 -31.41 -24.57 32.98
CA ARG B 167 -32.00 -23.30 33.42
C ARG B 167 -33.50 -23.40 33.62
N LEU B 168 -34.16 -24.32 32.92
CA LEU B 168 -35.61 -24.45 33.02
C LEU B 168 -36.04 -24.97 34.39
N PHE B 169 -35.30 -25.94 34.93
CA PHE B 169 -35.68 -26.61 36.16
C PHE B 169 -35.03 -26.00 37.39
N LYS B 170 -34.35 -24.87 37.24
CA LYS B 170 -33.76 -24.13 38.36
C LYS B 170 -32.76 -24.99 39.13
N ILE B 171 -31.70 -25.40 38.43
CA ILE B 171 -30.63 -26.19 39.02
C ILE B 171 -29.31 -25.44 38.87
N PRO B 172 -28.71 -24.97 39.97
CA PRO B 172 -27.41 -24.28 39.85
C PRO B 172 -26.34 -25.20 39.30
N GLN B 173 -25.44 -24.63 38.50
CA GLN B 173 -24.37 -25.37 37.86
C GLN B 173 -23.06 -24.63 38.06
N ILE B 174 -22.02 -25.36 38.46
CA ILE B 174 -20.69 -24.80 38.67
C ILE B 174 -19.69 -25.60 37.85
N SER B 175 -18.99 -24.92 36.96
CA SER B 175 -18.01 -25.55 36.07
C SER B 175 -16.60 -25.33 36.58
N TYR B 176 -15.68 -26.17 36.11
CA TYR B 176 -14.29 -26.13 36.53
C TYR B 176 -13.30 -25.90 35.39
N ALA B 177 -13.73 -26.01 34.13
CA ALA B 177 -12.80 -25.87 33.03
C ALA B 177 -13.36 -25.09 31.83
N SER B 178 -14.55 -24.51 31.95
CA SER B 178 -15.15 -23.75 30.85
C SER B 178 -14.80 -22.28 30.99
N THR B 179 -14.28 -21.70 29.91
CA THR B 179 -13.80 -20.32 29.93
C THR B 179 -14.44 -19.44 28.86
N ALA B 180 -15.52 -19.90 28.23
CA ALA B 180 -16.13 -19.12 27.16
C ALA B 180 -16.74 -17.83 27.70
N PRO B 181 -16.48 -16.68 27.09
CA PRO B 181 -17.10 -15.44 27.55
C PRO B 181 -18.62 -15.44 27.45
N GLU B 182 -19.17 -16.16 26.47
CA GLU B 182 -20.61 -16.14 26.23
C GLU B 182 -21.42 -16.59 27.43
N LEU B 183 -20.82 -17.34 28.35
CA LEU B 183 -21.52 -17.82 29.53
C LEU B 183 -21.60 -16.78 30.64
N SER B 184 -21.09 -15.58 30.42
CA SER B 184 -21.15 -14.51 31.41
C SER B 184 -22.39 -13.64 31.26
N ASP B 185 -23.33 -14.01 30.38
CA ASP B 185 -24.53 -13.23 30.13
C ASP B 185 -25.62 -13.68 31.11
N ASN B 186 -26.01 -12.77 32.00
CA ASN B 186 -27.01 -13.09 33.01
C ASN B 186 -28.43 -13.14 32.45
N THR B 187 -28.64 -12.71 31.21
CA THR B 187 -29.96 -12.76 30.59
C THR B 187 -30.18 -14.04 29.78
N ARG B 188 -29.19 -14.91 29.69
CA ARG B 188 -29.31 -16.14 28.93
C ARG B 188 -28.95 -17.38 29.74
N TYR B 189 -27.94 -17.29 30.61
CA TYR B 189 -27.53 -18.40 31.47
C TYR B 189 -27.66 -17.92 32.91
N ASP B 190 -28.84 -18.12 33.48
CA ASP B 190 -29.15 -17.59 34.80
C ASP B 190 -28.49 -18.36 35.94
N PHE B 191 -28.22 -19.65 35.74
CA PHE B 191 -27.80 -20.52 36.83
C PHE B 191 -26.42 -21.13 36.58
N PHE B 192 -25.51 -20.36 35.98
CA PHE B 192 -24.18 -20.85 35.64
C PHE B 192 -23.12 -20.07 36.40
N SER B 193 -22.17 -20.77 36.99
CA SER B 193 -21.03 -20.17 37.65
C SER B 193 -19.79 -21.00 37.34
N ARG B 194 -18.62 -20.39 37.49
CA ARG B 194 -17.38 -21.09 37.19
C ARG B 194 -16.29 -20.61 38.14
N VAL B 195 -15.35 -21.52 38.44
CA VAL B 195 -14.21 -21.20 39.30
C VAL B 195 -12.96 -20.88 38.48
N VAL B 196 -13.10 -20.73 37.16
CA VAL B 196 -12.00 -20.32 36.31
C VAL B 196 -12.38 -19.00 35.64
N PRO B 197 -11.41 -18.12 35.35
CA PRO B 197 -11.77 -16.82 34.79
C PRO B 197 -12.24 -16.97 33.34
N PRO B 198 -13.10 -16.07 32.88
CA PRO B 198 -13.48 -16.09 31.46
C PRO B 198 -12.34 -15.64 30.57
N ASP B 199 -12.58 -15.75 29.26
CA ASP B 199 -11.53 -15.46 28.29
C ASP B 199 -11.34 -13.98 28.01
N SER B 200 -12.21 -13.11 28.52
CA SER B 200 -11.98 -11.67 28.39
C SER B 200 -10.69 -11.25 29.08
N TYR B 201 -10.48 -11.75 30.30
CA TYR B 201 -9.24 -11.44 31.02
C TYR B 201 -8.02 -12.00 30.29
N GLN B 202 -8.15 -13.21 29.74
CA GLN B 202 -7.04 -13.81 29.01
C GLN B 202 -6.70 -13.00 27.76
N ALA B 203 -7.72 -12.52 27.05
CA ALA B 203 -7.48 -11.69 25.87
C ALA B 203 -6.83 -10.38 26.26
N GLN B 204 -7.29 -9.76 27.35
CA GLN B 204 -6.66 -8.53 27.82
C GLN B 204 -5.20 -8.75 28.18
N ALA B 205 -4.91 -9.87 28.86
CA ALA B 205 -3.53 -10.19 29.21
C ALA B 205 -2.69 -10.42 27.96
N MET B 206 -3.26 -11.09 26.95
CA MET B 206 -2.54 -11.30 25.70
C MET B 206 -2.21 -9.99 25.02
N VAL B 207 -3.18 -9.06 25.01
CA VAL B 207 -2.93 -7.74 24.42
C VAL B 207 -1.84 -7.01 25.18
N ASP B 208 -1.87 -7.08 26.51
CA ASP B 208 -0.84 -6.42 27.32
C ASP B 208 0.53 -7.02 27.06
N ILE B 209 0.62 -8.34 26.93
CA ILE B 209 1.90 -8.98 26.62
C ILE B 209 2.39 -8.57 25.25
N VAL B 210 1.49 -8.53 24.26
CA VAL B 210 1.88 -8.16 22.90
C VAL B 210 2.42 -6.73 22.88
N THR B 211 1.73 -5.81 23.56
CA THR B 211 2.18 -4.41 23.57
C THR B 211 3.36 -4.17 24.48
N ALA B 212 3.64 -5.09 25.42
CA ALA B 212 4.77 -4.89 26.33
C ALA B 212 6.09 -5.18 25.64
N LEU B 213 6.10 -6.14 24.72
CA LEU B 213 7.32 -6.47 23.99
C LEU B 213 7.55 -5.59 22.77
N GLY B 214 6.63 -4.67 22.48
CA GLY B 214 6.79 -3.74 21.39
C GLY B 214 6.19 -4.18 20.07
N TRP B 215 5.68 -5.40 19.98
CA TRP B 215 5.08 -5.87 18.73
C TRP B 215 3.79 -5.12 18.43
N ASN B 216 3.56 -4.88 17.13
CA ASN B 216 2.34 -4.20 16.72
C ASN B 216 1.74 -4.79 15.44
N TYR B 217 2.10 -6.02 15.07
CA TYR B 217 1.62 -6.61 13.82
C TYR B 217 1.58 -8.12 14.02
N VAL B 218 0.39 -8.68 14.19
CA VAL B 218 0.22 -10.07 14.60
C VAL B 218 -0.81 -10.74 13.71
N SER B 219 -0.84 -12.07 13.78
CA SER B 219 -1.83 -12.89 13.11
C SER B 219 -2.48 -13.82 14.13
N THR B 220 -3.69 -14.27 13.82
CA THR B 220 -4.48 -15.06 14.75
C THR B 220 -4.86 -16.41 14.13
N LEU B 221 -4.82 -17.45 14.95
CA LEU B 221 -5.30 -18.78 14.59
C LEU B 221 -6.41 -19.18 15.56
N ALA B 222 -7.53 -19.63 15.01
CA ALA B 222 -8.69 -20.03 15.82
C ALA B 222 -9.16 -21.41 15.40
N SER B 223 -9.31 -22.29 16.37
CA SER B 223 -9.89 -23.61 16.11
C SER B 223 -11.41 -23.50 16.08
N GLU B 224 -12.03 -24.29 15.21
CA GLU B 224 -13.47 -24.23 15.05
C GLU B 224 -14.17 -24.66 16.33
N GLY B 225 -15.17 -23.89 16.73
CA GLY B 225 -15.91 -24.17 17.94
C GLY B 225 -16.29 -22.87 18.63
N ASN B 226 -16.67 -23.00 19.90
CA ASN B 226 -17.03 -21.83 20.70
C ASN B 226 -15.83 -21.21 21.40
N TYR B 227 -14.91 -22.03 21.90
CA TYR B 227 -13.77 -21.56 22.67
C TYR B 227 -12.84 -20.69 21.84
N GLY B 228 -12.24 -21.26 20.80
CA GLY B 228 -11.22 -20.53 20.04
C GLY B 228 -11.77 -19.31 19.33
N GLU B 229 -12.92 -19.46 18.69
CA GLU B 229 -13.49 -18.34 17.94
C GLU B 229 -13.86 -17.18 18.87
N SER B 230 -14.47 -17.49 20.02
CA SER B 230 -14.82 -16.43 20.96
C SER B 230 -13.58 -15.77 21.54
N GLY B 231 -12.55 -16.57 21.85
CA GLY B 231 -11.31 -15.98 22.35
C GLY B 231 -10.67 -15.04 21.35
N VAL B 232 -10.62 -15.46 20.08
CA VAL B 232 -10.02 -14.62 19.05
C VAL B 232 -10.87 -13.37 18.82
N GLU B 233 -12.19 -13.50 18.88
CA GLU B 233 -13.07 -12.35 18.72
C GLU B 233 -12.85 -11.34 19.85
N ALA B 234 -12.73 -11.83 21.09
CA ALA B 234 -12.47 -10.94 22.21
C ALA B 234 -11.13 -10.24 22.05
N PHE B 235 -10.09 -10.98 21.63
CA PHE B 235 -8.79 -10.37 21.40
C PHE B 235 -8.87 -9.29 20.33
N THR B 236 -9.57 -9.57 19.23
CA THR B 236 -9.69 -8.60 18.15
C THR B 236 -10.43 -7.35 18.60
N GLN B 237 -11.53 -7.53 19.36
CA GLN B 237 -12.29 -6.38 19.82
C GLN B 237 -11.47 -5.52 20.79
N ILE B 238 -10.75 -6.15 21.71
CA ILE B 238 -9.92 -5.39 22.65
C ILE B 238 -8.81 -4.67 21.89
N SER B 239 -8.21 -5.33 20.91
CA SER B 239 -7.17 -4.69 20.10
C SER B 239 -7.71 -3.47 19.36
N ARG B 240 -8.90 -3.60 18.76
CA ARG B 240 -9.50 -2.48 18.05
C ARG B 240 -9.84 -1.33 18.99
N GLU B 241 -10.34 -1.65 20.19
CA GLU B 241 -10.73 -0.60 21.12
C GLU B 241 -9.51 0.13 21.67
N ILE B 242 -8.50 -0.60 22.13
CA ILE B 242 -7.32 0.04 22.70
C ILE B 242 -6.53 0.76 21.61
N GLY B 243 -6.29 0.09 20.50
CA GLY B 243 -5.50 0.67 19.43
C GLY B 243 -4.00 0.59 19.71
N GLY B 244 -3.22 0.30 18.68
CA GLY B 244 -1.78 0.19 18.85
C GLY B 244 -1.20 -1.05 18.20
N VAL B 245 -2.03 -2.08 18.03
CA VAL B 245 -1.63 -3.33 17.39
C VAL B 245 -2.65 -3.66 16.30
N CYS B 246 -2.15 -4.13 15.16
CA CYS B 246 -2.97 -4.35 13.97
C CYS B 246 -2.91 -5.82 13.59
N ILE B 247 -4.06 -6.38 13.24
CA ILE B 247 -4.17 -7.79 12.89
C ILE B 247 -4.03 -7.93 11.38
N ALA B 248 -3.08 -8.76 10.95
CA ALA B 248 -2.85 -8.95 9.52
C ALA B 248 -3.83 -9.96 8.93
N GLN B 249 -3.79 -11.20 9.41
CA GLN B 249 -4.66 -12.26 8.90
C GLN B 249 -5.37 -12.93 10.07
N SER B 250 -6.48 -13.58 9.77
CA SER B 250 -7.21 -14.40 10.72
C SER B 250 -7.63 -15.68 10.02
N GLN B 251 -7.11 -16.82 10.49
CA GLN B 251 -7.36 -18.11 9.87
C GLN B 251 -8.41 -18.87 10.66
N LYS B 252 -8.76 -20.05 10.15
CA LYS B 252 -9.81 -20.89 10.73
C LYS B 252 -9.46 -22.35 10.44
N ILE B 253 -9.02 -23.07 11.46
CA ILE B 253 -8.71 -24.49 11.32
C ILE B 253 -10.01 -25.28 11.32
N PRO B 254 -10.32 -26.02 10.26
CA PRO B 254 -11.59 -26.76 10.22
C PRO B 254 -11.60 -27.93 11.18
N ARG B 255 -12.81 -28.35 11.54
CA ARG B 255 -12.98 -29.48 12.44
C ARG B 255 -12.45 -30.77 11.83
N GLU B 256 -12.72 -30.98 10.54
CA GLU B 256 -12.23 -32.14 9.80
C GLU B 256 -11.45 -31.66 8.58
N PRO B 257 -10.14 -31.47 8.71
CA PRO B 257 -9.37 -30.91 7.60
C PRO B 257 -9.01 -31.96 6.56
N ARG B 258 -9.01 -31.53 5.29
CA ARG B 258 -8.55 -32.37 4.20
C ARG B 258 -7.03 -32.48 4.25
N PRO B 259 -6.46 -33.51 3.62
CA PRO B 259 -4.99 -33.63 3.59
C PRO B 259 -4.34 -32.40 2.98
N GLY B 260 -3.21 -32.00 3.57
CA GLY B 260 -2.50 -30.83 3.13
C GLY B 260 -3.07 -29.50 3.61
N GLU B 261 -4.02 -29.52 4.53
CA GLU B 261 -4.64 -28.29 5.00
C GLU B 261 -3.66 -27.45 5.82
N PHE B 262 -2.89 -28.09 6.71
CA PHE B 262 -2.01 -27.34 7.60
C PHE B 262 -0.86 -26.69 6.82
N GLU B 263 -0.33 -27.39 5.80
CA GLU B 263 0.67 -26.77 4.95
C GLU B 263 0.11 -25.56 4.22
N LYS B 264 -1.15 -25.65 3.78
CA LYS B 264 -1.80 -24.51 3.15
C LYS B 264 -1.95 -23.35 4.12
N ILE B 265 -2.29 -23.64 5.38
CA ILE B 265 -2.43 -22.60 6.38
C ILE B 265 -1.08 -21.93 6.64
N ILE B 266 -0.01 -22.72 6.71
CA ILE B 266 1.33 -22.16 6.92
C ILE B 266 1.70 -21.27 5.74
N LYS B 267 1.44 -21.74 4.51
CA LYS B 267 1.77 -20.95 3.33
C LYS B 267 0.98 -19.65 3.29
N ARG B 268 -0.29 -19.69 3.70
CA ARG B 268 -1.08 -18.45 3.79
C ARG B 268 -0.49 -17.51 4.83
N LEU B 269 -0.06 -18.05 5.98
CA LEU B 269 0.59 -17.22 6.99
C LEU B 269 1.88 -16.62 6.46
N LEU B 270 2.52 -17.28 5.49
CA LEU B 270 3.75 -16.77 4.90
C LEU B 270 3.52 -15.70 3.85
N GLU B 271 2.26 -15.34 3.58
CA GLU B 271 1.94 -14.24 2.68
C GLU B 271 2.19 -12.87 3.32
N THR B 272 2.68 -12.84 4.56
CA THR B 272 2.98 -11.58 5.24
C THR B 272 4.25 -11.81 6.05
N PRO B 273 5.41 -11.63 5.45
CA PRO B 273 6.67 -11.93 6.15
C PRO B 273 6.92 -11.05 7.37
N ASN B 274 6.26 -9.90 7.47
CA ASN B 274 6.51 -8.97 8.57
C ASN B 274 5.61 -9.22 9.77
N ALA B 275 4.78 -10.26 9.75
CA ALA B 275 3.93 -10.64 10.86
C ALA B 275 4.43 -11.98 11.38
N ARG B 276 5.40 -11.93 12.30
CA ARG B 276 6.05 -13.11 12.82
C ARG B 276 5.42 -13.64 14.10
N ALA B 277 4.43 -12.94 14.66
CA ALA B 277 3.78 -13.34 15.90
C ALA B 277 2.40 -13.89 15.61
N VAL B 278 2.08 -15.06 16.16
CA VAL B 278 0.82 -15.73 15.94
C VAL B 278 0.13 -15.95 17.29
N ILE B 279 -1.11 -15.51 17.39
CA ILE B 279 -1.94 -15.75 18.57
C ILE B 279 -2.79 -16.98 18.29
N MET B 280 -2.69 -17.98 19.16
CA MET B 280 -3.28 -19.29 18.89
C MET B 280 -4.30 -19.64 19.97
N PHE B 281 -5.53 -19.93 19.55
CA PHE B 281 -6.57 -20.51 20.39
C PHE B 281 -6.98 -21.81 19.69
N ALA B 282 -6.26 -22.89 19.96
CA ALA B 282 -6.47 -24.13 19.23
C ALA B 282 -6.20 -25.33 20.12
N ASN B 283 -6.69 -26.48 19.69
CA ASN B 283 -6.53 -27.74 20.41
C ASN B 283 -5.11 -28.26 20.27
N GLU B 284 -4.75 -29.21 21.14
CA GLU B 284 -3.39 -29.72 21.16
C GLU B 284 -3.04 -30.48 19.88
N ASP B 285 -4.00 -31.23 19.32
CA ASP B 285 -3.76 -31.92 18.07
C ASP B 285 -3.50 -30.93 16.93
N ASP B 286 -4.29 -29.85 16.89
CA ASP B 286 -4.08 -28.82 15.87
C ASP B 286 -2.74 -28.14 16.05
N ILE B 287 -2.34 -27.89 17.30
CA ILE B 287 -1.04 -27.30 17.57
C ILE B 287 0.07 -28.21 17.05
N ARG B 288 -0.03 -29.51 17.34
CA ARG B 288 0.98 -30.45 16.89
C ARG B 288 1.07 -30.51 15.38
N ARG B 289 -0.08 -30.52 14.70
CA ARG B 289 -0.06 -30.61 13.24
C ARG B 289 0.45 -29.32 12.60
N ILE B 290 0.10 -28.16 13.19
CA ILE B 290 0.63 -26.90 12.68
C ILE B 290 2.14 -26.85 12.84
N LEU B 291 2.66 -27.30 13.98
CA LEU B 291 4.10 -27.32 14.20
C LEU B 291 4.77 -28.30 13.23
N GLU B 292 4.13 -29.44 12.96
CA GLU B 292 4.67 -30.39 12.01
C GLU B 292 4.78 -29.78 10.61
N ALA B 293 3.72 -29.08 10.17
CA ALA B 293 3.76 -28.43 8.87
C ALA B 293 4.83 -27.35 8.82
N ALA B 294 4.96 -26.56 9.88
CA ALA B 294 5.97 -25.52 9.92
C ALA B 294 7.37 -26.11 9.84
N LYS B 295 7.62 -27.21 10.55
CA LYS B 295 8.92 -27.88 10.46
C LYS B 295 9.15 -28.43 9.07
N LYS B 296 8.12 -28.99 8.44
CA LYS B 296 8.28 -29.57 7.11
C LYS B 296 8.62 -28.49 6.09
N LEU B 297 8.07 -27.29 6.25
CA LEU B 297 8.30 -26.21 5.29
C LEU B 297 9.53 -25.37 5.62
N ASN B 298 10.37 -25.83 6.56
CA ASN B 298 11.63 -25.17 6.90
C ASN B 298 11.41 -23.72 7.35
N GLN B 299 10.68 -23.58 8.46
CA GLN B 299 10.45 -22.29 9.09
C GLN B 299 10.88 -22.33 10.55
N SER B 300 11.98 -23.03 10.83
CA SER B 300 12.46 -23.21 12.21
C SER B 300 13.17 -21.93 12.65
N GLY B 301 12.37 -20.95 13.05
CA GLY B 301 12.90 -19.70 13.55
C GLY B 301 12.16 -18.47 13.06
N HIS B 302 11.22 -18.67 12.15
CA HIS B 302 10.47 -17.55 11.59
C HIS B 302 9.34 -17.12 12.53
N PHE B 303 8.45 -18.05 12.87
CA PHE B 303 7.27 -17.71 13.64
C PHE B 303 7.58 -17.57 15.12
N LEU B 304 6.81 -16.72 15.79
CA LEU B 304 6.82 -16.59 17.24
C LEU B 304 5.43 -16.91 17.77
N TRP B 305 5.36 -17.83 18.72
CA TRP B 305 4.09 -18.38 19.17
C TRP B 305 3.64 -17.77 20.50
N ILE B 306 2.34 -17.52 20.61
CA ILE B 306 1.71 -17.08 21.86
C ILE B 306 0.45 -17.91 22.02
N GLY B 307 0.44 -18.82 22.98
CA GLY B 307 -0.67 -19.75 23.14
C GLY B 307 -1.55 -19.50 24.33
N SER B 308 -2.77 -20.04 24.30
CA SER B 308 -3.73 -19.90 25.38
C SER B 308 -3.58 -21.08 26.34
N ASP B 309 -4.55 -21.25 27.23
CA ASP B 309 -4.50 -22.35 28.19
C ASP B 309 -4.66 -23.72 27.54
N SER B 310 -5.13 -23.77 26.30
CA SER B 310 -5.21 -25.05 25.59
C SER B 310 -3.83 -25.60 25.27
N TRP B 311 -2.82 -24.74 25.15
CA TRP B 311 -1.44 -25.19 25.03
C TRP B 311 -0.85 -25.45 26.42
N GLY B 312 -0.81 -24.41 27.25
CA GLY B 312 -0.40 -24.59 28.64
C GLY B 312 1.02 -25.09 28.75
N SER B 313 1.19 -26.16 29.54
CA SER B 313 2.49 -26.77 29.76
C SER B 313 2.52 -28.21 29.27
N LYS B 314 1.71 -28.52 28.25
CA LYS B 314 1.65 -29.87 27.72
C LYS B 314 2.93 -30.21 26.98
N ILE B 315 3.27 -31.51 26.98
CA ILE B 315 4.47 -31.99 26.34
C ILE B 315 4.20 -32.68 25.01
N ALA B 316 3.00 -33.26 24.83
CA ALA B 316 2.70 -34.00 23.61
C ALA B 316 2.85 -33.18 22.33
N PRO B 317 2.34 -31.94 22.24
CA PRO B 317 2.51 -31.18 20.98
C PRO B 317 3.95 -30.85 20.64
N VAL B 318 4.88 -30.95 21.57
CA VAL B 318 6.28 -30.58 21.33
C VAL B 318 7.19 -31.74 21.67
N TYR B 319 6.70 -32.98 21.50
CA TYR B 319 7.43 -34.15 21.96
C TYR B 319 8.77 -34.29 21.25
N GLN B 320 8.78 -34.19 19.93
CA GLN B 320 10.01 -34.25 19.14
C GLN B 320 10.03 -33.14 18.11
N GLN B 321 9.53 -31.97 18.49
CA GLN B 321 9.47 -30.79 17.64
C GLN B 321 9.93 -29.57 18.43
N GLU B 322 11.03 -29.75 19.17
CA GLU B 322 11.48 -28.72 20.10
C GLU B 322 11.93 -27.46 19.36
N GLU B 323 12.66 -27.62 18.26
CA GLU B 323 13.24 -26.48 17.57
C GLU B 323 12.21 -25.57 16.94
N ILE B 324 11.09 -26.11 16.46
CA ILE B 324 10.06 -25.29 15.82
C ILE B 324 9.20 -24.55 16.85
N ALA B 325 9.20 -25.00 18.11
CA ALA B 325 8.36 -24.41 19.13
C ALA B 325 9.13 -23.72 20.25
N GLU B 326 10.45 -23.63 20.14
CA GLU B 326 11.23 -22.99 21.19
C GLU B 326 10.91 -21.50 21.24
N GLY B 327 10.71 -20.99 22.46
CA GLY B 327 10.36 -19.59 22.64
C GLY B 327 8.87 -19.29 22.61
N ALA B 328 8.01 -20.29 22.73
CA ALA B 328 6.58 -20.07 22.74
C ALA B 328 6.11 -19.62 24.12
N VAL B 329 5.17 -18.69 24.15
CA VAL B 329 4.65 -18.12 25.38
C VAL B 329 3.24 -18.62 25.61
N THR B 330 2.99 -19.15 26.80
CA THR B 330 1.70 -19.73 27.16
C THR B 330 1.19 -19.12 28.46
N ILE B 331 -0.12 -19.19 28.65
CA ILE B 331 -0.79 -18.60 29.81
C ILE B 331 -1.66 -19.67 30.46
N LEU B 332 -1.57 -19.80 31.78
CA LEU B 332 -2.40 -20.75 32.52
C LEU B 332 -2.99 -20.12 33.77
N PRO B 333 -4.20 -20.52 34.16
CA PRO B 333 -4.71 -20.09 35.46
C PRO B 333 -3.83 -20.64 36.59
N LYS B 334 -3.72 -19.86 37.66
CA LYS B 334 -2.90 -20.26 38.79
C LYS B 334 -3.47 -21.51 39.45
N ARG B 335 -2.57 -22.42 39.84
CA ARG B 335 -2.97 -23.70 40.40
C ARG B 335 -1.78 -24.31 41.11
N ALA B 336 -2.06 -25.34 41.91
CA ALA B 336 -1.02 -26.07 42.62
C ALA B 336 -1.45 -27.53 42.74
N SER B 337 -0.61 -28.34 43.38
CA SER B 337 -0.86 -29.76 43.55
C SER B 337 -1.41 -30.02 44.95
N ILE B 338 -2.19 -31.09 45.08
CA ILE B 338 -2.82 -31.48 46.33
C ILE B 338 -2.24 -32.83 46.74
N ASP B 339 -1.62 -32.89 47.91
CA ASP B 339 -0.98 -34.12 48.37
C ASP B 339 -2.01 -35.14 48.87
N GLY B 340 -3.11 -34.66 49.47
CA GLY B 340 -4.12 -35.57 49.94
C GLY B 340 -4.73 -36.40 48.83
N PHE B 341 -5.01 -35.76 47.69
CA PHE B 341 -5.51 -36.50 46.53
C PHE B 341 -4.48 -37.50 46.04
N ASP B 342 -3.20 -37.12 46.08
CA ASP B 342 -2.15 -38.05 45.65
C ASP B 342 -2.12 -39.29 46.54
N ARG B 343 -2.19 -39.11 47.86
CA ARG B 343 -2.20 -40.26 48.76
C ARG B 343 -3.44 -41.11 48.54
N TYR B 344 -4.60 -40.46 48.39
CA TYR B 344 -5.84 -41.21 48.17
C TYR B 344 -5.76 -42.03 46.89
N PHE B 345 -5.23 -41.44 45.81
CA PHE B 345 -5.16 -42.16 44.54
C PHE B 345 -4.14 -43.29 44.59
N ARG B 346 -2.98 -43.05 45.21
CA ARG B 346 -1.98 -44.10 45.33
C ARG B 346 -2.44 -45.23 46.24
N SER B 347 -3.41 -44.97 47.12
CA SER B 347 -3.91 -46.01 48.01
C SER B 347 -4.98 -46.91 47.39
N ARG B 348 -5.35 -46.67 46.14
CA ARG B 348 -6.47 -47.40 45.54
C ARG B 348 -6.03 -48.74 44.96
N THR B 349 -6.82 -49.77 45.23
CA THR B 349 -6.69 -51.09 44.62
C THR B 349 -8.07 -51.56 44.21
N LEU B 350 -8.11 -52.67 43.45
CA LEU B 350 -9.40 -53.20 43.01
C LEU B 350 -10.23 -53.71 44.18
N ALA B 351 -9.59 -54.27 45.20
CA ALA B 351 -10.32 -54.87 46.31
C ALA B 351 -11.07 -53.84 47.15
N ASN B 352 -10.75 -52.55 47.01
CA ASN B 352 -11.37 -51.53 47.83
C ASN B 352 -11.87 -50.33 47.04
N ASN B 353 -11.87 -50.39 45.72
CA ASN B 353 -12.35 -49.28 44.88
C ASN B 353 -13.39 -49.76 43.90
N ARG B 354 -14.27 -50.65 44.34
CA ARG B 354 -15.35 -51.13 43.47
C ARG B 354 -16.43 -50.08 43.25
N ARG B 355 -16.39 -48.97 43.98
CA ARG B 355 -17.35 -47.88 43.76
C ARG B 355 -17.20 -47.31 42.35
N ASN B 356 -15.95 -47.16 41.89
CA ASN B 356 -15.69 -46.74 40.52
C ASN B 356 -15.94 -47.89 39.57
N VAL B 357 -16.77 -47.65 38.54
CA VAL B 357 -17.10 -48.71 37.58
C VAL B 357 -16.20 -48.71 36.37
N TRP B 358 -15.41 -47.65 36.15
CA TRP B 358 -14.47 -47.59 35.05
C TRP B 358 -13.05 -47.91 35.48
N PHE B 359 -12.86 -48.41 36.70
CA PHE B 359 -11.51 -48.57 37.23
C PHE B 359 -10.78 -49.77 36.64
N ALA B 360 -11.49 -50.83 36.27
CA ALA B 360 -10.82 -51.97 35.65
C ALA B 360 -10.24 -51.60 34.28
N GLU B 361 -11.00 -50.85 33.49
CA GLU B 361 -10.51 -50.39 32.20
C GLU B 361 -9.30 -49.48 32.36
N PHE B 362 -9.33 -48.61 33.38
CA PHE B 362 -8.18 -47.77 33.68
C PHE B 362 -6.97 -48.61 34.07
N TRP B 363 -7.19 -49.63 34.90
CA TRP B 363 -6.11 -50.52 35.30
C TRP B 363 -5.46 -51.16 34.07
N GLU B 364 -6.29 -51.69 33.18
CA GLU B 364 -5.78 -52.36 31.99
C GLU B 364 -5.00 -51.39 31.10
N GLU B 365 -5.59 -50.23 30.81
CA GLU B 365 -4.91 -49.26 29.94
C GLU B 365 -3.74 -48.58 30.60
N ASN B 366 -3.57 -48.73 31.92
CA ASN B 366 -2.46 -48.11 32.63
C ASN B 366 -1.27 -49.06 32.75
N PHE B 367 -1.49 -50.26 33.29
CA PHE B 367 -0.40 -51.18 33.54
C PHE B 367 -0.11 -52.11 32.37
N GLY B 368 -0.84 -51.98 31.27
CA GLY B 368 -0.50 -52.70 30.06
C GLY B 368 -0.90 -54.16 30.00
N CYS B 369 -1.71 -54.62 30.94
CA CYS B 369 -2.17 -56.00 30.98
C CYS B 369 -3.67 -56.06 30.81
N LYS B 370 -4.21 -57.28 30.71
CA LYS B 370 -5.64 -57.50 30.61
C LYS B 370 -6.05 -58.52 31.67
N LEU B 371 -7.08 -58.19 32.43
CA LEU B 371 -7.56 -59.07 33.49
C LEU B 371 -8.94 -59.63 33.16
N ILE B 381 -1.79 -60.71 25.44
CA ILE B 381 -0.76 -59.87 26.03
C ILE B 381 -0.46 -60.33 27.45
N LYS B 382 0.05 -59.43 28.27
CA LYS B 382 0.35 -59.75 29.66
C LYS B 382 -0.93 -60.00 30.46
N LYS B 383 -0.80 -60.79 31.51
CA LYS B 383 -1.90 -61.13 32.39
C LYS B 383 -1.75 -60.38 33.70
N CYS B 384 -2.80 -59.66 34.11
CA CYS B 384 -2.74 -58.88 35.33
C CYS B 384 -2.66 -59.79 36.54
N THR B 385 -1.75 -59.48 37.45
CA THR B 385 -1.63 -60.25 38.69
C THR B 385 -2.54 -59.72 39.79
N GLY B 386 -3.21 -58.59 39.58
CA GLY B 386 -4.04 -58.03 40.62
C GLY B 386 -3.28 -57.52 41.81
N LEU B 387 -1.98 -57.23 41.66
CA LEU B 387 -1.16 -56.79 42.76
C LEU B 387 -0.34 -55.54 42.43
N GLU B 388 -0.54 -54.94 41.27
CA GLU B 388 0.22 -53.75 40.91
C GLU B 388 -0.24 -52.55 41.74
N ARG B 389 0.66 -51.59 41.92
CA ARG B 389 0.35 -50.33 42.59
C ARG B 389 0.76 -49.17 41.71
N ILE B 390 -0.07 -48.13 41.68
CA ILE B 390 0.20 -46.96 40.86
C ILE B 390 1.42 -46.22 41.40
N ALA B 391 2.06 -45.44 40.53
CA ALA B 391 3.25 -44.64 40.79
C ALA B 391 4.50 -45.47 41.03
N ARG B 392 4.40 -46.80 41.03
CA ARG B 392 5.54 -47.70 41.10
C ARG B 392 5.79 -48.43 39.80
N ASP B 393 4.76 -49.06 39.24
CA ASP B 393 4.86 -49.78 37.98
C ASP B 393 4.65 -48.89 36.77
N SER B 394 4.24 -47.63 36.97
CA SER B 394 4.06 -46.69 35.88
C SER B 394 4.29 -45.28 36.40
N SER B 395 4.60 -44.38 35.48
CA SER B 395 4.78 -42.99 35.83
C SER B 395 3.45 -42.35 36.22
N TYR B 396 3.49 -41.51 37.25
CA TYR B 396 2.28 -40.89 37.77
C TYR B 396 2.48 -39.38 37.90
N GLU B 397 1.45 -38.63 37.53
CA GLU B 397 1.47 -37.18 37.64
C GLU B 397 0.04 -36.68 37.71
N GLN B 398 -0.21 -35.70 38.58
CA GLN B 398 -1.55 -35.17 38.75
C GLN B 398 -2.01 -34.40 37.52
N GLU B 399 -3.30 -34.49 37.25
CA GLU B 399 -3.92 -33.59 36.28
C GLU B 399 -3.99 -32.19 36.89
N GLY B 400 -3.88 -31.18 36.02
CA GLY B 400 -3.78 -29.81 36.50
C GLY B 400 -5.05 -29.24 37.09
N LYS B 401 -6.20 -29.83 36.80
CA LYS B 401 -7.49 -29.26 37.16
C LYS B 401 -8.19 -30.05 38.26
N VAL B 402 -7.43 -30.53 39.25
CA VAL B 402 -8.02 -31.18 40.40
C VAL B 402 -8.47 -30.15 41.44
N GLN B 403 -7.64 -29.13 41.65
CA GLN B 403 -7.97 -28.08 42.62
C GLN B 403 -9.29 -27.41 42.29
N PHE B 404 -9.55 -27.16 41.01
CA PHE B 404 -10.78 -26.47 40.63
C PHE B 404 -12.01 -27.34 40.90
N VAL B 405 -11.92 -28.64 40.63
CA VAL B 405 -13.04 -29.54 40.92
C VAL B 405 -13.32 -29.57 42.42
N ILE B 406 -12.26 -29.71 43.22
CA ILE B 406 -12.43 -29.74 44.67
C ILE B 406 -13.03 -28.42 45.16
N ASP B 407 -12.58 -27.30 44.58
CA ASP B 407 -13.10 -26.00 44.98
C ASP B 407 -14.57 -25.84 44.62
N ALA B 408 -14.99 -26.33 43.46
CA ALA B 408 -16.39 -26.28 43.09
C ALA B 408 -17.25 -27.10 44.05
N VAL B 409 -16.80 -28.30 44.38
CA VAL B 409 -17.56 -29.14 45.31
C VAL B 409 -17.66 -28.46 46.67
N TYR B 410 -16.54 -27.90 47.16
CA TYR B 410 -16.57 -27.23 48.45
C TYR B 410 -17.42 -25.96 48.41
N SER B 411 -17.47 -25.27 47.28
CA SER B 411 -18.33 -24.10 47.16
C SER B 411 -19.79 -24.49 47.27
N MET B 412 -20.19 -25.57 46.61
CA MET B 412 -21.56 -26.05 46.75
C MET B 412 -21.86 -26.44 48.19
N ALA B 413 -20.91 -27.12 48.84
CA ALA B 413 -21.12 -27.51 50.24
C ALA B 413 -21.27 -26.30 51.15
N TYR B 414 -20.44 -25.28 50.95
CA TYR B 414 -20.50 -24.08 51.78
C TYR B 414 -21.79 -23.31 51.55
N ALA B 415 -22.26 -23.26 50.30
CA ALA B 415 -23.55 -22.63 50.02
C ALA B 415 -24.67 -23.33 50.75
N LEU B 416 -24.67 -24.68 50.70
CA LEU B 416 -25.69 -25.43 51.42
C LEU B 416 -25.59 -25.19 52.92
N HIS B 417 -24.37 -25.12 53.45
CA HIS B 417 -24.18 -24.87 54.87
C HIS B 417 -24.77 -23.52 55.28
N ASN B 418 -24.48 -22.47 54.51
CA ASN B 418 -25.01 -21.15 54.84
C ASN B 418 -26.52 -21.12 54.73
N MET B 419 -27.08 -21.75 53.70
CA MET B 419 -28.53 -21.81 53.56
C MET B 419 -29.17 -22.53 54.74
N HIS B 420 -28.58 -23.64 55.17
CA HIS B 420 -29.11 -24.35 56.32
C HIS B 420 -29.01 -23.50 57.58
N LYS B 421 -27.91 -22.77 57.74
CA LYS B 421 -27.75 -21.93 58.92
C LYS B 421 -28.81 -20.84 58.97
N ASP B 422 -29.15 -20.25 57.83
CA ASP B 422 -30.16 -19.20 57.84
C ASP B 422 -31.57 -19.75 57.98
N LEU B 423 -31.96 -20.70 57.11
CA LEU B 423 -33.36 -21.12 57.06
C LEU B 423 -33.76 -22.00 58.23
N CYS B 424 -32.89 -22.91 58.67
CA CYS B 424 -33.23 -23.86 59.74
C CYS B 424 -32.33 -23.57 60.93
N PRO B 425 -32.65 -22.59 61.76
CA PRO B 425 -31.75 -22.23 62.86
C PRO B 425 -31.89 -23.14 64.06
N GLY B 426 -30.77 -23.33 64.77
CA GLY B 426 -30.77 -24.05 66.03
C GLY B 426 -31.30 -25.46 65.94
N TYR B 427 -30.97 -26.19 64.88
CA TYR B 427 -31.49 -27.52 64.67
C TYR B 427 -30.35 -28.42 64.25
N ILE B 428 -30.43 -29.69 64.63
CA ILE B 428 -29.41 -30.68 64.31
C ILE B 428 -29.96 -31.53 63.16
N GLY B 429 -29.32 -31.42 62.00
CA GLY B 429 -29.79 -32.15 60.84
C GLY B 429 -30.53 -31.27 59.86
N LEU B 430 -31.70 -31.72 59.42
CA LEU B 430 -32.45 -31.05 58.36
C LEU B 430 -33.85 -30.74 58.91
N CYS B 431 -34.23 -29.46 58.87
CA CYS B 431 -35.53 -29.07 59.40
C CYS B 431 -36.63 -29.36 58.37
N PRO B 432 -37.87 -29.55 58.82
CA PRO B 432 -38.96 -29.85 57.88
C PRO B 432 -39.16 -28.77 56.82
N ARG B 433 -38.87 -27.51 57.13
CA ARG B 433 -39.01 -26.42 56.12
C ARG B 433 -38.03 -26.66 54.97
N MET B 434 -36.93 -27.34 55.24
CA MET B 434 -35.92 -27.62 54.24
C MET B 434 -36.16 -28.96 53.54
N SER B 435 -37.41 -29.33 53.33
CA SER B 435 -37.70 -30.58 52.62
C SER B 435 -37.26 -30.52 51.16
N THR B 436 -37.38 -29.37 50.52
CA THR B 436 -36.99 -29.21 49.12
C THR B 436 -36.10 -27.98 49.00
N ILE B 437 -34.93 -28.15 48.37
CA ILE B 437 -34.01 -27.03 48.20
C ILE B 437 -34.54 -26.11 47.10
N ASP B 438 -34.50 -24.81 47.36
CA ASP B 438 -34.95 -23.80 46.41
C ASP B 438 -33.79 -23.39 45.52
N GLY B 439 -34.00 -23.47 44.21
CA GLY B 439 -32.89 -23.24 43.28
C GLY B 439 -32.41 -21.80 43.26
N LYS B 440 -33.33 -20.84 43.21
CA LYS B 440 -32.93 -19.44 43.10
C LYS B 440 -32.21 -18.96 44.36
N GLU B 441 -32.72 -19.33 45.53
CA GLU B 441 -32.05 -18.95 46.77
C GLU B 441 -30.71 -19.66 46.90
N LEU B 442 -30.62 -20.90 46.43
CA LEU B 442 -29.34 -21.61 46.44
C LEU B 442 -28.32 -20.92 45.55
N LEU B 443 -28.75 -20.45 44.38
CA LEU B 443 -27.85 -19.69 43.52
C LEU B 443 -27.40 -18.40 44.18
N GLY B 444 -28.34 -17.71 44.83
CA GLY B 444 -27.97 -16.49 45.54
C GLY B 444 -26.95 -16.75 46.64
N TYR B 445 -27.10 -17.87 47.35
CA TYR B 445 -26.10 -18.22 48.36
C TYR B 445 -24.77 -18.61 47.72
N ILE B 446 -24.82 -19.26 46.57
CA ILE B 446 -23.60 -19.65 45.87
C ILE B 446 -22.78 -18.43 45.48
N ARG B 447 -23.46 -17.39 44.98
CA ARG B 447 -22.76 -16.21 44.49
C ARG B 447 -22.07 -15.42 45.60
N ALA B 448 -22.34 -15.71 46.87
CA ALA B 448 -21.82 -14.91 47.98
C ALA B 448 -21.03 -15.76 48.97
N VAL B 449 -20.28 -16.74 48.48
CA VAL B 449 -19.43 -17.55 49.35
C VAL B 449 -18.03 -16.95 49.38
N ASN B 450 -17.31 -17.19 50.47
CA ASN B 450 -15.96 -16.66 50.64
C ASN B 450 -15.23 -17.59 51.60
N PHE B 451 -14.31 -18.39 51.06
CA PHE B 451 -13.58 -19.36 51.86
C PHE B 451 -12.24 -19.64 51.20
N ASN B 452 -11.35 -20.26 51.95
CA ASN B 452 -10.02 -20.64 51.45
C ASN B 452 -10.09 -22.07 50.95
N GLY B 453 -9.68 -22.28 49.69
CA GLY B 453 -9.81 -23.57 49.04
C GLY B 453 -8.78 -24.58 49.48
N SER B 454 -8.53 -25.56 48.62
CA SER B 454 -7.60 -26.65 48.92
C SER B 454 -6.15 -26.27 48.65
N ALA B 455 -5.89 -25.08 48.12
CA ALA B 455 -4.53 -24.61 47.86
C ALA B 455 -4.19 -23.37 48.65
N GLY B 456 -4.99 -23.01 49.65
CA GLY B 456 -4.74 -21.81 50.42
C GLY B 456 -5.09 -20.52 49.73
N THR B 457 -5.87 -20.56 48.65
CA THR B 457 -6.21 -19.37 47.90
C THR B 457 -7.71 -19.11 47.97
N PRO B 458 -8.12 -17.85 48.08
CA PRO B 458 -9.54 -17.53 48.20
C PRO B 458 -10.33 -17.91 46.95
N VAL B 459 -11.59 -18.27 47.16
CA VAL B 459 -12.52 -18.60 46.09
C VAL B 459 -13.70 -17.65 46.22
N THR B 460 -13.90 -16.80 45.23
CA THR B 460 -14.97 -15.81 45.25
C THR B 460 -15.58 -15.71 43.86
N PHE B 461 -16.76 -15.09 43.81
CA PHE B 461 -17.49 -14.92 42.56
C PHE B 461 -17.88 -13.46 42.38
N ASN B 462 -18.10 -13.08 41.12
CA ASN B 462 -18.59 -11.75 40.78
C ASN B 462 -20.11 -11.72 40.97
N GLU B 463 -20.74 -10.65 40.49
CA GLU B 463 -22.19 -10.61 40.41
C GLU B 463 -22.72 -11.36 39.19
N ASN B 464 -21.83 -11.81 38.31
CA ASN B 464 -22.20 -12.60 37.15
C ASN B 464 -21.93 -14.09 37.35
N GLY B 465 -21.15 -14.46 38.37
CA GLY B 465 -20.82 -15.84 38.63
C GLY B 465 -19.44 -16.27 38.16
N ASP B 466 -18.63 -15.35 37.65
CA ASP B 466 -17.29 -15.69 37.16
C ASP B 466 -16.30 -15.66 38.32
N ALA B 467 -15.02 -15.74 38.00
CA ALA B 467 -13.94 -15.68 38.97
C ALA B 467 -12.91 -14.66 38.53
N PRO B 468 -12.19 -14.05 39.48
CA PRO B 468 -11.19 -13.05 39.10
C PRO B 468 -10.07 -13.66 38.28
N GLY B 469 -9.53 -12.86 37.36
CA GLY B 469 -8.47 -13.30 36.48
C GLY B 469 -7.11 -13.29 37.12
N ARG B 470 -6.52 -14.47 37.31
CA ARG B 470 -5.20 -14.61 37.92
C ARG B 470 -4.43 -15.66 37.13
N TYR B 471 -3.45 -15.23 36.35
CA TYR B 471 -2.75 -16.09 35.41
C TYR B 471 -1.25 -16.09 35.66
N ASP B 472 -0.62 -17.19 35.27
CA ASP B 472 0.83 -17.34 35.22
C ASP B 472 1.26 -17.52 33.76
N ILE B 473 2.49 -17.10 33.46
CA ILE B 473 3.00 -17.08 32.09
C ILE B 473 4.23 -17.98 32.03
N PHE B 474 4.26 -18.87 31.04
CA PHE B 474 5.36 -19.79 30.82
C PHE B 474 5.98 -19.54 29.45
N GLN B 475 7.25 -19.89 29.31
CA GLN B 475 7.93 -19.86 28.02
C GLN B 475 8.72 -21.15 27.85
N TYR B 476 8.57 -21.79 26.69
CA TYR B 476 9.35 -22.99 26.38
C TYR B 476 10.77 -22.58 26.02
N GLN B 477 11.74 -23.24 26.65
CA GLN B 477 13.14 -22.87 26.49
C GLN B 477 13.99 -24.12 26.35
N ILE B 478 14.98 -24.05 25.45
CA ILE B 478 15.92 -25.15 25.23
C ILE B 478 17.31 -24.66 25.63
N THR B 479 17.88 -25.30 26.64
CA THR B 479 19.26 -25.03 27.06
C THR B 479 19.99 -26.37 27.12
N ASN B 480 20.97 -26.55 26.25
CA ASN B 480 21.74 -27.79 26.16
C ASN B 480 20.81 -28.97 25.88
N LYS B 481 20.56 -29.79 26.89
CA LYS B 481 19.69 -30.95 26.75
C LYS B 481 18.38 -30.82 27.52
N SER B 482 18.31 -29.96 28.52
CA SER B 482 17.12 -29.82 29.35
C SER B 482 16.18 -28.79 28.73
N THR B 483 14.92 -29.21 28.55
CA THR B 483 13.87 -28.33 28.05
C THR B 483 12.70 -28.38 29.02
N GLU B 484 12.12 -27.21 29.28
CA GLU B 484 11.06 -27.11 30.30
C GLU B 484 10.39 -25.75 30.19
N TYR B 485 9.10 -25.72 30.51
CA TYR B 485 8.36 -24.47 30.58
C TYR B 485 8.77 -23.71 31.84
N LYS B 486 9.27 -22.49 31.66
CA LYS B 486 9.81 -21.69 32.75
C LYS B 486 8.91 -20.49 33.04
N VAL B 487 8.66 -20.26 34.31
CA VAL B 487 7.78 -19.16 34.74
C VAL B 487 8.52 -17.84 34.60
N ILE B 488 7.89 -16.88 33.94
CA ILE B 488 8.50 -15.57 33.70
C ILE B 488 7.68 -14.41 34.25
N GLY B 489 6.40 -14.60 34.54
CA GLY B 489 5.59 -13.50 35.03
C GLY B 489 4.17 -13.94 35.28
N HIS B 490 3.34 -12.97 35.66
CA HIS B 490 1.96 -13.26 36.01
C HIS B 490 1.07 -12.09 35.60
N TRP B 491 -0.24 -12.28 35.79
CA TRP B 491 -1.26 -11.31 35.43
C TRP B 491 -2.36 -11.38 36.47
N THR B 492 -2.39 -10.40 37.37
CA THR B 492 -3.42 -10.28 38.40
C THR B 492 -3.95 -8.86 38.33
N ASN B 493 -4.93 -8.64 37.45
CA ASN B 493 -5.53 -7.34 37.13
C ASN B 493 -4.54 -6.38 36.51
N GLN B 494 -3.28 -6.78 36.32
CA GLN B 494 -2.25 -5.95 35.70
C GLN B 494 -1.05 -6.84 35.42
N LEU B 495 -0.40 -6.61 34.28
CA LEU B 495 0.72 -7.45 33.87
C LEU B 495 1.93 -7.26 34.77
N HIS B 496 2.66 -8.35 35.00
CA HIS B 496 3.95 -8.32 35.69
C HIS B 496 4.85 -9.29 34.91
N LEU B 497 5.67 -8.74 34.02
CA LEU B 497 6.47 -9.53 33.09
C LEU B 497 7.94 -9.18 33.29
N LYS B 498 8.75 -10.19 33.56
CA LYS B 498 10.20 -10.02 33.70
C LYS B 498 10.87 -10.36 32.38
N VAL B 499 11.18 -9.33 31.59
CA VAL B 499 11.78 -9.54 30.27
C VAL B 499 13.22 -10.00 30.35
N GLU B 500 13.91 -9.75 31.46
CA GLU B 500 15.32 -10.13 31.58
C GLU B 500 15.54 -11.63 31.59
N ASP B 501 14.49 -12.43 31.77
CA ASP B 501 14.61 -13.88 31.81
C ASP B 501 14.00 -14.54 30.57
N MET B 502 13.77 -13.78 29.52
CA MET B 502 13.22 -14.31 28.27
C MET B 502 14.37 -14.75 27.38
N GLN B 503 14.36 -16.01 26.97
CA GLN B 503 15.45 -16.61 26.19
C GLN B 503 14.92 -17.02 24.82
N TRP B 504 15.12 -16.15 23.84
CA TRP B 504 14.72 -16.44 22.47
C TRP B 504 15.87 -17.10 21.71
N ALA B 505 15.51 -17.94 20.74
CA ALA B 505 16.47 -18.61 19.85
C ALA B 505 17.59 -19.31 20.61
N THR B 510 19.41 -10.03 20.02
CA THR B 510 18.75 -9.96 21.33
C THR B 510 17.25 -10.21 21.20
N HIS B 511 16.45 -9.23 21.61
CA HIS B 511 15.01 -9.37 21.58
C HIS B 511 14.52 -9.30 20.13
N PRO B 512 13.61 -10.20 19.72
CA PRO B 512 13.15 -10.20 18.33
C PRO B 512 12.23 -9.03 18.02
N ALA B 513 11.65 -9.01 16.82
CA ALA B 513 10.78 -7.91 16.43
C ALA B 513 9.71 -8.41 15.49
N SER B 514 8.50 -7.85 15.65
CA SER B 514 7.37 -8.11 14.75
C SER B 514 6.68 -6.77 14.51
N VAL B 515 7.14 -6.05 13.50
CA VAL B 515 6.63 -4.72 13.18
C VAL B 515 6.36 -4.63 11.69
N CYS B 516 5.30 -3.90 11.33
CA CYS B 516 4.95 -3.77 9.92
C CYS B 516 5.95 -2.89 9.16
N SER B 517 6.34 -1.77 9.77
CA SER B 517 7.26 -0.82 9.14
C SER B 517 8.37 -0.46 10.11
N LEU B 518 9.59 -0.43 9.59
CA LEU B 518 10.73 -0.06 10.42
C LEU B 518 10.70 1.43 10.71
N PRO B 519 11.29 1.86 11.83
CA PRO B 519 11.43 3.30 12.08
C PRO B 519 12.37 3.92 11.06
N CYS B 520 11.89 4.97 10.40
CA CYS B 520 12.62 5.57 9.28
C CYS B 520 13.70 6.52 9.77
N LYS B 521 14.63 6.82 8.87
CA LYS B 521 15.72 7.76 9.11
C LYS B 521 15.15 9.19 9.14
N PRO B 522 16.00 10.22 9.36
CA PRO B 522 15.47 11.59 9.50
C PRO B 522 14.65 12.14 8.33
N GLY B 523 15.21 12.14 7.11
CA GLY B 523 14.59 12.87 6.02
C GLY B 523 13.74 12.05 5.05
N GLU B 524 12.42 12.08 5.24
CA GLU B 524 11.48 11.38 4.37
C GLU B 524 10.14 12.11 4.46
N ARG B 525 9.12 11.53 3.82
CA ARG B 525 7.73 11.90 4.05
C ARG B 525 6.93 10.65 4.38
N LYS B 526 6.45 10.56 5.62
CA LYS B 526 5.72 9.38 6.07
C LYS B 526 4.28 9.43 5.55
N LYS B 527 3.88 8.39 4.84
CA LYS B 527 2.54 8.29 4.26
C LYS B 527 1.81 7.14 4.96
N THR B 528 0.99 7.48 5.95
CA THR B 528 0.20 6.47 6.63
C THR B 528 -0.83 5.88 5.69
N VAL B 529 -0.87 4.55 5.61
CA VAL B 529 -1.82 3.89 4.74
C VAL B 529 -3.22 4.08 5.28
N LYS B 530 -4.20 4.16 4.37
CA LYS B 530 -5.60 4.28 4.78
C LYS B 530 -6.02 3.03 5.55
N GLY B 531 -6.87 3.23 6.56
CA GLY B 531 -7.27 2.13 7.39
C GLY B 531 -6.34 1.87 8.55
N VAL B 532 -5.50 0.85 8.42
CA VAL B 532 -4.61 0.44 9.52
C VAL B 532 -3.58 1.54 9.79
N PRO B 533 -3.46 2.03 11.02
CA PRO B 533 -2.43 3.02 11.34
C PRO B 533 -1.04 2.45 11.59
N CYS B 534 -0.87 1.14 11.53
CA CYS B 534 0.38 0.52 11.92
C CYS B 534 1.45 0.53 10.84
N CYS B 535 1.06 0.57 9.57
CA CYS B 535 1.99 0.47 8.46
C CYS B 535 2.14 1.81 7.76
N TRP B 536 3.38 2.21 7.53
CA TRP B 536 3.70 3.43 6.81
C TRP B 536 4.80 3.12 5.79
N HIS B 537 4.72 3.73 4.62
CA HIS B 537 5.75 3.63 3.60
C HIS B 537 6.44 4.98 3.51
N CYS B 538 7.73 5.01 3.87
CA CYS B 538 8.48 6.26 3.93
C CYS B 538 9.56 6.25 2.85
N GLU B 539 9.61 7.33 2.08
CA GLU B 539 10.57 7.49 0.99
C GLU B 539 11.22 8.87 1.10
N ARG B 540 12.47 8.93 0.67
CA ARG B 540 13.27 10.14 0.77
C ARG B 540 13.06 11.03 -0.45
N CYS B 541 12.70 12.28 -0.20
CA CYS B 541 12.39 13.24 -1.26
C CYS B 541 13.69 13.68 -1.94
N GLU B 542 13.56 14.56 -2.93
CA GLU B 542 14.67 14.91 -3.81
C GLU B 542 15.75 15.67 -3.04
N GLY B 543 16.88 15.92 -3.72
CA GLY B 543 17.94 16.70 -3.13
C GLY B 543 17.70 18.20 -3.12
N TYR B 544 16.66 18.66 -3.81
CA TYR B 544 16.36 20.08 -3.84
C TYR B 544 15.47 20.51 -2.68
N ASN B 545 14.98 19.57 -1.88
CA ASN B 545 14.07 19.89 -0.80
C ASN B 545 14.71 19.58 0.55
N TYR B 546 14.07 20.07 1.62
CA TYR B 546 14.46 19.72 2.97
C TYR B 546 13.33 18.91 3.59
N GLN B 547 13.49 18.60 4.88
CA GLN B 547 12.48 17.87 5.63
C GLN B 547 11.78 18.85 6.58
N VAL B 548 10.54 19.20 6.26
CA VAL B 548 9.74 20.00 7.20
C VAL B 548 9.47 19.20 8.46
N ASP B 549 8.99 17.98 8.29
CA ASP B 549 8.71 17.07 9.39
C ASP B 549 8.77 15.65 8.82
N GLU B 550 8.44 14.67 9.66
CA GLU B 550 8.40 13.30 9.18
C GLU B 550 7.31 13.07 8.15
N LEU B 551 6.45 14.07 7.88
CA LEU B 551 5.30 13.90 7.01
C LEU B 551 5.43 14.57 5.65
N SER B 552 6.31 15.56 5.49
CA SER B 552 6.33 16.35 4.28
C SER B 552 7.73 16.90 4.01
N CYS B 553 7.95 17.31 2.76
CA CYS B 553 9.18 17.95 2.32
C CYS B 553 8.84 19.29 1.68
N GLU B 554 9.83 20.19 1.65
CA GLU B 554 9.65 21.50 1.07
C GLU B 554 11.02 21.98 0.57
N LEU B 555 11.00 22.90 -0.40
CA LEU B 555 12.22 23.42 -1.01
C LEU B 555 12.59 24.74 -0.36
N CYS B 556 13.50 24.68 0.62
CA CYS B 556 14.13 25.91 1.10
C CYS B 556 14.92 26.63 0.02
N PRO B 557 15.70 25.96 -0.84
CA PRO B 557 16.52 26.71 -1.81
C PRO B 557 15.72 27.42 -2.90
N LEU B 558 14.79 28.29 -2.54
CA LEU B 558 14.23 29.19 -3.55
C LEU B 558 15.29 30.19 -3.98
N ASP B 559 16.15 30.61 -3.04
CA ASP B 559 17.34 31.39 -3.35
C ASP B 559 18.51 30.91 -2.48
N GLN B 560 18.54 29.64 -2.10
CA GLN B 560 19.52 29.10 -1.17
C GLN B 560 19.97 27.71 -1.59
N ARG B 561 20.56 26.96 -0.66
CA ARG B 561 20.87 25.55 -0.86
C ARG B 561 20.43 24.76 0.36
N PRO B 562 20.09 23.48 0.19
CA PRO B 562 19.72 22.65 1.33
C PRO B 562 20.93 22.16 2.12
N ASN B 563 20.65 21.77 3.36
CA ASN B 563 21.69 21.24 4.23
C ASN B 563 21.95 19.78 3.85
N MET B 564 23.07 19.24 4.36
CA MET B 564 23.46 17.88 4.01
C MET B 564 22.45 16.85 4.49
N ASN B 565 21.77 17.12 5.62
CA ASN B 565 20.81 16.15 6.14
C ASN B 565 19.46 16.22 5.45
N ARG B 566 19.30 17.06 4.44
CA ARG B 566 18.03 17.24 3.74
C ARG B 566 16.92 17.64 4.70
N THR B 567 17.29 18.39 5.74
CA THR B 567 16.33 18.88 6.72
C THR B 567 16.48 20.38 6.93
N GLY B 568 17.72 20.87 6.91
CA GLY B 568 17.99 22.27 7.14
C GLY B 568 18.16 23.07 5.87
N CYS B 569 18.99 24.12 5.91
CA CYS B 569 19.20 24.99 4.75
C CYS B 569 20.60 25.59 4.89
N GLN B 570 21.49 25.16 4.00
CA GLN B 570 22.91 25.50 4.14
C GLN B 570 23.20 26.86 3.50
N LEU B 571 24.31 27.47 3.92
CA LEU B 571 24.77 28.73 3.34
C LEU B 571 25.31 28.49 1.94
N ILE B 572 25.04 29.44 1.04
CA ILE B 572 25.30 29.22 -0.38
C ILE B 572 26.79 29.45 -0.65
N PRO B 573 27.47 28.53 -1.34
CA PRO B 573 28.85 28.82 -1.76
C PRO B 573 28.89 29.89 -2.82
N ILE B 574 29.99 30.63 -2.84
CA ILE B 574 30.16 31.76 -3.76
C ILE B 574 31.64 31.87 -4.11
N ILE B 575 31.90 32.22 -5.37
CA ILE B 575 33.26 32.38 -5.87
C ILE B 575 33.45 33.83 -6.32
N LYS B 576 34.70 34.18 -6.59
CA LYS B 576 35.05 35.54 -7.00
C LYS B 576 36.38 35.49 -7.74
N LEU B 577 36.97 36.66 -7.97
CA LEU B 577 38.24 36.77 -8.67
C LEU B 577 39.21 37.61 -7.85
N GLU B 578 39.21 37.40 -6.54
CA GLU B 578 40.02 38.17 -5.61
C GLU B 578 41.50 37.77 -5.69
N TRP B 579 42.23 38.38 -6.62
CA TRP B 579 43.68 38.26 -6.73
C TRP B 579 44.13 36.81 -6.93
N HIS B 580 43.22 35.89 -7.23
CA HIS B 580 43.58 34.49 -7.41
C HIS B 580 44.53 34.34 -8.59
N SER B 581 45.46 33.39 -8.44
CA SER B 581 46.50 33.23 -9.45
C SER B 581 45.99 32.88 -10.84
N PRO B 582 45.10 31.90 -11.04
CA PRO B 582 44.66 31.60 -12.40
C PRO B 582 43.93 32.76 -13.04
N TRP B 583 44.20 32.97 -14.33
CA TRP B 583 43.49 33.93 -15.17
C TRP B 583 43.53 35.36 -14.63
N ALA B 584 44.44 35.65 -13.69
CA ALA B 584 44.53 37.00 -13.17
C ALA B 584 45.95 37.52 -12.99
N VAL B 585 46.99 36.68 -13.07
CA VAL B 585 48.36 37.13 -12.85
C VAL B 585 49.04 37.60 -14.13
N VAL B 586 48.66 37.07 -15.30
CA VAL B 586 49.21 37.57 -16.55
C VAL B 586 48.84 39.04 -16.78
N PRO B 587 47.58 39.47 -16.62
CA PRO B 587 47.30 40.90 -16.83
C PRO B 587 48.10 41.83 -15.93
N VAL B 588 48.22 41.51 -14.64
CA VAL B 588 49.01 42.38 -13.77
C VAL B 588 50.49 42.29 -14.12
N PHE B 589 50.95 41.10 -14.56
CA PHE B 589 52.35 40.95 -14.94
C PHE B 589 52.71 41.84 -16.12
N VAL B 590 51.83 41.91 -17.12
CA VAL B 590 52.12 42.79 -18.25
C VAL B 590 51.84 44.26 -17.88
N ALA B 591 50.90 44.51 -16.98
CA ALA B 591 50.60 45.88 -16.57
C ALA B 591 51.78 46.51 -15.85
N ILE B 592 52.46 45.74 -14.99
CA ILE B 592 53.63 46.29 -14.29
C ILE B 592 54.70 46.70 -15.29
N LEU B 593 54.98 45.84 -16.27
CA LEU B 593 55.99 46.16 -17.27
C LEU B 593 55.60 47.38 -18.09
N GLY B 594 54.32 47.46 -18.49
CA GLY B 594 53.87 48.62 -19.23
C GLY B 594 54.00 49.91 -18.43
N ILE B 595 53.65 49.86 -17.15
CA ILE B 595 53.77 51.03 -16.28
C ILE B 595 55.24 51.45 -16.16
N ILE B 596 56.13 50.47 -15.98
CA ILE B 596 57.55 50.80 -15.87
C ILE B 596 58.06 51.45 -17.15
N ALA B 597 57.68 50.89 -18.30
CA ALA B 597 58.15 51.45 -19.57
C ALA B 597 57.63 52.87 -19.78
N THR B 598 56.33 53.10 -19.51
CA THR B 598 55.77 54.43 -19.67
C THR B 598 56.41 55.42 -18.72
N THR B 599 56.65 54.99 -17.47
CA THR B 599 57.31 55.86 -16.50
C THR B 599 58.71 56.23 -16.95
N PHE B 600 59.47 55.26 -17.47
CA PHE B 600 60.80 55.55 -17.96
C PHE B 600 60.77 56.54 -19.11
N VAL B 601 59.84 56.35 -20.05
CA VAL B 601 59.73 57.25 -21.19
C VAL B 601 59.41 58.68 -20.73
N ILE B 602 58.39 58.83 -19.89
CA ILE B 602 57.97 60.16 -19.48
C ILE B 602 59.06 60.82 -18.62
N VAL B 603 59.74 60.06 -17.76
CA VAL B 603 60.80 60.63 -16.94
C VAL B 603 61.97 61.06 -17.82
N THR B 604 62.28 60.29 -18.86
CA THR B 604 63.32 60.72 -19.79
C THR B 604 62.93 62.02 -20.47
N PHE B 605 61.67 62.14 -20.89
CA PHE B 605 61.24 63.37 -21.57
C PHE B 605 61.22 64.58 -20.62
N VAL B 606 60.90 64.36 -19.34
CA VAL B 606 60.70 65.48 -18.42
C VAL B 606 61.95 66.36 -18.35
N ARG B 607 63.11 65.74 -18.13
CA ARG B 607 64.33 66.52 -18.01
C ARG B 607 64.75 67.16 -19.33
N TYR B 608 64.22 66.70 -20.46
CA TYR B 608 64.60 67.16 -21.78
C TYR B 608 63.45 67.85 -22.51
N ASN B 609 62.67 68.66 -21.78
CA ASN B 609 61.54 69.35 -22.39
C ASN B 609 61.98 70.39 -23.42
N ASP B 610 63.23 70.83 -23.39
CA ASP B 610 63.74 71.84 -24.30
C ASP B 610 64.37 71.20 -25.54
N THR B 611 64.50 69.88 -25.57
CA THR B 611 65.22 69.22 -26.64
C THR B 611 64.55 69.49 -27.98
N PRO B 612 65.34 69.76 -29.04
CA PRO B 612 64.72 70.11 -30.34
C PRO B 612 63.76 69.07 -30.87
N ILE B 613 64.04 67.78 -30.71
CA ILE B 613 63.08 66.77 -31.17
C ILE B 613 61.84 66.79 -30.29
N VAL B 614 61.98 67.14 -29.02
CA VAL B 614 60.82 67.31 -28.16
C VAL B 614 59.98 68.48 -28.63
N ARG B 615 60.62 69.59 -28.98
CA ARG B 615 59.89 70.75 -29.50
C ARG B 615 59.19 70.41 -30.80
N ALA B 616 59.85 69.64 -31.68
CA ALA B 616 59.21 69.19 -32.91
C ALA B 616 58.00 68.31 -32.60
N SER B 617 58.12 67.45 -31.58
CA SER B 617 56.98 66.63 -31.17
C SER B 617 55.95 67.45 -30.42
N GLY B 618 56.32 68.64 -29.93
CA GLY B 618 55.43 69.44 -29.12
C GLY B 618 55.77 69.33 -27.66
N ARG B 619 55.95 70.47 -26.98
CA ARG B 619 56.38 70.45 -25.59
C ARG B 619 55.34 69.77 -24.70
N GLU B 620 54.06 70.09 -24.91
CA GLU B 620 53.00 69.49 -24.12
C GLU B 620 52.13 68.54 -24.94
N LEU B 621 52.42 68.38 -26.23
CA LEU B 621 51.66 67.44 -27.05
C LEU B 621 51.85 66.01 -26.55
N SER B 622 53.06 65.68 -26.09
CA SER B 622 53.36 64.31 -25.68
C SER B 622 52.77 64.00 -24.30
N TYR B 623 52.78 64.98 -23.39
CA TYR B 623 52.49 64.70 -21.99
C TYR B 623 51.06 64.20 -21.81
N VAL B 624 50.10 64.83 -22.49
CA VAL B 624 48.71 64.42 -22.37
C VAL B 624 48.54 62.99 -22.86
N LEU B 625 49.17 62.64 -23.98
CA LEU B 625 49.07 61.28 -24.49
C LEU B 625 49.68 60.29 -23.51
N LEU B 626 50.87 60.59 -22.98
CA LEU B 626 51.51 59.67 -22.06
C LEU B 626 50.65 59.47 -20.81
N THR B 627 50.02 60.55 -20.34
CA THR B 627 49.06 60.42 -19.24
C THR B 627 47.89 59.52 -19.64
N GLY B 628 47.43 59.65 -20.89
CA GLY B 628 46.31 58.82 -21.32
C GLY B 628 46.63 57.34 -21.35
N ILE B 629 47.77 56.97 -21.91
CA ILE B 629 48.17 55.56 -21.91
C ILE B 629 48.49 55.09 -20.50
N PHE B 630 49.01 55.98 -19.64
CA PHE B 630 49.20 55.59 -18.25
C PHE B 630 47.86 55.30 -17.57
N LEU B 631 46.83 56.08 -17.92
CA LEU B 631 45.49 55.81 -17.40
C LEU B 631 44.96 54.49 -17.94
N CYS B 632 45.26 54.17 -19.20
CA CYS B 632 44.88 52.87 -19.73
C CYS B 632 45.53 51.74 -18.96
N TYR B 633 46.81 51.89 -18.61
CA TYR B 633 47.48 50.88 -17.79
C TYR B 633 46.86 50.80 -16.40
N SER B 634 46.50 51.94 -15.82
CA SER B 634 45.80 51.94 -14.54
C SER B 634 44.50 51.16 -14.64
N ILE B 635 43.81 51.28 -15.76
CA ILE B 635 42.59 50.51 -15.98
C ILE B 635 42.90 49.02 -16.08
N THR B 636 43.89 48.68 -16.91
CA THR B 636 44.25 47.25 -17.14
C THR B 636 44.71 46.58 -15.84
N PHE B 637 45.22 47.36 -14.89
CA PHE B 637 45.72 46.79 -13.65
C PHE B 637 44.63 46.66 -12.58
N LEU B 638 44.05 47.78 -12.15
CA LEU B 638 43.16 47.77 -10.99
C LEU B 638 41.71 47.58 -11.46
N MET B 639 41.47 46.39 -12.00
CA MET B 639 40.13 46.00 -12.43
C MET B 639 39.97 44.51 -12.16
N ILE B 640 40.88 43.97 -11.36
CA ILE B 640 40.98 42.54 -11.13
C ILE B 640 40.90 42.27 -9.64
N ALA B 641 40.81 43.33 -8.84
CA ALA B 641 40.90 43.18 -7.40
C ALA B 641 39.63 42.60 -6.82
N ALA B 642 38.50 43.33 -6.91
CA ALA B 642 37.27 42.88 -6.27
C ALA B 642 36.06 43.67 -6.76
N PRO B 643 34.92 43.01 -6.91
CA PRO B 643 33.67 43.74 -7.19
C PRO B 643 32.98 44.23 -5.92
N ASP B 644 32.88 45.54 -5.75
CA ASP B 644 32.26 46.13 -4.58
C ASP B 644 31.60 47.44 -4.98
N THR B 645 31.19 48.24 -3.99
CA THR B 645 30.65 49.56 -4.22
C THR B 645 31.66 50.66 -3.93
N ILE B 646 32.93 50.29 -3.75
CA ILE B 646 33.99 51.23 -3.41
C ILE B 646 35.09 51.25 -4.48
N ILE B 647 35.51 50.07 -4.93
CA ILE B 647 36.67 49.98 -5.80
C ILE B 647 36.27 49.91 -7.27
N CYS B 648 35.38 48.98 -7.65
CA CYS B 648 35.00 48.88 -9.05
C CYS B 648 33.87 49.85 -9.38
N SER B 649 33.25 50.44 -8.37
CA SER B 649 32.29 51.51 -8.60
C SER B 649 32.98 52.73 -9.19
N PHE B 650 32.38 53.29 -10.23
CA PHE B 650 32.86 54.51 -10.89
C PHE B 650 34.20 54.27 -11.60
N ARG B 651 34.61 53.02 -11.75
CA ARG B 651 35.85 52.74 -12.45
C ARG B 651 35.70 52.89 -13.96
N ARG B 652 34.48 52.73 -14.49
CA ARG B 652 34.28 52.78 -15.93
C ARG B 652 34.36 54.20 -16.48
N VAL B 653 34.17 55.23 -15.65
CA VAL B 653 34.48 56.58 -16.10
C VAL B 653 35.98 56.70 -16.38
N PHE B 654 36.80 56.04 -15.57
CA PHE B 654 38.23 56.00 -15.85
C PHE B 654 38.54 55.14 -17.07
N LEU B 655 37.83 54.02 -17.23
CA LEU B 655 37.87 53.26 -18.48
C LEU B 655 37.76 54.19 -19.68
N GLY B 656 36.63 54.88 -19.77
CA GLY B 656 36.37 55.75 -20.90
C GLY B 656 37.36 56.90 -21.00
N LEU B 657 37.73 57.47 -19.85
CA LEU B 657 38.65 58.60 -19.84
C LEU B 657 40.00 58.21 -20.44
N GLY B 658 40.56 57.08 -19.98
CA GLY B 658 41.82 56.63 -20.51
C GLY B 658 41.75 56.28 -21.98
N MET B 659 40.67 55.58 -22.39
CA MET B 659 40.56 55.19 -23.79
C MET B 659 40.44 56.41 -24.69
N CYS B 660 39.60 57.38 -24.29
CA CYS B 660 39.42 58.59 -25.08
C CYS B 660 40.71 59.39 -25.17
N PHE B 661 41.43 59.57 -24.05
CA PHE B 661 42.73 60.22 -24.14
C PHE B 661 43.66 59.50 -25.11
N SER B 662 43.86 58.19 -24.90
CA SER B 662 44.86 57.47 -25.67
C SER B 662 44.54 57.43 -27.15
N TYR B 663 43.27 57.51 -27.51
CA TYR B 663 42.88 57.38 -28.91
C TYR B 663 42.28 58.65 -29.50
N ALA B 664 42.34 59.78 -28.79
CA ALA B 664 41.92 61.06 -29.31
C ALA B 664 43.02 62.11 -29.26
N ALA B 665 43.76 62.18 -28.15
CA ALA B 665 44.71 63.29 -27.98
C ALA B 665 45.85 63.20 -28.98
N LEU B 666 46.02 62.05 -29.64
CA LEU B 666 47.00 61.90 -30.70
C LEU B 666 46.86 62.99 -31.77
N PRO B 692 48.97 76.64 -29.35
CA PRO B 692 48.90 76.36 -27.92
C PRO B 692 47.46 76.17 -27.43
N ALA B 693 46.62 77.19 -27.60
CA ALA B 693 45.22 77.07 -27.21
C ALA B 693 44.49 76.01 -28.02
N SER B 694 44.99 75.68 -29.21
CA SER B 694 44.39 74.62 -30.01
C SER B 694 44.43 73.30 -29.25
N GLN B 695 45.58 73.00 -28.63
CA GLN B 695 45.69 71.82 -27.80
C GLN B 695 44.69 71.87 -26.65
N LEU B 696 44.56 73.04 -26.03
CA LEU B 696 43.60 73.23 -24.93
C LEU B 696 42.20 72.81 -25.36
N VAL B 697 41.72 73.36 -26.48
CA VAL B 697 40.35 73.09 -26.89
C VAL B 697 40.20 71.63 -27.34
N ILE B 698 41.12 71.14 -28.18
CA ILE B 698 40.96 69.79 -28.70
C ILE B 698 41.34 68.73 -27.67
N THR B 699 41.73 69.15 -26.47
CA THR B 699 41.96 68.19 -25.40
C THR B 699 40.83 68.23 -24.38
N PHE B 700 40.20 69.41 -24.21
CA PHE B 700 39.20 69.50 -23.14
C PHE B 700 37.78 69.36 -23.65
N SER B 701 37.46 69.86 -24.86
CA SER B 701 36.05 69.92 -25.27
C SER B 701 35.44 68.53 -25.39
N LEU B 702 36.09 67.65 -26.17
CA LEU B 702 35.52 66.33 -26.41
C LEU B 702 35.52 65.48 -25.15
N ILE B 703 36.57 65.59 -24.35
CA ILE B 703 36.61 64.80 -23.12
C ILE B 703 35.55 65.30 -22.14
N SER B 704 35.24 66.61 -22.18
CA SER B 704 34.19 67.13 -21.31
C SER B 704 32.82 66.63 -21.74
N VAL B 705 32.56 66.61 -23.05
CA VAL B 705 31.26 66.13 -23.50
C VAL B 705 31.10 64.64 -23.20
N GLN B 706 32.15 63.85 -23.43
CA GLN B 706 32.04 62.43 -23.10
C GLN B 706 32.01 62.20 -21.60
N LEU B 707 32.65 63.08 -20.83
CA LEU B 707 32.63 62.96 -19.38
C LEU B 707 31.23 63.21 -18.82
N LEU B 708 30.56 64.26 -19.32
CA LEU B 708 29.18 64.48 -18.90
C LEU B 708 28.28 63.35 -19.39
N GLY B 709 28.58 62.80 -20.57
CA GLY B 709 27.81 61.66 -21.05
C GLY B 709 27.91 60.45 -20.13
N VAL B 710 29.14 60.08 -19.76
CA VAL B 710 29.32 58.92 -18.87
C VAL B 710 28.76 59.23 -17.49
N PHE B 711 28.84 60.48 -17.06
CA PHE B 711 28.22 60.90 -15.81
C PHE B 711 26.72 60.71 -15.85
N VAL B 712 26.10 60.92 -17.02
CA VAL B 712 24.66 60.75 -17.15
C VAL B 712 24.25 59.34 -16.78
N TRP B 713 24.91 58.33 -17.35
CA TRP B 713 24.47 56.98 -17.02
C TRP B 713 25.09 56.43 -15.75
N PHE B 714 26.13 57.07 -15.19
CA PHE B 714 26.54 56.71 -13.84
C PHE B 714 25.54 57.22 -12.81
N VAL B 715 24.86 58.32 -13.09
CA VAL B 715 23.81 58.79 -12.18
C VAL B 715 22.52 58.01 -12.41
N VAL B 716 22.08 57.88 -13.66
CA VAL B 716 20.83 57.18 -13.96
C VAL B 716 20.96 55.69 -13.66
N ASP B 717 22.18 55.15 -13.73
CA ASP B 717 22.47 53.75 -13.52
C ASP B 717 23.55 53.63 -12.46
N PRO B 718 23.23 53.84 -11.19
CA PRO B 718 24.24 53.77 -10.14
C PRO B 718 24.72 52.34 -9.96
N PRO B 719 25.95 52.15 -9.50
CA PRO B 719 26.49 50.81 -9.28
C PRO B 719 26.11 50.25 -7.90
N HIS B 720 26.39 48.97 -7.72
CA HIS B 720 26.06 48.23 -6.52
C HIS B 720 26.81 46.90 -6.60
N ILE B 721 26.53 46.01 -5.66
CA ILE B 721 27.07 44.65 -5.67
C ILE B 721 25.96 43.70 -6.06
N ILE B 722 26.29 42.71 -6.88
CA ILE B 722 25.32 41.72 -7.31
C ILE B 722 25.79 40.34 -6.90
N ILE B 723 24.83 39.47 -6.62
CA ILE B 723 25.08 38.06 -6.36
C ILE B 723 24.36 37.31 -7.47
N ASP B 724 25.11 36.54 -8.26
CA ASP B 724 24.65 36.09 -9.57
C ASP B 724 24.26 34.62 -9.57
N TYR B 725 23.58 34.13 -8.53
CA TYR B 725 22.94 32.83 -8.63
C TYR B 725 22.10 32.74 -9.89
N GLY B 726 21.04 33.56 -9.97
CA GLY B 726 20.21 33.69 -11.15
C GLY B 726 19.85 32.37 -11.81
N GLU B 727 20.32 32.18 -13.03
CA GLU B 727 20.12 30.95 -13.77
C GLU B 727 21.25 29.94 -13.55
N GLN B 728 22.26 30.29 -12.76
CA GLN B 728 23.36 29.38 -12.48
C GLN B 728 22.98 28.41 -11.37
N ARG B 729 21.86 27.70 -11.55
CA ARG B 729 21.37 26.76 -10.56
C ARG B 729 21.79 25.35 -10.98
N THR B 730 23.01 24.98 -10.61
CA THR B 730 23.49 23.63 -10.86
C THR B 730 22.64 22.65 -10.08
N LEU B 731 22.34 21.51 -10.71
CA LEU B 731 21.40 20.55 -10.12
C LEU B 731 21.92 20.02 -8.78
N ASP B 732 23.21 19.70 -8.71
CA ASP B 732 23.83 19.31 -7.45
C ASP B 732 24.16 20.56 -6.64
N PRO B 733 23.56 20.75 -5.46
CA PRO B 733 23.86 21.97 -4.69
C PRO B 733 25.33 22.13 -4.33
N GLU B 734 26.03 21.02 -4.08
CA GLU B 734 27.46 21.11 -3.77
C GLU B 734 28.25 21.68 -4.93
N LYS B 735 27.77 21.45 -6.15
CA LYS B 735 28.39 22.02 -7.35
C LYS B 735 27.79 23.35 -7.75
N ALA B 736 26.84 23.88 -6.99
CA ALA B 736 26.13 25.12 -7.33
C ALA B 736 26.69 26.25 -6.48
N ARG B 737 27.69 26.94 -7.01
CA ARG B 737 28.30 28.06 -6.32
C ARG B 737 27.98 29.37 -7.02
N GLY B 738 27.67 30.39 -6.24
CA GLY B 738 27.40 31.72 -6.77
C GLY B 738 28.69 32.46 -7.08
N VAL B 739 28.52 33.74 -7.42
CA VAL B 739 29.65 34.59 -7.81
C VAL B 739 29.29 36.04 -7.51
N LEU B 740 30.31 36.84 -7.24
CA LEU B 740 30.17 38.27 -6.96
C LEU B 740 30.66 39.07 -8.15
N LYS B 741 29.86 40.05 -8.59
CA LYS B 741 30.21 40.88 -9.73
C LYS B 741 29.72 42.31 -9.48
N CYS B 742 30.28 43.23 -10.25
CA CYS B 742 29.86 44.63 -10.17
C CYS B 742 28.52 44.82 -10.85
N ASP B 743 27.73 45.77 -10.35
CA ASP B 743 26.41 46.01 -10.91
C ASP B 743 26.45 46.56 -12.33
N ILE B 744 27.61 47.01 -12.79
CA ILE B 744 27.80 47.38 -14.19
C ILE B 744 27.55 46.13 -15.02
N SER B 745 26.49 46.14 -15.83
CA SER B 745 26.03 44.94 -16.48
C SER B 745 27.02 44.50 -17.57
N ASP B 746 26.69 43.39 -18.23
CA ASP B 746 27.57 42.86 -19.27
C ASP B 746 27.68 43.81 -20.44
N LEU B 747 26.57 44.42 -20.84
CA LEU B 747 26.55 45.37 -21.94
C LEU B 747 26.69 46.82 -21.48
N SER B 748 26.88 47.04 -20.17
CA SER B 748 27.08 48.39 -19.65
C SER B 748 28.55 48.80 -19.59
N LEU B 749 29.47 47.84 -19.52
CA LEU B 749 30.89 48.15 -19.60
C LEU B 749 31.33 48.49 -21.02
N ILE B 750 30.57 48.06 -22.02
CA ILE B 750 30.97 48.25 -23.42
C ILE B 750 30.42 49.53 -24.04
N CYS B 751 29.43 50.17 -23.40
CA CYS B 751 28.77 51.31 -24.01
C CYS B 751 29.73 52.46 -24.28
N SER B 752 30.64 52.71 -23.34
CA SER B 752 31.60 53.80 -23.51
C SER B 752 32.55 53.53 -24.67
N LEU B 753 32.82 52.26 -24.96
CA LEU B 753 33.81 51.91 -25.96
C LEU B 753 33.41 52.39 -27.35
N GLY B 754 32.12 52.26 -27.67
CA GLY B 754 31.67 52.61 -29.03
C GLY B 754 31.93 54.05 -29.39
N TYR B 755 31.59 54.97 -28.48
CA TYR B 755 31.94 56.38 -28.68
C TYR B 755 33.44 56.53 -28.84
N SER B 756 34.21 55.89 -27.94
CA SER B 756 35.66 55.95 -28.04
C SER B 756 36.18 55.25 -29.27
N ILE B 757 35.50 54.20 -29.74
CA ILE B 757 35.93 53.54 -30.97
C ILE B 757 35.78 54.48 -32.16
N LEU B 758 34.61 55.12 -32.29
CA LEU B 758 34.39 56.06 -33.38
C LEU B 758 35.38 57.23 -33.28
N LEU B 759 35.69 57.65 -32.05
CA LEU B 759 36.68 58.70 -31.86
C LEU B 759 38.08 58.22 -32.23
N MET B 760 38.32 56.91 -32.09
CA MET B 760 39.61 56.31 -32.40
C MET B 760 39.83 56.09 -33.89
N VAL B 761 38.75 55.97 -34.68
CA VAL B 761 38.89 55.51 -36.06
C VAL B 761 39.88 56.38 -36.84
N THR B 762 39.54 57.66 -37.04
CA THR B 762 40.39 58.51 -37.88
C THR B 762 40.58 59.90 -37.28
N CYS B 763 39.99 60.15 -36.11
CA CYS B 763 40.04 61.49 -35.52
C CYS B 763 41.47 61.85 -35.11
N THR B 764 42.36 60.87 -35.08
CA THR B 764 43.79 61.11 -34.84
C THR B 764 44.31 62.12 -35.84
N VAL B 765 44.81 63.25 -35.35
CA VAL B 765 45.32 64.31 -36.22
C VAL B 765 46.85 64.33 -36.22
N THR B 776 55.90 64.26 -45.98
CA THR B 776 56.95 65.22 -46.29
C THR B 776 57.64 65.71 -45.03
N PHE B 777 57.03 65.44 -43.87
CA PHE B 777 57.57 65.84 -42.58
C PHE B 777 57.58 64.64 -41.65
N ASN B 778 58.09 64.85 -40.44
CA ASN B 778 58.33 63.76 -39.51
C ASN B 778 57.05 63.40 -38.74
N GLU B 779 57.07 62.22 -38.13
CA GLU B 779 56.06 61.75 -37.19
C GLU B 779 54.75 61.38 -37.88
N ALA B 780 54.63 61.66 -39.18
CA ALA B 780 53.41 61.33 -39.90
C ALA B 780 53.32 59.83 -40.18
N LYS B 781 54.35 59.29 -40.82
CA LYS B 781 54.40 57.85 -41.09
C LYS B 781 54.35 57.01 -39.82
N PRO B 782 55.04 57.37 -38.72
CA PRO B 782 54.82 56.62 -37.46
C PRO B 782 53.38 56.60 -37.00
N ILE B 783 52.65 57.72 -37.13
CA ILE B 783 51.25 57.74 -36.75
C ILE B 783 50.43 56.85 -37.67
N GLY B 784 50.75 56.86 -38.97
CA GLY B 784 50.06 55.96 -39.88
C GLY B 784 50.26 54.50 -39.52
N PHE B 785 51.50 54.12 -39.22
CA PHE B 785 51.76 52.74 -38.79
C PHE B 785 51.03 52.42 -37.50
N THR B 786 51.01 53.36 -36.55
CA THR B 786 50.29 53.15 -35.31
C THR B 786 48.81 52.89 -35.57
N MET B 787 48.21 53.70 -36.45
CA MET B 787 46.80 53.53 -36.78
C MET B 787 46.55 52.17 -37.42
N TYR B 788 47.42 51.75 -38.34
CA TYR B 788 47.25 50.44 -38.97
C TYR B 788 47.32 49.32 -37.94
N THR B 789 48.32 49.39 -37.05
CA THR B 789 48.49 48.36 -36.04
C THR B 789 47.28 48.29 -35.12
N THR B 790 46.78 49.45 -34.69
CA THR B 790 45.60 49.48 -33.82
C THR B 790 44.38 48.91 -34.53
N CYS B 791 44.22 49.24 -35.81
CA CYS B 791 43.09 48.70 -36.57
C CYS B 791 43.15 47.19 -36.64
N ILE B 792 44.33 46.64 -36.93
CA ILE B 792 44.46 45.18 -36.99
C ILE B 792 44.25 44.56 -35.61
N ILE B 793 44.65 45.29 -34.56
CA ILE B 793 44.41 44.80 -33.19
C ILE B 793 42.93 44.67 -32.91
N TRP B 794 42.15 45.70 -33.26
CA TRP B 794 40.73 45.72 -32.94
C TRP B 794 39.86 44.98 -33.95
N LEU B 795 40.42 44.57 -35.10
CA LEU B 795 39.62 43.82 -36.08
C LEU B 795 39.07 42.53 -35.47
N ALA B 796 39.88 41.80 -34.71
CA ALA B 796 39.50 40.51 -34.17
C ALA B 796 38.81 40.60 -32.82
N PHE B 797 38.47 41.80 -32.37
CA PHE B 797 38.02 41.99 -30.99
C PHE B 797 36.67 41.33 -30.71
N ILE B 798 35.79 41.25 -31.71
CA ILE B 798 34.42 40.82 -31.49
C ILE B 798 34.37 39.41 -30.90
N PRO B 799 35.07 38.42 -31.44
CA PRO B 799 35.12 37.13 -30.73
C PRO B 799 36.03 37.17 -29.51
N ILE B 800 37.01 38.07 -29.50
CA ILE B 800 37.88 38.20 -28.33
C ILE B 800 37.09 38.73 -27.14
N PHE B 801 36.34 39.81 -27.35
CA PHE B 801 35.60 40.43 -26.26
C PHE B 801 34.33 39.66 -25.90
N PHE B 802 33.94 38.67 -26.71
CA PHE B 802 32.80 37.82 -26.42
C PHE B 802 33.23 36.37 -26.65
N GLY B 803 33.65 35.71 -25.57
CA GLY B 803 34.03 34.31 -25.65
C GLY B 803 32.86 33.37 -25.91
N THR B 804 31.64 33.93 -25.88
CA THR B 804 30.41 33.15 -26.19
C THR B 804 30.50 31.75 -25.57
N ALA B 805 30.93 31.65 -24.31
CA ALA B 805 31.04 30.36 -23.63
C ALA B 805 30.29 30.35 -22.30
N GLN B 806 30.34 31.44 -21.54
CA GLN B 806 29.69 31.55 -20.25
C GLN B 806 30.25 30.51 -19.28
N SER B 807 29.52 29.40 -19.12
CA SER B 807 29.88 28.34 -18.19
C SER B 807 30.30 28.90 -16.83
N ALA B 808 31.51 28.55 -16.39
CA ALA B 808 32.09 29.12 -15.18
C ALA B 808 33.30 30.00 -15.45
N GLU B 809 33.77 30.06 -16.69
CA GLU B 809 34.96 30.83 -17.03
C GLU B 809 34.61 32.26 -17.43
N LYS B 810 33.31 32.56 -17.51
CA LYS B 810 32.83 33.76 -18.21
C LYS B 810 33.48 35.04 -17.71
N MET B 811 33.45 35.28 -16.40
CA MET B 811 34.06 36.47 -15.84
C MET B 811 35.55 36.48 -16.15
N TYR B 812 36.21 35.34 -15.94
CA TYR B 812 37.65 35.26 -16.13
C TYR B 812 38.03 35.49 -17.59
N ILE B 813 37.37 34.78 -18.51
CA ILE B 813 37.73 34.91 -19.92
C ILE B 813 37.45 36.33 -20.42
N GLN B 814 36.28 36.88 -20.07
CA GLN B 814 35.94 38.21 -20.55
C GLN B 814 36.87 39.27 -19.99
N THR B 815 37.14 39.23 -18.69
CA THR B 815 38.02 40.20 -18.07
C THR B 815 39.43 40.11 -18.65
N THR B 816 39.95 38.88 -18.78
CA THR B 816 41.31 38.71 -19.29
C THR B 816 41.41 39.20 -20.72
N THR B 817 40.42 38.86 -21.56
CA THR B 817 40.46 39.31 -22.95
C THR B 817 40.41 40.82 -23.04
N LEU B 818 39.50 41.45 -22.29
CA LEU B 818 39.39 42.91 -22.34
C LEU B 818 40.68 43.58 -21.89
N THR B 819 41.18 43.18 -20.71
CA THR B 819 42.40 43.81 -20.14
C THR B 819 43.58 43.59 -21.09
N VAL B 820 43.75 42.38 -21.63
CA VAL B 820 44.89 42.09 -22.48
C VAL B 820 44.81 42.87 -23.78
N SER B 821 43.63 42.89 -24.40
CA SER B 821 43.49 43.60 -25.67
C SER B 821 43.73 45.10 -25.50
N MET B 822 43.14 45.69 -24.45
CA MET B 822 43.29 47.13 -24.26
C MET B 822 44.73 47.49 -23.89
N SER B 823 45.35 46.70 -23.02
CA SER B 823 46.74 46.94 -22.65
C SER B 823 47.66 46.81 -23.85
N LEU B 824 47.44 45.81 -24.70
CA LEU B 824 48.30 45.60 -25.86
C LEU B 824 48.12 46.74 -26.88
N SER B 825 46.87 47.17 -27.10
CA SER B 825 46.64 48.27 -28.02
C SER B 825 47.31 49.55 -27.52
N ALA B 826 47.15 49.85 -26.23
CA ALA B 826 47.80 51.04 -25.67
C ALA B 826 49.32 50.92 -25.73
N SER B 827 49.84 49.71 -25.49
CA SER B 827 51.28 49.50 -25.52
C SER B 827 51.85 49.75 -26.92
N VAL B 828 51.20 49.18 -27.94
CA VAL B 828 51.65 49.40 -29.30
C VAL B 828 51.54 50.87 -29.69
N SER B 829 50.41 51.51 -29.32
CA SER B 829 50.20 52.91 -29.67
C SER B 829 51.28 53.80 -29.06
N LEU B 830 51.57 53.60 -27.77
CA LEU B 830 52.65 54.35 -27.15
C LEU B 830 53.99 54.00 -27.77
N GLY B 831 54.22 52.72 -28.02
CA GLY B 831 55.53 52.27 -28.40
C GLY B 831 56.02 52.64 -29.77
N MET B 832 55.17 52.47 -30.78
CA MET B 832 55.62 52.64 -32.16
C MET B 832 55.70 54.13 -32.51
N LEU B 833 55.76 54.97 -31.48
CA LEU B 833 56.01 56.39 -31.66
C LEU B 833 57.05 56.95 -30.69
N TYR B 834 57.09 56.49 -29.44
CA TYR B 834 58.02 57.22 -28.55
C TYR B 834 59.27 56.41 -28.24
N MET B 835 59.19 55.07 -28.13
CA MET B 835 60.39 54.29 -27.76
C MET B 835 61.61 54.80 -28.55
N PRO B 836 61.53 54.93 -29.90
CA PRO B 836 62.67 55.35 -30.71
C PRO B 836 63.24 56.66 -30.21
N LYS B 837 62.47 57.72 -30.32
CA LYS B 837 62.87 59.03 -29.81
C LYS B 837 63.57 58.90 -28.46
N VAL B 838 63.05 58.04 -27.60
CA VAL B 838 63.69 57.80 -26.29
C VAL B 838 65.10 57.26 -26.48
N TYR B 839 65.26 56.32 -27.42
CA TYR B 839 66.56 55.73 -27.68
C TYR B 839 67.55 56.77 -28.17
N ILE B 840 67.09 57.66 -29.06
CA ILE B 840 67.95 58.74 -29.52
C ILE B 840 68.33 59.65 -28.36
N ILE B 841 67.36 59.97 -27.49
CA ILE B 841 67.64 60.87 -26.37
C ILE B 841 68.62 60.27 -25.38
N ILE B 842 68.51 58.97 -25.09
CA ILE B 842 69.26 58.32 -24.02
C ILE B 842 70.60 57.79 -24.52
N PHE B 843 70.60 57.07 -25.64
CA PHE B 843 71.79 56.33 -26.05
C PHE B 843 72.78 57.21 -26.81
N HIS B 844 72.34 57.80 -27.92
CA HIS B 844 73.23 58.57 -28.77
C HIS B 844 72.97 60.06 -28.57
N PRO B 845 73.83 60.78 -27.86
CA PRO B 845 73.51 62.18 -27.53
C PRO B 845 73.78 63.16 -28.65
N GLU B 846 74.72 62.83 -29.54
CA GLU B 846 75.11 63.79 -30.58
C GLU B 846 74.06 63.91 -31.67
N GLN B 847 73.18 62.93 -31.83
CA GLN B 847 72.12 62.99 -32.83
C GLN B 847 70.96 63.82 -32.26
N ASN B 848 71.06 65.13 -32.42
CA ASN B 848 69.99 66.03 -31.91
C ASN B 848 70.02 67.36 -32.69
#